data_7K5H
#
_entry.id   7K5H
#
_cell.length_a   129.500
_cell.length_b   194.495
_cell.length_c   202.952
_cell.angle_alpha   90.000
_cell.angle_beta   90.000
_cell.angle_gamma   90.000
#
_symmetry.space_group_name_H-M   'C 2 2 21'
#
loop_
_entity.id
_entity.type
_entity.pdbx_description
1 polymer Ferroxidase
2 non-polymer 'POTASSIUM ION'
3 non-polymer 'PROTOPORPHYRIN IX CONTAINING FE'
4 non-polymer 4-{[3-(3-chloro-5-hydroxyphenyl)propyl]amino}-1H-isoindole-1,3(2H)-dione
5 water water
#
_entity_poly.entity_id   1
_entity_poly.type   'polypeptide(L)'
_entity_poly.pdbx_seq_one_letter_code
;MKGDKKVIQHLNKILGNELIAINQYFLHSRMWNDWGLKRLGAHEYHESIDEMKHADKLIERILFLEGLPNLQDLGKLLIG
ENTQEMLQCDLNLELKATKDLREAIVHCEQVHDYVSRDLLKDILESEEEHIDYLETQLGLIQKVGLENYLQSHMHEDD
;
_entity_poly.pdbx_strand_id   A,B,C,D,E,F,G,H,I,J,K,L
#
loop_
_chem_comp.id
_chem_comp.type
_chem_comp.name
_chem_comp.formula
HEM non-polymer 'PROTOPORPHYRIN IX CONTAINING FE' 'C34 H32 Fe N4 O4'
K non-polymer 'POTASSIUM ION' 'K 1'
VXV non-polymer 4-{[3-(3-chloro-5-hydroxyphenyl)propyl]amino}-1H-isoindole-1,3(2H)-dione 'C17 H15 Cl N2 O3'
#
# COMPACT_ATOMS: atom_id res chain seq x y z
N MET A 1 -25.41 -41.97 -29.75
CA MET A 1 -25.93 -42.92 -28.73
C MET A 1 -27.44 -42.73 -28.60
N LYS A 2 -28.23 -43.67 -29.06
CA LYS A 2 -29.68 -43.44 -29.12
C LYS A 2 -30.23 -43.18 -27.74
N GLY A 3 -30.82 -42.01 -27.56
CA GLY A 3 -31.44 -41.67 -26.29
C GLY A 3 -32.88 -42.14 -26.15
N ASP A 4 -33.37 -42.02 -24.92
CA ASP A 4 -34.78 -42.24 -24.62
C ASP A 4 -35.64 -41.21 -25.35
N LYS A 5 -36.71 -41.67 -26.00
CA LYS A 5 -37.52 -40.77 -26.80
C LYS A 5 -38.16 -39.67 -25.96
N LYS A 6 -38.68 -40.01 -24.79
CA LYS A 6 -39.34 -38.99 -23.99
C LYS A 6 -38.33 -38.01 -23.39
N VAL A 7 -37.11 -38.46 -23.03
CA VAL A 7 -36.04 -37.51 -22.69
C VAL A 7 -35.86 -36.50 -23.80
N ILE A 8 -35.71 -36.99 -25.03
CA ILE A 8 -35.48 -36.06 -26.15
C ILE A 8 -36.64 -35.09 -26.28
N GLN A 9 -37.88 -35.59 -26.14
CA GLN A 9 -39.03 -34.68 -26.16
C GLN A 9 -38.95 -33.64 -25.05
N HIS A 10 -38.57 -34.05 -23.84
CA HIS A 10 -38.38 -33.08 -22.77
C HIS A 10 -37.29 -32.07 -23.14
N LEU A 11 -36.15 -32.56 -23.62
CA LEU A 11 -35.07 -31.63 -23.96
C LEU A 11 -35.53 -30.64 -25.00
N ASN A 12 -36.35 -31.09 -25.99
CA ASN A 12 -36.87 -30.16 -27.00
C ASN A 12 -37.86 -29.16 -26.40
N LYS A 13 -38.63 -29.56 -25.39
CA LYS A 13 -39.52 -28.61 -24.74
C LYS A 13 -38.71 -27.53 -24.02
N ILE A 14 -37.69 -27.94 -23.29
CA ILE A 14 -36.80 -26.98 -22.62
C ILE A 14 -36.17 -26.06 -23.65
N LEU A 15 -35.66 -26.64 -24.74
CA LEU A 15 -35.08 -25.84 -25.82
C LEU A 15 -36.09 -24.81 -26.33
N GLY A 16 -37.34 -25.24 -26.51
CA GLY A 16 -38.37 -24.31 -26.93
C GLY A 16 -38.53 -23.13 -25.99
N ASN A 17 -38.51 -23.39 -24.69
CA ASN A 17 -38.56 -22.30 -23.71
C ASN A 17 -37.35 -21.38 -23.86
N GLU A 18 -36.17 -21.95 -24.06
CA GLU A 18 -34.96 -21.12 -24.22
C GLU A 18 -35.03 -20.25 -25.46
N LEU A 19 -35.59 -20.77 -26.56
CA LEU A 19 -35.69 -19.97 -27.78
C LEU A 19 -36.62 -18.77 -27.56
N ILE A 20 -37.72 -18.97 -26.84
CA ILE A 20 -38.56 -17.84 -26.46
C ILE A 20 -37.74 -16.85 -25.62
N ALA A 21 -37.04 -17.37 -24.60
CA ALA A 21 -36.30 -16.51 -23.67
C ALA A 21 -35.23 -15.71 -24.40
N ILE A 22 -34.48 -16.35 -25.30
CA ILE A 22 -33.47 -15.64 -26.09
C ILE A 22 -34.08 -14.38 -26.71
N ASN A 23 -35.18 -14.54 -27.45
CA ASN A 23 -35.74 -13.41 -28.18
C ASN A 23 -36.39 -12.39 -27.27
N GLN A 24 -37.11 -12.86 -26.26
CA GLN A 24 -37.77 -11.96 -25.34
C GLN A 24 -36.74 -11.11 -24.59
N TYR A 25 -35.68 -11.74 -24.09
CA TYR A 25 -34.65 -10.97 -23.38
C TYR A 25 -33.90 -10.06 -24.35
N PHE A 26 -33.60 -10.54 -25.56
CA PHE A 26 -32.89 -9.66 -26.50
C PHE A 26 -33.72 -8.43 -26.85
N LEU A 27 -35.02 -8.61 -27.11
CA LEU A 27 -35.86 -7.45 -27.40
C LEU A 27 -35.95 -6.51 -26.19
N HIS A 28 -36.14 -7.07 -24.98
CA HIS A 28 -36.20 -6.23 -23.80
C HIS A 28 -34.90 -5.44 -23.64
N SER A 29 -33.77 -6.09 -23.88
CA SER A 29 -32.48 -5.43 -23.80
C SER A 29 -32.44 -4.23 -24.72
N ARG A 30 -32.79 -4.44 -25.98
CA ARG A 30 -32.69 -3.37 -26.94
C ARG A 30 -33.75 -2.29 -26.70
N MET A 31 -34.89 -2.67 -26.14
CA MET A 31 -35.86 -1.65 -25.75
C MET A 31 -35.29 -0.76 -24.63
N TRP A 32 -34.72 -1.38 -23.61
CA TRP A 32 -34.12 -0.58 -22.54
C TRP A 32 -33.01 0.31 -23.07
N ASN A 33 -32.13 -0.23 -23.94
CA ASN A 33 -31.08 0.59 -24.53
C ASN A 33 -31.67 1.77 -25.29
N ASP A 34 -32.70 1.51 -26.08
CA ASP A 34 -33.34 2.59 -26.85
C ASP A 34 -33.86 3.66 -25.92
N TRP A 35 -34.36 3.28 -24.74
CA TRP A 35 -34.89 4.23 -23.78
C TRP A 35 -33.84 4.92 -22.93
N GLY A 36 -32.57 4.57 -23.08
CA GLY A 36 -31.53 5.21 -22.29
C GLY A 36 -31.21 4.53 -20.97
N LEU A 37 -31.75 3.33 -20.75
CA LEU A 37 -31.54 2.56 -19.52
C LEU A 37 -30.53 1.45 -19.80
N LYS A 38 -29.29 1.89 -20.02
CA LYS A 38 -28.28 1.02 -20.60
C LYS A 38 -27.77 -0.02 -19.63
N ARG A 39 -27.90 0.22 -18.31
CA ARG A 39 -27.51 -0.81 -17.36
C ARG A 39 -28.50 -1.97 -17.37
N LEU A 40 -29.79 -1.67 -17.42
CA LEU A 40 -30.80 -2.71 -17.65
C LEU A 40 -30.57 -3.38 -19.00
N GLY A 41 -30.33 -2.58 -20.04
CA GLY A 41 -30.11 -3.17 -21.34
C GLY A 41 -28.94 -4.13 -21.34
N ALA A 42 -27.86 -3.76 -20.68
CA ALA A 42 -26.67 -4.62 -20.65
C ALA A 42 -26.93 -5.89 -19.85
N HIS A 43 -27.58 -5.79 -18.69
CA HIS A 43 -27.86 -6.98 -17.90
C HIS A 43 -28.79 -7.94 -18.64
N GLU A 44 -29.83 -7.41 -19.28
CA GLU A 44 -30.75 -8.24 -20.03
C GLU A 44 -30.08 -8.88 -21.24
N TYR A 45 -29.16 -8.15 -21.86
CA TYR A 45 -28.37 -8.73 -22.95
C TYR A 45 -27.59 -9.94 -22.45
N HIS A 46 -26.94 -9.81 -21.30
CA HIS A 46 -26.22 -10.96 -20.76
C HIS A 46 -27.16 -12.10 -20.39
N GLU A 47 -28.38 -11.81 -19.92
CA GLU A 47 -29.37 -12.87 -19.73
C GLU A 47 -29.69 -13.57 -21.05
N SER A 48 -29.84 -12.80 -22.13
CA SER A 48 -30.09 -13.41 -23.44
C SER A 48 -28.95 -14.32 -23.85
N ILE A 49 -27.71 -13.84 -23.70
CA ILE A 49 -26.54 -14.65 -24.01
C ILE A 49 -26.54 -15.94 -23.18
N ASP A 50 -26.84 -15.84 -21.87
CA ASP A 50 -26.94 -17.05 -21.04
C ASP A 50 -27.87 -18.08 -21.68
N GLU A 51 -29.04 -17.63 -22.13
CA GLU A 51 -30.01 -18.58 -22.69
C GLU A 51 -29.52 -19.13 -24.02
N MET A 52 -28.80 -18.32 -24.80
CA MET A 52 -28.18 -18.84 -26.00
C MET A 52 -27.22 -19.97 -25.68
N LYS A 53 -26.40 -19.81 -24.65
CA LYS A 53 -25.47 -20.87 -24.28
C LYS A 53 -26.20 -22.12 -23.78
N HIS A 54 -27.26 -21.96 -22.99
CA HIS A 54 -28.09 -23.11 -22.60
C HIS A 54 -28.66 -23.81 -23.84
N ALA A 55 -29.24 -23.03 -24.76
CA ALA A 55 -29.80 -23.62 -26.00
C ALA A 55 -28.75 -24.41 -26.76
N ASP A 56 -27.52 -23.88 -26.84
CA ASP A 56 -26.43 -24.58 -27.52
C ASP A 56 -26.16 -25.94 -26.89
N LYS A 57 -26.06 -25.99 -25.56
CA LYS A 57 -25.82 -27.26 -24.89
C LYS A 57 -26.96 -28.25 -25.10
N LEU A 58 -28.20 -27.76 -25.08
CA LEU A 58 -29.35 -28.63 -25.34
C LEU A 58 -29.31 -29.20 -26.75
N ILE A 59 -29.02 -28.35 -27.73
CA ILE A 59 -28.92 -28.78 -29.13
C ILE A 59 -27.87 -29.88 -29.26
N GLU A 60 -26.70 -29.65 -28.64
CA GLU A 60 -25.61 -30.62 -28.68
C GLU A 60 -25.98 -31.93 -28.02
N ARG A 61 -26.64 -31.87 -26.88
CA ARG A 61 -27.09 -33.08 -26.20
C ARG A 61 -28.11 -33.84 -27.04
N ILE A 62 -29.08 -33.12 -27.63
CA ILE A 62 -30.11 -33.78 -28.43
C ILE A 62 -29.49 -34.46 -29.63
N LEU A 63 -28.54 -33.81 -30.28
CA LEU A 63 -27.88 -34.44 -31.42
C LEU A 63 -27.10 -35.67 -31.00
N PHE A 64 -26.41 -35.60 -29.86
CA PHE A 64 -25.66 -36.75 -29.39
C PHE A 64 -26.57 -37.94 -29.13
N LEU A 65 -27.77 -37.67 -28.61
CA LEU A 65 -28.80 -38.68 -28.34
C LEU A 65 -29.54 -39.09 -29.61
N GLU A 66 -29.15 -38.56 -30.76
CA GLU A 66 -29.67 -38.94 -32.08
C GLU A 66 -31.12 -38.51 -32.25
N GLY A 67 -31.48 -37.39 -31.63
CA GLY A 67 -32.72 -36.72 -31.91
C GLY A 67 -32.52 -35.51 -32.81
N LEU A 68 -33.64 -34.89 -33.16
CA LEU A 68 -33.64 -33.70 -33.98
C LEU A 68 -33.99 -32.49 -33.12
N PRO A 69 -33.07 -31.55 -32.92
CA PRO A 69 -33.39 -30.35 -32.14
C PRO A 69 -34.42 -29.49 -32.85
N ASN A 70 -35.44 -29.05 -32.12
CA ASN A 70 -36.53 -28.26 -32.71
C ASN A 70 -36.20 -26.78 -32.56
N LEU A 71 -35.64 -26.18 -33.61
CA LEU A 71 -35.45 -24.74 -33.66
C LEU A 71 -36.50 -24.06 -34.52
N GLN A 72 -37.53 -24.79 -34.93
CA GLN A 72 -38.53 -24.26 -35.85
C GLN A 72 -39.74 -23.63 -35.14
N ASP A 73 -40.16 -24.19 -34.02
CA ASP A 73 -41.39 -23.76 -33.35
C ASP A 73 -41.04 -22.77 -32.25
N LEU A 74 -41.55 -21.55 -32.39
CA LEU A 74 -41.32 -20.50 -31.42
C LEU A 74 -42.65 -20.18 -30.75
N GLY A 75 -42.71 -20.38 -29.44
CA GLY A 75 -43.87 -20.01 -28.64
C GLY A 75 -44.00 -18.50 -28.44
N LYS A 76 -45.01 -18.14 -27.65
CA LYS A 76 -45.39 -16.74 -27.51
C LYS A 76 -44.37 -15.98 -26.65
N LEU A 77 -43.82 -14.89 -27.21
CA LEU A 77 -43.00 -13.94 -26.47
C LEU A 77 -43.89 -13.08 -25.58
N LEU A 78 -43.43 -12.83 -24.37
CA LEU A 78 -44.13 -11.97 -23.42
C LEU A 78 -43.35 -10.67 -23.33
N ILE A 79 -43.81 -9.63 -24.02
CA ILE A 79 -42.98 -8.43 -24.13
C ILE A 79 -43.30 -7.36 -23.10
N GLY A 80 -44.51 -6.82 -23.09
CA GLY A 80 -44.79 -5.82 -22.08
C GLY A 80 -44.24 -4.44 -22.44
N GLU A 81 -44.81 -3.43 -21.79
CA GLU A 81 -44.78 -2.06 -22.29
C GLU A 81 -44.01 -1.09 -21.42
N ASN A 82 -43.55 -1.54 -20.25
CA ASN A 82 -42.75 -0.68 -19.40
C ASN A 82 -41.84 -1.59 -18.57
N THR A 83 -40.92 -0.95 -17.85
CA THR A 83 -39.89 -1.72 -17.18
C THR A 83 -40.47 -2.77 -16.24
N GLN A 84 -41.39 -2.35 -15.37
CA GLN A 84 -41.97 -3.29 -14.40
C GLN A 84 -42.64 -4.46 -15.10
N GLU A 85 -43.43 -4.18 -16.14
CA GLU A 85 -44.06 -5.26 -16.88
C GLU A 85 -43.03 -6.16 -17.57
N MET A 86 -41.99 -5.56 -18.13
CA MET A 86 -40.98 -6.36 -18.84
C MET A 86 -40.29 -7.33 -17.89
N LEU A 87 -39.94 -6.85 -16.70
CA LEU A 87 -39.37 -7.71 -15.67
C LEU A 87 -40.35 -8.81 -15.27
N GLN A 88 -41.63 -8.45 -15.10
CA GLN A 88 -42.60 -9.47 -14.71
C GLN A 88 -42.81 -10.50 -15.80
N CYS A 89 -42.80 -10.06 -17.08
CA CYS A 89 -42.90 -11.01 -18.18
C CYS A 89 -41.71 -11.96 -18.21
N ASP A 90 -40.52 -11.45 -17.96
CA ASP A 90 -39.35 -12.32 -17.80
C ASP A 90 -39.55 -13.29 -16.65
N LEU A 91 -40.08 -12.81 -15.52
CA LEU A 91 -40.25 -13.70 -14.36
C LEU A 91 -41.30 -14.79 -14.66
N ASN A 92 -42.39 -14.43 -15.32
CA ASN A 92 -43.41 -15.43 -15.67
C ASN A 92 -42.84 -16.52 -16.58
N LEU A 93 -42.03 -16.12 -17.57
CA LEU A 93 -41.37 -17.09 -18.44
C LEU A 93 -40.45 -18.00 -17.65
N GLU A 94 -39.66 -17.42 -16.75
CA GLU A 94 -38.72 -18.20 -15.95
C GLU A 94 -39.44 -19.23 -15.09
N LEU A 95 -40.57 -18.86 -14.51
CA LEU A 95 -41.28 -19.81 -13.65
C LEU A 95 -41.86 -20.96 -14.46
N LYS A 96 -42.27 -20.71 -15.70
CA LYS A 96 -42.70 -21.80 -16.56
C LYS A 96 -41.51 -22.67 -16.94
N ALA A 97 -40.38 -22.02 -17.22
CA ALA A 97 -39.16 -22.75 -17.57
C ALA A 97 -38.70 -23.68 -16.44
N THR A 98 -38.72 -23.20 -15.19
CA THR A 98 -38.25 -24.06 -14.11
C THR A 98 -39.22 -25.19 -13.83
N LYS A 99 -40.53 -24.95 -13.93
CA LYS A 99 -41.48 -26.06 -13.90
C LYS A 99 -41.14 -27.11 -14.94
N ASP A 100 -40.91 -26.69 -16.18
CA ASP A 100 -40.56 -27.64 -17.23
C ASP A 100 -39.25 -28.36 -16.94
N LEU A 101 -38.25 -27.65 -16.38
CA LEU A 101 -37.00 -28.29 -16.03
C LEU A 101 -37.18 -29.39 -14.98
N ARG A 102 -38.03 -29.12 -13.98
CA ARG A 102 -38.25 -30.09 -12.91
C ARG A 102 -38.90 -31.35 -13.44
N GLU A 103 -39.94 -31.22 -14.26
CA GLU A 103 -40.57 -32.40 -14.86
C GLU A 103 -39.59 -33.18 -15.73
N ALA A 104 -38.74 -32.49 -16.47
CA ALA A 104 -37.77 -33.16 -17.31
C ALA A 104 -36.76 -33.94 -16.47
N ILE A 105 -36.33 -33.36 -15.34
CA ILE A 105 -35.37 -34.04 -14.47
C ILE A 105 -35.99 -35.31 -13.88
N VAL A 106 -37.26 -35.23 -13.45
CA VAL A 106 -37.94 -36.43 -12.95
C VAL A 106 -37.85 -37.56 -13.96
N HIS A 107 -38.12 -37.24 -15.23
CA HIS A 107 -38.11 -38.28 -16.24
C HIS A 107 -36.69 -38.79 -16.52
N CYS A 108 -35.71 -37.90 -16.62
CA CYS A 108 -34.33 -38.35 -16.80
C CYS A 108 -33.92 -39.32 -15.69
N GLU A 109 -34.30 -39.01 -14.46
CA GLU A 109 -33.98 -39.86 -13.33
C GLU A 109 -34.62 -41.23 -13.48
N GLN A 110 -35.88 -41.26 -13.87
CA GLN A 110 -36.59 -42.52 -14.00
C GLN A 110 -35.96 -43.44 -15.03
N VAL A 111 -35.49 -42.89 -16.15
CA VAL A 111 -34.88 -43.73 -17.19
C VAL A 111 -33.35 -43.77 -17.10
N HIS A 112 -32.77 -43.22 -16.03
CA HIS A 112 -31.33 -43.33 -15.72
C HIS A 112 -30.45 -42.55 -16.69
N ASP A 113 -30.98 -41.49 -17.30
CA ASP A 113 -30.17 -40.60 -18.13
C ASP A 113 -29.58 -39.53 -17.19
N TYR A 114 -28.59 -39.97 -16.42
CA TYR A 114 -28.04 -39.10 -15.38
C TYR A 114 -27.26 -37.92 -15.95
N VAL A 115 -26.70 -38.06 -17.15
CA VAL A 115 -25.97 -36.93 -17.73
C VAL A 115 -26.92 -35.86 -18.20
N SER A 116 -28.03 -36.24 -18.84
CA SER A 116 -29.03 -35.24 -19.19
C SER A 116 -29.57 -34.56 -17.95
N ARG A 117 -29.79 -35.32 -16.88
CA ARG A 117 -30.25 -34.73 -15.64
C ARG A 117 -29.27 -33.67 -15.14
N ASP A 118 -27.97 -33.98 -15.15
CA ASP A 118 -26.95 -33.04 -14.68
C ASP A 118 -26.96 -31.76 -15.50
N LEU A 119 -27.13 -31.88 -16.83
CA LEU A 119 -27.21 -30.69 -17.67
C LEU A 119 -28.41 -29.82 -17.33
N LEU A 120 -29.58 -30.45 -17.19
CA LEU A 120 -30.78 -29.71 -16.80
C LEU A 120 -30.65 -29.10 -15.40
N LYS A 121 -29.99 -29.80 -14.48
CA LYS A 121 -29.79 -29.24 -13.15
C LYS A 121 -28.95 -27.97 -13.21
N ASP A 122 -27.86 -28.01 -14.01
CA ASP A 122 -27.05 -26.81 -14.22
C ASP A 122 -27.87 -25.68 -14.83
N ILE A 123 -28.70 -25.98 -15.85
CA ILE A 123 -29.56 -24.95 -16.42
C ILE A 123 -30.55 -24.44 -15.37
N LEU A 124 -31.14 -25.35 -14.58
CA LEU A 124 -32.06 -24.95 -13.51
C LEU A 124 -31.38 -24.01 -12.50
N GLU A 125 -30.13 -24.30 -12.16
CA GLU A 125 -29.37 -23.39 -11.30
C GLU A 125 -29.27 -22.01 -11.91
N SER A 126 -28.97 -21.92 -13.22
CA SER A 126 -28.91 -20.64 -13.90
CA SER A 126 -28.91 -20.63 -13.89
C SER A 126 -30.26 -19.93 -13.86
N GLU A 127 -31.34 -20.66 -14.16
CA GLU A 127 -32.65 -20.03 -14.16
C GLU A 127 -33.06 -19.55 -12.77
N GLU A 128 -32.75 -20.31 -11.72
CA GLU A 128 -33.08 -19.83 -10.38
C GLU A 128 -32.28 -18.58 -10.03
N GLU A 129 -31.04 -18.47 -10.54
CA GLU A 129 -30.31 -17.21 -10.37
C GLU A 129 -31.00 -16.06 -11.09
N HIS A 130 -31.53 -16.31 -12.30
CA HIS A 130 -32.29 -15.27 -13.00
C HIS A 130 -33.52 -14.85 -12.20
N ILE A 131 -34.24 -15.84 -11.65
CA ILE A 131 -35.42 -15.55 -10.85
C ILE A 131 -35.05 -14.68 -9.67
N ASP A 132 -33.93 -15.01 -9.01
CA ASP A 132 -33.45 -14.18 -7.92
C ASP A 132 -33.27 -12.74 -8.38
N TYR A 133 -32.51 -12.55 -9.47
CA TYR A 133 -32.30 -11.22 -10.03
C TYR A 133 -33.62 -10.49 -10.27
N LEU A 134 -34.57 -11.15 -10.93
CA LEU A 134 -35.82 -10.50 -11.32
C LEU A 134 -36.66 -10.13 -10.10
N GLU A 135 -36.81 -11.07 -9.16
CA GLU A 135 -37.56 -10.80 -7.94
C GLU A 135 -36.93 -9.63 -7.19
N THR A 136 -35.61 -9.59 -7.16
CA THR A 136 -34.90 -8.52 -6.48
C THR A 136 -35.13 -7.18 -7.15
N GLN A 137 -35.12 -7.14 -8.48
CA GLN A 137 -35.38 -5.89 -9.20
C GLN A 137 -36.78 -5.39 -8.91
N LEU A 138 -37.76 -6.30 -8.94
CA LEU A 138 -39.13 -5.92 -8.63
C LEU A 138 -39.23 -5.42 -7.20
N GLY A 139 -38.52 -6.07 -6.27
CA GLY A 139 -38.50 -5.57 -4.90
C GLY A 139 -37.86 -4.20 -4.78
N LEU A 140 -36.79 -3.95 -5.53
CA LEU A 140 -36.11 -2.65 -5.44
C LEU A 140 -36.99 -1.53 -5.95
N ILE A 141 -37.77 -1.81 -6.99
CA ILE A 141 -38.69 -0.78 -7.50
C ILE A 141 -39.62 -0.35 -6.39
N GLN A 142 -40.10 -1.30 -5.59
CA GLN A 142 -40.97 -0.96 -4.45
C GLN A 142 -40.24 -0.15 -3.40
N LYS A 143 -38.97 -0.49 -3.12
CA LYS A 143 -38.23 0.11 -2.02
C LYS A 143 -37.66 1.48 -2.38
N VAL A 144 -37.12 1.65 -3.58
CA VAL A 144 -36.51 2.94 -3.92
C VAL A 144 -37.40 3.79 -4.81
N GLY A 145 -38.50 3.24 -5.30
CA GLY A 145 -39.40 3.91 -6.25
C GLY A 145 -38.91 3.75 -7.68
N LEU A 146 -39.85 3.75 -8.62
CA LEU A 146 -39.52 3.50 -10.01
C LEU A 146 -38.55 4.54 -10.57
N GLU A 147 -38.77 5.81 -10.26
CA GLU A 147 -37.92 6.86 -10.83
C GLU A 147 -36.45 6.71 -10.39
N ASN A 148 -36.24 6.46 -9.10
CA ASN A 148 -34.87 6.16 -8.64
C ASN A 148 -34.35 4.88 -9.25
N TYR A 149 -35.19 3.84 -9.33
CA TYR A 149 -34.72 2.58 -9.89
C TYR A 149 -34.22 2.80 -11.31
N LEU A 150 -35.00 3.49 -12.14
CA LEU A 150 -34.60 3.71 -13.52
C LEU A 150 -33.38 4.62 -13.57
N GLN A 151 -33.33 5.64 -12.71
CA GLN A 151 -32.16 6.51 -12.63
C GLN A 151 -30.90 5.69 -12.44
N SER A 152 -30.94 4.74 -11.51
CA SER A 152 -29.77 3.91 -11.23
C SER A 152 -29.43 2.94 -12.35
N HIS A 153 -30.26 2.85 -13.39
CA HIS A 153 -29.99 1.93 -14.49
C HIS A 153 -29.77 2.66 -15.80
N MET A 154 -29.50 3.97 -15.75
CA MET A 154 -29.24 4.74 -16.96
C MET A 154 -27.84 4.45 -17.50
N HIS A 155 -26.84 4.42 -16.62
CA HIS A 155 -25.45 4.29 -17.01
C HIS A 155 -24.93 2.91 -16.62
N GLU A 156 -24.03 2.35 -17.44
CA GLU A 156 -23.47 1.03 -17.15
C GLU A 156 -22.48 1.11 -15.99
N MET B 1 -38.36 -16.56 -4.23
CA MET B 1 -39.09 -17.74 -4.81
C MET B 1 -39.63 -18.60 -3.66
N LYS B 2 -40.93 -18.86 -3.60
CA LYS B 2 -41.49 -19.55 -2.44
C LYS B 2 -41.04 -21.00 -2.42
N GLY B 3 -40.28 -21.36 -1.38
CA GLY B 3 -39.80 -22.71 -1.25
C GLY B 3 -40.76 -23.62 -0.50
N ASP B 4 -40.42 -24.91 -0.54
CA ASP B 4 -41.12 -25.92 0.25
C ASP B 4 -40.83 -25.72 1.72
N LYS B 5 -41.88 -25.64 2.54
CA LYS B 5 -41.69 -25.35 3.95
C LYS B 5 -40.82 -26.40 4.62
N LYS B 6 -41.02 -27.67 4.26
CA LYS B 6 -40.22 -28.69 4.91
C LYS B 6 -38.76 -28.64 4.42
N VAL B 7 -38.53 -28.30 3.15
CA VAL B 7 -37.15 -28.06 2.71
C VAL B 7 -36.50 -26.98 3.58
N ILE B 8 -37.17 -25.84 3.74
CA ILE B 8 -36.62 -24.76 4.57
C ILE B 8 -36.33 -25.25 5.98
N GLN B 9 -37.22 -26.07 6.54
CA GLN B 9 -36.97 -26.62 7.86
C GLN B 9 -35.73 -27.52 7.87
N HIS B 10 -35.55 -28.35 6.83
CA HIS B 10 -34.34 -29.16 6.73
C HIS B 10 -33.10 -28.27 6.64
N LEU B 11 -33.17 -27.23 5.81
CA LEU B 11 -32.02 -26.32 5.63
C LEU B 11 -31.67 -25.63 6.95
N ASN B 12 -32.68 -25.24 7.72
CA ASN B 12 -32.43 -24.64 9.01
C ASN B 12 -31.84 -25.65 9.99
N LYS B 13 -32.20 -26.92 9.88
CA LYS B 13 -31.57 -27.91 10.73
C LYS B 13 -30.10 -28.11 10.36
N ILE B 14 -29.80 -28.19 9.06
CA ILE B 14 -28.40 -28.27 8.60
C ILE B 14 -27.64 -27.04 9.09
N LEU B 15 -28.22 -25.86 8.92
CA LEU B 15 -27.58 -24.62 9.38
C LEU B 15 -27.30 -24.70 10.88
N GLY B 16 -28.28 -25.17 11.65
CA GLY B 16 -28.07 -25.36 13.07
C GLY B 16 -26.85 -26.21 13.35
N ASN B 17 -26.68 -27.30 12.59
CA ASN B 17 -25.49 -28.14 12.78
C ASN B 17 -24.22 -27.38 12.45
N GLU B 18 -24.28 -26.56 11.40
CA GLU B 18 -23.09 -25.81 11.00
C GLU B 18 -22.71 -24.82 12.07
N LEU B 19 -23.69 -24.19 12.71
CA LEU B 19 -23.36 -23.20 13.73
C LEU B 19 -22.62 -23.84 14.89
N ILE B 20 -23.05 -25.05 15.29
CA ILE B 20 -22.32 -25.81 16.31
C ILE B 20 -20.89 -26.05 15.85
N ALA B 21 -20.75 -26.53 14.60
CA ALA B 21 -19.45 -26.92 14.10
C ALA B 21 -18.51 -25.72 14.01
N ILE B 22 -19.00 -24.57 13.56
CA ILE B 22 -18.18 -23.36 13.52
C ILE B 22 -17.53 -23.11 14.87
N ASN B 23 -18.33 -23.12 15.93
CA ASN B 23 -17.85 -22.75 17.26
C ASN B 23 -16.98 -23.85 17.86
N GLN B 24 -17.41 -25.09 17.70
CA GLN B 24 -16.63 -26.22 18.19
C GLN B 24 -15.26 -26.26 17.55
N TYR B 25 -15.20 -26.15 16.22
CA TYR B 25 -13.91 -26.19 15.54
C TYR B 25 -13.09 -24.96 15.89
N PHE B 26 -13.73 -23.80 16.01
CA PHE B 26 -12.94 -22.62 16.32
C PHE B 26 -12.32 -22.71 17.70
N LEU B 27 -13.08 -23.18 18.69
CA LEU B 27 -12.53 -23.34 20.04
C LEU B 27 -11.41 -24.39 20.06
N HIS B 28 -11.64 -25.53 19.40
CA HIS B 28 -10.60 -26.55 19.29
C HIS B 28 -9.32 -25.98 18.68
N SER B 29 -9.46 -25.22 17.59
CA SER B 29 -8.32 -24.58 16.94
C SER B 29 -7.53 -23.73 17.94
N ARG B 30 -8.24 -22.89 18.68
CA ARG B 30 -7.56 -21.97 19.58
C ARG B 30 -7.00 -22.68 20.81
N MET B 31 -7.65 -23.76 21.24
CA MET B 31 -7.07 -24.60 22.28
C MET B 31 -5.76 -25.22 21.81
N TRP B 32 -5.77 -25.80 20.61
CA TRP B 32 -4.54 -26.41 20.10
C TRP B 32 -3.46 -25.36 19.94
N ASN B 33 -3.80 -24.16 19.45
CA ASN B 33 -2.77 -23.13 19.33
C ASN B 33 -2.22 -22.73 20.69
N ASP B 34 -3.09 -22.60 21.68
CA ASP B 34 -2.66 -22.23 23.01
C ASP B 34 -1.68 -23.27 23.57
N TRP B 35 -1.88 -24.55 23.23
CA TRP B 35 -1.03 -25.63 23.70
C TRP B 35 0.23 -25.80 22.87
N GLY B 36 0.44 -24.98 21.85
CA GLY B 36 1.60 -25.10 21.00
C GLY B 36 1.50 -26.13 19.88
N LEU B 37 0.31 -26.65 19.60
CA LEU B 37 0.09 -27.63 18.54
C LEU B 37 -0.48 -26.90 17.32
N LYS B 38 0.39 -26.07 16.74
CA LYS B 38 -0.03 -25.06 15.78
C LYS B 38 -0.48 -25.67 14.45
N ARG B 39 0.03 -26.84 14.07
CA ARG B 39 -0.44 -27.48 12.86
C ARG B 39 -1.88 -27.96 13.01
N LEU B 40 -2.20 -28.55 14.15
CA LEU B 40 -3.60 -28.88 14.44
C LEU B 40 -4.44 -27.63 14.52
N GLY B 41 -3.94 -26.59 15.19
CA GLY B 41 -4.70 -25.36 15.28
C GLY B 41 -5.03 -24.78 13.92
N ALA B 42 -4.05 -24.79 13.00
CA ALA B 42 -4.29 -24.20 11.68
C ALA B 42 -5.27 -25.03 10.87
N HIS B 43 -5.12 -26.35 10.91
CA HIS B 43 -6.03 -27.20 10.15
C HIS B 43 -7.46 -27.06 10.67
N GLU B 44 -7.63 -27.07 11.99
CA GLU B 44 -8.96 -26.94 12.58
C GLU B 44 -9.56 -25.56 12.31
N TYR B 45 -8.72 -24.53 12.32
CA TYR B 45 -9.16 -23.20 11.91
C TYR B 45 -9.75 -23.22 10.50
N HIS B 46 -9.07 -23.85 9.55
CA HIS B 46 -9.59 -23.93 8.20
C HIS B 46 -10.87 -24.75 8.11
N GLU B 47 -11.01 -25.78 8.95
CA GLU B 47 -12.29 -26.48 9.05
C GLU B 47 -13.41 -25.55 9.52
N SER B 48 -13.12 -24.71 10.52
CA SER B 48 -14.11 -23.76 11.00
C SER B 48 -14.53 -22.83 9.87
N ILE B 49 -13.55 -22.33 9.13
CA ILE B 49 -13.83 -21.44 8.00
C ILE B 49 -14.70 -22.15 6.96
N ASP B 50 -14.40 -23.42 6.69
CA ASP B 50 -15.23 -24.19 5.75
C ASP B 50 -16.68 -24.18 6.17
N GLU B 51 -16.94 -24.43 7.46
CA GLU B 51 -18.32 -24.49 7.92
C GLU B 51 -18.97 -23.10 7.89
N MET B 52 -18.18 -22.05 8.12
CA MET B 52 -18.70 -20.70 7.95
C MET B 52 -19.17 -20.47 6.53
N LYS B 53 -18.39 -20.92 5.55
CA LYS B 53 -18.81 -20.76 4.17
C LYS B 53 -20.07 -21.58 3.87
N HIS B 54 -20.16 -22.82 4.40
CA HIS B 54 -21.38 -23.60 4.25
C HIS B 54 -22.58 -22.86 4.83
N ALA B 55 -22.42 -22.32 6.05
CA ALA B 55 -23.51 -21.61 6.69
C ALA B 55 -23.95 -20.42 5.85
N ASP B 56 -22.99 -19.67 5.30
CA ASP B 56 -23.31 -18.57 4.40
C ASP B 56 -24.21 -19.03 3.25
N LYS B 57 -23.80 -20.08 2.54
CA LYS B 57 -24.61 -20.57 1.42
C LYS B 57 -25.99 -21.02 1.86
N LEU B 58 -26.09 -21.66 3.04
CA LEU B 58 -27.41 -22.08 3.52
C LEU B 58 -28.31 -20.88 3.82
N ILE B 59 -27.75 -19.86 4.49
CA ILE B 59 -28.49 -18.64 4.80
C ILE B 59 -28.99 -17.99 3.52
N GLU B 60 -28.12 -17.87 2.52
CA GLU B 60 -28.49 -17.26 1.26
C GLU B 60 -29.60 -18.06 0.59
N ARG B 61 -29.52 -19.38 0.63
CA ARG B 61 -30.55 -20.21 -0.01
C ARG B 61 -31.89 -20.06 0.71
N ILE B 62 -31.87 -20.15 2.05
CA ILE B 62 -33.11 -20.01 2.82
C ILE B 62 -33.80 -18.68 2.52
N LEU B 63 -33.02 -17.60 2.45
CA LEU B 63 -33.60 -16.29 2.17
C LEU B 63 -34.16 -16.23 0.76
N PHE B 64 -33.44 -16.79 -0.21
CA PHE B 64 -33.97 -16.87 -1.57
C PHE B 64 -35.32 -17.59 -1.60
N LEU B 65 -35.45 -18.66 -0.82
CA LEU B 65 -36.68 -19.43 -0.73
C LEU B 65 -37.71 -18.81 0.20
N GLU B 66 -37.47 -17.58 0.66
CA GLU B 66 -38.42 -16.80 1.43
C GLU B 66 -38.67 -17.42 2.80
N GLY B 67 -37.67 -18.11 3.36
CA GLY B 67 -37.67 -18.54 4.73
C GLY B 67 -36.84 -17.62 5.62
N LEU B 68 -36.86 -17.93 6.92
CA LEU B 68 -36.12 -17.16 7.91
C LEU B 68 -34.97 -18.00 8.43
N PRO B 69 -33.72 -17.66 8.13
CA PRO B 69 -32.62 -18.47 8.63
C PRO B 69 -32.54 -18.35 10.14
N ASN B 70 -32.32 -19.48 10.80
CA ASN B 70 -32.24 -19.54 12.27
C ASN B 70 -30.78 -19.45 12.70
N LEU B 71 -30.33 -18.26 13.08
CA LEU B 71 -29.02 -18.07 13.69
C LEU B 71 -29.12 -17.88 15.20
N GLN B 72 -30.30 -18.10 15.76
CA GLN B 72 -30.54 -17.86 17.19
C GLN B 72 -30.31 -19.09 18.06
N ASP B 73 -30.60 -20.27 17.55
CA ASP B 73 -30.63 -21.49 18.35
C ASP B 73 -29.31 -22.25 18.15
N LEU B 74 -28.56 -22.40 19.24
CA LEU B 74 -27.26 -23.06 19.20
C LEU B 74 -27.30 -24.30 20.06
N GLY B 75 -27.12 -25.46 19.42
CA GLY B 75 -27.07 -26.73 20.11
C GLY B 75 -25.77 -26.95 20.85
N LYS B 76 -25.65 -28.13 21.43
CA LYS B 76 -24.57 -28.42 22.36
C LYS B 76 -23.24 -28.59 21.62
N LEU B 77 -22.23 -27.86 22.06
CA LEU B 77 -20.89 -28.02 21.55
C LEU B 77 -20.26 -29.24 22.21
N LEU B 78 -19.54 -30.01 21.43
CA LEU B 78 -18.82 -31.18 21.92
C LEU B 78 -17.33 -30.81 22.00
N ILE B 79 -16.86 -30.45 23.19
CA ILE B 79 -15.50 -29.97 23.38
C ILE B 79 -14.69 -31.06 24.06
N GLY B 80 -13.58 -31.45 23.48
CA GLY B 80 -12.77 -32.42 24.21
C GLY B 80 -11.94 -31.80 25.35
N GLU B 81 -11.30 -32.67 26.16
CA GLU B 81 -10.30 -32.24 27.14
C GLU B 81 -8.87 -32.60 26.75
N ASN B 82 -8.67 -33.36 25.69
CA ASN B 82 -7.35 -33.63 25.16
C ASN B 82 -7.52 -33.88 23.67
N THR B 83 -6.38 -34.03 22.98
CA THR B 83 -6.39 -34.03 21.53
C THR B 83 -7.25 -35.16 20.98
N GLN B 84 -7.09 -36.36 21.54
CA GLN B 84 -7.83 -37.49 21.03
C GLN B 84 -9.34 -37.29 21.23
N GLU B 85 -9.74 -36.78 22.39
CA GLU B 85 -11.16 -36.53 22.62
C GLU B 85 -11.68 -35.43 21.69
N MET B 86 -10.87 -34.40 21.45
CA MET B 86 -11.32 -33.30 20.62
C MET B 86 -11.57 -33.79 19.20
N LEU B 87 -10.69 -34.66 18.71
CA LEU B 87 -10.86 -35.23 17.38
C LEU B 87 -12.08 -36.12 17.33
N GLN B 88 -12.29 -36.95 18.34
CA GLN B 88 -13.47 -37.80 18.38
C GLN B 88 -14.76 -36.97 18.47
N CYS B 89 -14.73 -35.85 19.21
CA CYS B 89 -15.90 -34.99 19.31
C CYS B 89 -16.23 -34.36 17.95
N ASP B 90 -15.21 -33.89 17.23
CA ASP B 90 -15.42 -33.43 15.85
C ASP B 90 -16.05 -34.53 15.01
N LEU B 91 -15.51 -35.74 15.11
CA LEU B 91 -16.00 -36.85 14.30
C LEU B 91 -17.44 -37.18 14.65
N ASN B 92 -17.78 -37.21 15.94
CA ASN B 92 -19.16 -37.46 16.34
C ASN B 92 -20.12 -36.42 15.78
N LEU B 93 -19.71 -35.15 15.80
CA LEU B 93 -20.56 -34.09 15.26
C LEU B 93 -20.71 -34.25 13.75
N GLU B 94 -19.62 -34.60 13.06
CA GLU B 94 -19.68 -34.76 11.61
C GLU B 94 -20.62 -35.89 11.22
N LEU B 95 -20.60 -37.01 11.96
CA LEU B 95 -21.46 -38.14 11.63
C LEU B 95 -22.93 -37.80 11.83
N LYS B 96 -23.25 -37.00 12.84
CA LYS B 96 -24.60 -36.45 12.93
C LYS B 96 -24.89 -35.55 11.74
N ALA B 97 -23.93 -34.69 11.38
CA ALA B 97 -24.18 -33.74 10.30
C ALA B 97 -24.48 -34.46 9.00
N THR B 98 -23.72 -35.51 8.69
CA THR B 98 -23.96 -36.20 7.41
C THR B 98 -25.28 -36.95 7.41
N LYS B 99 -25.69 -37.52 8.54
CA LYS B 99 -27.01 -38.16 8.60
C LYS B 99 -28.11 -37.15 8.29
N ASP B 100 -28.03 -35.98 8.90
CA ASP B 100 -29.03 -34.96 8.64
C ASP B 100 -29.00 -34.49 7.19
N LEU B 101 -27.80 -34.36 6.61
CA LEU B 101 -27.68 -33.98 5.19
C LEU B 101 -28.36 -35.01 4.30
N ARG B 102 -28.14 -36.30 4.57
CA ARG B 102 -28.76 -37.33 3.74
C ARG B 102 -30.27 -37.26 3.81
N GLU B 103 -30.81 -37.06 5.02
CA GLU B 103 -32.27 -36.98 5.16
C GLU B 103 -32.82 -35.75 4.46
N ALA B 104 -32.10 -34.63 4.52
CA ALA B 104 -32.54 -33.44 3.82
C ALA B 104 -32.52 -33.64 2.30
N ILE B 105 -31.50 -34.32 1.78
CA ILE B 105 -31.44 -34.58 0.34
C ILE B 105 -32.61 -35.44 -0.11
N VAL B 106 -32.93 -36.49 0.66
CA VAL B 106 -34.11 -37.31 0.34
C VAL B 106 -35.32 -36.42 0.14
N HIS B 107 -35.53 -35.50 1.08
CA HIS B 107 -36.74 -34.68 0.97
C HIS B 107 -36.66 -33.69 -0.19
N CYS B 108 -35.51 -33.04 -0.40
CA CYS B 108 -35.33 -32.21 -1.58
C CYS B 108 -35.67 -32.95 -2.86
N GLU B 109 -35.20 -34.19 -2.99
CA GLU B 109 -35.48 -34.97 -4.19
C GLU B 109 -36.97 -35.23 -4.33
N GLN B 110 -37.65 -35.53 -3.23
CA GLN B 110 -39.07 -35.88 -3.31
C GLN B 110 -39.92 -34.70 -3.77
N VAL B 111 -39.54 -33.47 -3.40
CA VAL B 111 -40.30 -32.31 -3.80
C VAL B 111 -39.68 -31.56 -4.98
N HIS B 112 -38.66 -32.15 -5.63
CA HIS B 112 -38.04 -31.64 -6.86
C HIS B 112 -37.28 -30.32 -6.64
N ASP B 113 -36.79 -30.07 -5.42
CA ASP B 113 -35.91 -28.92 -5.20
C ASP B 113 -34.48 -29.38 -5.48
N TYR B 114 -34.18 -29.47 -6.78
CA TYR B 114 -32.91 -30.06 -7.22
C TYR B 114 -31.74 -29.13 -6.95
N VAL B 115 -31.96 -27.82 -6.92
CA VAL B 115 -30.87 -26.90 -6.58
C VAL B 115 -30.50 -27.03 -5.10
N SER B 116 -31.49 -27.10 -4.21
CA SER B 116 -31.17 -27.31 -2.80
C SER B 116 -30.46 -28.64 -2.60
N ARG B 117 -30.90 -29.67 -3.32
CA ARG B 117 -30.19 -30.94 -3.24
C ARG B 117 -28.74 -30.79 -3.65
N ASP B 118 -28.48 -30.02 -4.72
CA ASP B 118 -27.12 -29.88 -5.22
C ASP B 118 -26.25 -29.17 -4.19
N LEU B 119 -26.78 -28.14 -3.55
CA LEU B 119 -26.07 -27.46 -2.47
C LEU B 119 -25.71 -28.42 -1.35
N LEU B 120 -26.70 -29.19 -0.91
CA LEU B 120 -26.48 -30.12 0.19
C LEU B 120 -25.48 -31.21 -0.18
N LYS B 121 -25.54 -31.68 -1.43
CA LYS B 121 -24.57 -32.68 -1.88
C LYS B 121 -23.15 -32.12 -1.78
N ASP B 122 -22.97 -30.87 -2.23
CA ASP B 122 -21.67 -30.23 -2.13
C ASP B 122 -21.22 -30.13 -0.67
N ILE B 123 -22.12 -29.72 0.24
CA ILE B 123 -21.75 -29.67 1.65
C ILE B 123 -21.39 -31.06 2.15
N LEU B 124 -22.16 -32.07 1.74
CA LEU B 124 -21.89 -33.44 2.17
C LEU B 124 -20.52 -33.92 1.70
N GLU B 125 -20.12 -33.53 0.47
CA GLU B 125 -18.78 -33.89 0.00
C GLU B 125 -17.69 -33.29 0.89
N SER B 126 -17.86 -32.03 1.28
CA SER B 126 -16.94 -31.39 2.23
CA SER B 126 -16.92 -31.42 2.22
C SER B 126 -16.93 -32.14 3.56
N GLU B 127 -18.10 -32.46 4.10
CA GLU B 127 -18.13 -33.13 5.40
C GLU B 127 -17.51 -34.52 5.33
N GLU B 128 -17.68 -35.24 4.22
CA GLU B 128 -17.03 -36.54 4.10
C GLU B 128 -15.51 -36.38 4.03
N GLU B 129 -15.03 -35.28 3.44
CA GLU B 129 -13.59 -35.02 3.46
C GLU B 129 -13.09 -34.76 4.87
N HIS B 130 -13.87 -34.00 5.65
CA HIS B 130 -13.54 -33.79 7.07
C HIS B 130 -13.51 -35.11 7.84
N ILE B 131 -14.49 -35.98 7.57
CA ILE B 131 -14.53 -37.27 8.23
C ILE B 131 -13.29 -38.08 7.88
N ASP B 132 -12.92 -38.09 6.58
CA ASP B 132 -11.68 -38.72 6.13
C ASP B 132 -10.48 -38.22 6.92
N TYR B 133 -10.33 -36.90 7.03
CA TYR B 133 -9.24 -36.32 7.82
C TYR B 133 -9.26 -36.81 9.27
N LEU B 134 -10.42 -36.69 9.93
CA LEU B 134 -10.52 -37.04 11.35
C LEU B 134 -10.22 -38.53 11.59
N GLU B 135 -10.86 -39.41 10.81
CA GLU B 135 -10.56 -40.84 10.93
C GLU B 135 -9.08 -41.10 10.73
N THR B 136 -8.47 -40.39 9.77
CA THR B 136 -7.03 -40.59 9.49
C THR B 136 -6.16 -40.12 10.66
N GLN B 137 -6.50 -38.98 11.26
CA GLN B 137 -5.74 -38.53 12.43
C GLN B 137 -5.83 -39.55 13.56
N LEU B 138 -7.05 -40.01 13.86
CA LEU B 138 -7.21 -40.95 14.96
C LEU B 138 -6.45 -42.24 14.67
N GLY B 139 -6.39 -42.63 13.40
CA GLY B 139 -5.58 -43.78 13.02
C GLY B 139 -4.11 -43.54 13.23
N LEU B 140 -3.62 -42.36 12.81
CA LEU B 140 -2.21 -42.03 12.98
C LEU B 140 -1.79 -42.07 14.43
N ILE B 141 -2.62 -41.56 15.35
CA ILE B 141 -2.28 -41.60 16.76
C ILE B 141 -1.93 -43.04 17.16
N GLN B 142 -2.72 -44.00 16.66
CA GLN B 142 -2.47 -45.41 16.96
C GLN B 142 -1.20 -45.92 16.30
N LYS B 143 -0.90 -45.45 15.08
CA LYS B 143 0.23 -45.99 14.35
C LYS B 143 1.56 -45.40 14.81
N VAL B 144 1.61 -44.10 15.12
CA VAL B 144 2.88 -43.48 15.49
C VAL B 144 2.99 -43.22 16.97
N GLY B 145 1.92 -43.43 17.74
CA GLY B 145 1.89 -43.08 19.14
C GLY B 145 1.54 -41.63 19.39
N LEU B 146 0.93 -41.35 20.54
CA LEU B 146 0.41 -40.00 20.79
C LEU B 146 1.53 -38.97 20.87
N GLU B 147 2.63 -39.29 21.55
CA GLU B 147 3.72 -38.32 21.67
C GLU B 147 4.27 -37.91 20.30
N ASN B 148 4.52 -38.89 19.43
CA ASN B 148 4.97 -38.56 18.08
C ASN B 148 3.89 -37.81 17.33
N TYR B 149 2.64 -38.26 17.42
CA TYR B 149 1.57 -37.57 16.71
C TYR B 149 1.52 -36.09 17.09
N LEU B 150 1.57 -35.81 18.40
CA LEU B 150 1.53 -34.42 18.86
C LEU B 150 2.78 -33.67 18.42
N GLN B 151 3.94 -34.33 18.51
CA GLN B 151 5.17 -33.70 18.04
C GLN B 151 5.04 -33.27 16.59
N SER B 152 4.50 -34.13 15.75
CA SER B 152 4.35 -33.80 14.33
C SER B 152 3.37 -32.66 14.09
N HIS B 153 2.63 -32.22 15.11
CA HIS B 153 1.65 -31.16 14.91
C HIS B 153 1.99 -29.90 15.69
N MET B 154 3.25 -29.78 16.11
CA MET B 154 3.69 -28.59 16.80
C MET B 154 3.88 -27.42 15.85
N HIS B 155 4.57 -27.65 14.75
CA HIS B 155 4.96 -26.58 13.85
C HIS B 155 4.07 -26.57 12.61
N GLU B 156 3.69 -25.37 12.17
CA GLU B 156 3.02 -25.20 10.89
C GLU B 156 4.00 -25.46 9.74
N MET C 1 13.04 17.27 30.19
CA MET C 1 11.78 17.60 30.93
C MET C 1 11.87 16.98 32.31
N LYS C 2 11.64 17.75 33.37
CA LYS C 2 11.84 17.20 34.71
C LYS C 2 10.82 16.09 34.99
N GLY C 3 11.29 14.86 35.09
CA GLY C 3 10.42 13.76 35.41
C GLY C 3 10.20 13.60 36.89
N ASP C 4 9.19 12.79 37.23
CA ASP C 4 8.92 12.43 38.61
C ASP C 4 10.00 11.49 39.14
N LYS C 5 10.55 11.82 40.31
CA LYS C 5 11.67 11.05 40.85
C LYS C 5 11.31 9.58 41.02
N LYS C 6 10.11 9.29 41.52
CA LYS C 6 9.75 7.90 41.75
C LYS C 6 9.47 7.16 40.45
N VAL C 7 8.93 7.85 39.42
CA VAL C 7 8.85 7.23 38.09
C VAL C 7 10.22 6.80 37.62
N ILE C 8 11.20 7.71 37.72
CA ILE C 8 12.57 7.39 37.31
C ILE C 8 13.11 6.18 38.08
N GLN C 9 12.84 6.12 39.39
CA GLN C 9 13.24 4.94 40.17
C GLN C 9 12.56 3.67 39.67
N HIS C 10 11.27 3.75 39.36
CA HIS C 10 10.58 2.59 38.77
C HIS C 10 11.18 2.22 37.42
N LEU C 11 11.45 3.21 36.57
CA LEU C 11 12.01 2.91 35.25
C LEU C 11 13.38 2.25 35.40
N ASN C 12 14.18 2.69 36.38
CA ASN C 12 15.47 2.05 36.61
C ASN C 12 15.32 0.63 37.15
N LYS C 13 14.29 0.37 37.93
CA LYS C 13 14.04 -0.99 38.38
C LYS C 13 13.68 -1.90 37.21
N ILE C 14 12.82 -1.41 36.32
CA ILE C 14 12.47 -2.18 35.13
C ILE C 14 13.71 -2.42 34.29
N LEU C 15 14.51 -1.37 34.08
CA LEU C 15 15.74 -1.51 33.31
C LEU C 15 16.66 -2.55 33.95
N GLY C 16 16.81 -2.50 35.27
CA GLY C 16 17.57 -3.53 35.97
C GLY C 16 17.09 -4.93 35.68
N ASN C 17 15.78 -5.13 35.66
CA ASN C 17 15.26 -6.46 35.27
C ASN C 17 15.64 -6.80 33.84
N GLU C 18 15.59 -5.81 32.94
CA GLU C 18 15.93 -6.09 31.54
C GLU C 18 17.41 -6.44 31.39
N LEU C 19 18.29 -5.78 32.14
CA LEU C 19 19.70 -6.11 32.05
C LEU C 19 19.96 -7.54 32.48
N ILE C 20 19.24 -8.01 33.51
CA ILE C 20 19.34 -9.43 33.87
C ILE C 20 18.85 -10.30 32.73
N ALA C 21 17.66 -9.98 32.20
CA ALA C 21 17.05 -10.79 31.15
C ALA C 21 17.95 -10.86 29.91
N ILE C 22 18.57 -9.74 29.51
CA ILE C 22 19.41 -9.73 28.32
C ILE C 22 20.50 -10.80 28.46
N ASN C 23 21.20 -10.79 29.59
CA ASN C 23 22.32 -11.69 29.76
C ASN C 23 21.88 -13.12 29.98
N GLN C 24 20.84 -13.31 30.79
CA GLN C 24 20.32 -14.65 31.02
C GLN C 24 19.86 -15.29 29.72
N TYR C 25 19.09 -14.55 28.91
CA TYR C 25 18.60 -15.11 27.65
C TYR C 25 19.75 -15.29 26.66
N PHE C 26 20.72 -14.39 26.66
CA PHE C 26 21.84 -14.56 25.73
C PHE C 26 22.65 -15.80 26.07
N LEU C 27 22.94 -16.00 27.37
CA LEU C 27 23.70 -17.19 27.76
C LEU C 27 22.90 -18.45 27.46
N HIS C 28 21.61 -18.48 27.84
CA HIS C 28 20.76 -19.62 27.51
C HIS C 28 20.79 -19.92 26.01
N SER C 29 20.71 -18.87 25.20
CA SER C 29 20.75 -19.04 23.75
C SER C 29 22.01 -19.75 23.31
N ARG C 30 23.17 -19.26 23.80
CA ARG C 30 24.44 -19.82 23.36
C ARG C 30 24.69 -21.19 23.96
N MET C 31 24.12 -21.48 25.12
CA MET C 31 24.19 -22.84 25.65
C MET C 31 23.41 -23.80 24.75
N TRP C 32 22.21 -23.39 24.35
CA TRP C 32 21.39 -24.25 23.49
C TRP C 32 22.05 -24.43 22.13
N ASN C 33 22.64 -23.37 21.59
CA ASN C 33 23.37 -23.52 20.33
C ASN C 33 24.55 -24.49 20.50
N ASP C 34 25.32 -24.32 21.57
CA ASP C 34 26.45 -25.23 21.83
C ASP C 34 26.01 -26.68 21.88
N TRP C 35 24.84 -26.93 22.45
CA TRP C 35 24.31 -28.28 22.58
C TRP C 35 23.64 -28.81 21.32
N GLY C 36 23.61 -28.04 20.24
CA GLY C 36 22.96 -28.46 19.02
C GLY C 36 21.45 -28.25 18.99
N LEU C 37 20.90 -27.54 19.96
CA LEU C 37 19.47 -27.26 20.00
C LEU C 37 19.21 -25.86 19.41
N LYS C 38 19.42 -25.77 18.09
CA LYS C 38 19.57 -24.44 17.48
C LYS C 38 18.24 -23.70 17.36
N ARG C 39 17.11 -24.39 17.28
CA ARG C 39 15.84 -23.67 17.25
C ARG C 39 15.56 -22.97 18.57
N LEU C 40 15.86 -23.64 19.70
CA LEU C 40 15.80 -22.96 20.98
C LEU C 40 16.84 -21.85 21.06
N GLY C 41 18.06 -22.11 20.57
CA GLY C 41 19.08 -21.07 20.58
C GLY C 41 18.65 -19.82 19.83
N ALA C 42 18.10 -20.02 18.62
CA ALA C 42 17.63 -18.89 17.82
C ALA C 42 16.47 -18.16 18.50
N HIS C 43 15.46 -18.89 18.98
CA HIS C 43 14.34 -18.23 19.62
C HIS C 43 14.79 -17.44 20.85
N GLU C 44 15.67 -18.03 21.66
CA GLU C 44 16.14 -17.36 22.87
C GLU C 44 17.01 -16.16 22.52
N TYR C 45 17.77 -16.25 21.43
CA TYR C 45 18.51 -15.09 20.93
C TYR C 45 17.57 -13.92 20.63
N HIS C 46 16.48 -14.18 19.91
CA HIS C 46 15.53 -13.11 19.61
C HIS C 46 14.87 -12.54 20.87
N GLU C 47 14.60 -13.38 21.87
CA GLU C 47 14.16 -12.86 23.17
C GLU C 47 15.17 -11.89 23.75
N SER C 48 16.45 -12.24 23.71
CA SER C 48 17.47 -11.37 24.25
C SER C 48 17.50 -10.03 23.52
N ILE C 49 17.43 -10.08 22.18
CA ILE C 49 17.36 -8.85 21.39
C ILE C 49 16.15 -8.02 21.79
N ASP C 50 15.01 -8.67 21.96
CA ASP C 50 13.80 -7.96 22.39
C ASP C 50 14.04 -7.20 23.68
N GLU C 51 14.73 -7.81 24.65
CA GLU C 51 15.00 -7.13 25.91
C GLU C 51 15.99 -5.99 25.73
N MET C 52 16.97 -6.17 24.84
CA MET C 52 17.88 -5.08 24.52
C MET C 52 17.12 -3.87 23.99
N LYS C 53 16.16 -4.08 23.08
CA LYS C 53 15.35 -3.00 22.54
C LYS C 53 14.50 -2.33 23.63
N HIS C 54 13.90 -3.11 24.52
CA HIS C 54 13.20 -2.54 25.66
C HIS C 54 14.14 -1.70 26.53
N ALA C 55 15.34 -2.22 26.82
CA ALA C 55 16.27 -1.47 27.64
C ALA C 55 16.65 -0.16 26.96
N ASP C 56 16.88 -0.19 25.64
CA ASP C 56 17.17 1.05 24.91
C ASP C 56 16.07 2.07 25.17
N LYS C 57 14.82 1.66 25.00
CA LYS C 57 13.73 2.62 25.15
C LYS C 57 13.67 3.14 26.58
N LEU C 58 13.89 2.28 27.56
CA LEU C 58 13.88 2.72 28.95
C LEU C 58 14.97 3.75 29.21
N ILE C 59 16.20 3.45 28.74
CA ILE C 59 17.32 4.38 28.88
C ILE C 59 17.00 5.73 28.24
N GLU C 60 16.46 5.71 27.02
CA GLU C 60 16.10 6.96 26.36
C GLU C 60 15.06 7.74 27.18
N ARG C 61 14.06 7.05 27.70
CA ARG C 61 13.00 7.73 28.46
C ARG C 61 13.56 8.31 29.76
N ILE C 62 14.39 7.54 30.48
CA ILE C 62 14.99 8.05 31.71
C ILE C 62 15.76 9.33 31.43
N LEU C 63 16.56 9.35 30.36
CA LEU C 63 17.36 10.54 30.08
C LEU C 63 16.49 11.71 29.69
N PHE C 64 15.41 11.48 28.93
CA PHE C 64 14.51 12.58 28.62
C PHE C 64 13.90 13.16 29.88
N LEU C 65 13.63 12.33 30.89
CA LEU C 65 13.05 12.78 32.15
C LEU C 65 14.10 13.32 33.11
N GLU C 66 15.35 13.45 32.64
CA GLU C 66 16.45 14.08 33.35
C GLU C 66 16.90 13.24 34.54
N GLY C 67 16.80 11.93 34.39
CA GLY C 67 17.32 10.99 35.36
C GLY C 67 18.57 10.32 34.83
N LEU C 68 19.18 9.51 35.69
CA LEU C 68 20.40 8.80 35.34
C LEU C 68 20.08 7.32 35.17
N PRO C 69 20.16 6.77 33.96
CA PRO C 69 19.91 5.33 33.80
C PRO C 69 20.96 4.54 34.52
N ASN C 70 20.54 3.52 35.26
CA ASN C 70 21.47 2.66 36.00
C ASN C 70 21.78 1.42 35.17
N LEU C 71 22.92 1.44 34.49
CA LEU C 71 23.47 0.28 33.81
C LEU C 71 24.59 -0.38 34.61
N GLN C 72 24.76 0.01 35.87
CA GLN C 72 25.84 -0.50 36.72
C GLN C 72 25.44 -1.71 37.56
N ASP C 73 24.22 -1.73 38.06
CA ASP C 73 23.82 -2.76 39.01
C ASP C 73 23.15 -3.90 38.25
N LEU C 74 23.72 -5.08 38.36
CA LEU C 74 23.23 -6.28 37.68
C LEU C 74 22.83 -7.29 38.75
N GLY C 75 21.54 -7.58 38.83
CA GLY C 75 21.03 -8.60 39.72
C GLY C 75 21.41 -10.03 39.32
N LYS C 76 20.87 -10.98 40.10
CA LYS C 76 21.23 -12.40 39.96
C LYS C 76 20.63 -13.01 38.69
N LEU C 77 21.48 -13.58 37.85
CA LEU C 77 20.99 -14.35 36.70
C LEU C 77 20.53 -15.72 37.17
N LEU C 78 19.45 -16.20 36.58
CA LEU C 78 18.91 -17.54 36.84
C LEU C 78 19.22 -18.44 35.65
N ILE C 79 20.26 -19.28 35.75
CA ILE C 79 20.72 -20.01 34.57
C ILE C 79 20.13 -21.42 34.44
N GLY C 80 20.43 -22.33 35.35
CA GLY C 80 19.84 -23.65 35.18
C GLY C 80 20.72 -24.57 34.35
N GLU C 81 20.48 -25.86 34.51
CA GLU C 81 21.46 -26.87 34.11
C GLU C 81 20.98 -27.79 33.00
N ASN C 82 19.73 -27.66 32.59
CA ASN C 82 19.18 -28.45 31.50
C ASN C 82 18.02 -27.66 30.92
N THR C 83 17.46 -28.16 29.82
CA THR C 83 16.53 -27.34 29.04
C THR C 83 15.31 -26.98 29.88
N GLN C 84 14.76 -27.94 30.60
CA GLN C 84 13.58 -27.68 31.41
C GLN C 84 13.86 -26.62 32.47
N GLU C 85 15.02 -26.70 33.11
CA GLU C 85 15.35 -25.73 34.15
C GLU C 85 15.55 -24.34 33.56
N MET C 86 16.18 -24.27 32.40
CA MET C 86 16.45 -22.99 31.77
C MET C 86 15.14 -22.27 31.43
N LEU C 87 14.18 -23.02 30.88
CA LEU C 87 12.87 -22.46 30.57
C LEU C 87 12.17 -22.00 31.83
N GLN C 88 12.24 -22.81 32.90
CA GLN C 88 11.61 -22.39 34.16
C GLN C 88 12.31 -21.17 34.74
N CYS C 89 13.64 -21.08 34.61
CA CYS C 89 14.36 -19.89 35.05
C CYS C 89 13.93 -18.65 34.30
N ASP C 90 13.78 -18.75 32.97
CA ASP C 90 13.26 -17.63 32.20
C ASP C 90 11.87 -17.26 32.68
N LEU C 91 11.04 -18.26 32.97
CA LEU C 91 9.66 -17.97 33.35
C LEU C 91 9.62 -17.29 34.71
N ASN C 92 10.46 -17.73 35.64
CA ASN C 92 10.52 -17.07 36.94
C ASN C 92 10.94 -15.62 36.82
N LEU C 93 11.95 -15.34 36.00
CA LEU C 93 12.37 -13.97 35.75
C LEU C 93 11.25 -13.14 35.15
N GLU C 94 10.53 -13.72 34.19
CA GLU C 94 9.47 -12.96 33.53
C GLU C 94 8.34 -12.61 34.51
N LEU C 95 7.95 -13.57 35.36
CA LEU C 95 6.91 -13.29 36.36
C LEU C 95 7.33 -12.19 37.33
N LYS C 96 8.60 -12.16 37.73
CA LYS C 96 9.09 -11.02 38.50
C LYS C 96 9.03 -9.74 37.70
N ALA C 97 9.42 -9.80 36.41
CA ALA C 97 9.43 -8.62 35.57
C ALA C 97 8.02 -8.04 35.41
N THR C 98 7.02 -8.89 35.19
CA THR C 98 5.69 -8.34 34.96
C THR C 98 5.10 -7.77 36.26
N LYS C 99 5.39 -8.38 37.40
CA LYS C 99 5.01 -7.77 38.68
C LYS C 99 5.57 -6.36 38.77
N ASP C 100 6.85 -6.20 38.50
CA ASP C 100 7.45 -4.87 38.59
C ASP C 100 6.87 -3.90 37.56
N LEU C 101 6.57 -4.38 36.35
CA LEU C 101 5.94 -3.51 35.35
C LEU C 101 4.59 -3.00 35.83
N ARG C 102 3.78 -3.88 36.41
CA ARG C 102 2.46 -3.47 36.86
C ARG C 102 2.55 -2.42 37.97
N GLU C 103 3.50 -2.58 38.90
CA GLU C 103 3.68 -1.58 39.96
C GLU C 103 4.18 -0.26 39.39
N ALA C 104 5.03 -0.31 38.38
CA ALA C 104 5.51 0.93 37.76
C ALA C 104 4.39 1.63 37.01
N ILE C 105 3.54 0.85 36.33
CA ILE C 105 2.40 1.45 35.62
C ILE C 105 1.46 2.14 36.60
N VAL C 106 1.14 1.49 37.71
CA VAL C 106 0.35 2.15 38.76
C VAL C 106 0.94 3.52 39.09
N HIS C 107 2.25 3.57 39.35
CA HIS C 107 2.82 4.84 39.77
C HIS C 107 2.81 5.88 38.63
N CYS C 108 3.10 5.47 37.39
CA CYS C 108 3.02 6.43 36.30
C CYS C 108 1.62 6.99 36.19
N GLU C 109 0.60 6.13 36.32
CA GLU C 109 -0.77 6.59 36.24
C GLU C 109 -1.06 7.63 37.31
N GLN C 110 -0.60 7.41 38.55
CA GLN C 110 -0.88 8.31 39.65
C GLN C 110 -0.25 9.69 39.48
N VAL C 111 0.93 9.78 38.87
CA VAL C 111 1.56 11.08 38.65
C VAL C 111 1.30 11.61 37.24
N HIS C 112 0.41 10.96 36.49
CA HIS C 112 -0.05 11.44 35.18
C HIS C 112 1.07 11.37 34.12
N ASP C 113 2.01 10.45 34.29
CA ASP C 113 3.06 10.25 33.28
C ASP C 113 2.56 9.18 32.32
N TYR C 114 1.61 9.61 31.50
CA TYR C 114 0.89 8.67 30.66
C TYR C 114 1.78 8.16 29.52
N VAL C 115 2.80 8.91 29.12
CA VAL C 115 3.70 8.42 28.07
C VAL C 115 4.59 7.30 28.63
N SER C 116 5.14 7.48 29.84
CA SER C 116 5.85 6.36 30.48
C SER C 116 4.95 5.15 30.67
N ARG C 117 3.70 5.37 31.06
CA ARG C 117 2.80 4.22 31.19
C ARG C 117 2.63 3.49 29.86
N ASP C 118 2.49 4.23 28.77
CA ASP C 118 2.26 3.58 27.47
C ASP C 118 3.47 2.74 27.07
N LEU C 119 4.67 3.27 27.29
CA LEU C 119 5.89 2.52 27.03
C LEU C 119 5.90 1.24 27.84
N LEU C 120 5.60 1.34 29.13
CA LEU C 120 5.64 0.17 30.00
C LEU C 120 4.57 -0.83 29.64
N LYS C 121 3.41 -0.34 29.18
CA LYS C 121 2.37 -1.25 28.72
C LYS C 121 2.82 -2.03 27.49
N ASP C 122 3.49 -1.36 26.55
CA ASP C 122 4.05 -2.05 25.39
C ASP C 122 5.07 -3.11 25.80
N ILE C 123 5.96 -2.77 26.73
CA ILE C 123 6.92 -3.75 27.24
C ILE C 123 6.19 -4.91 27.92
N LEU C 124 5.16 -4.61 28.71
CA LEU C 124 4.40 -5.67 29.35
C LEU C 124 3.75 -6.62 28.35
N GLU C 125 3.21 -6.07 27.26
CA GLU C 125 2.66 -6.92 26.21
C GLU C 125 3.72 -7.89 25.68
N SER C 126 4.93 -7.38 25.44
CA SER C 126 6.01 -8.24 24.99
CA SER C 126 6.00 -8.25 24.99
C SER C 126 6.34 -9.31 26.02
N GLU C 127 6.38 -8.94 27.31
CA GLU C 127 6.73 -9.92 28.32
C GLU C 127 5.64 -10.98 28.48
N GLU C 128 4.37 -10.61 28.35
CA GLU C 128 3.34 -11.64 28.42
C GLU C 128 3.40 -12.56 27.22
N GLU C 129 3.81 -12.06 26.04
CA GLU C 129 4.05 -12.96 24.93
C GLU C 129 5.18 -13.95 25.25
N HIS C 130 6.26 -13.48 25.88
CA HIS C 130 7.32 -14.39 26.31
C HIS C 130 6.81 -15.44 27.28
N ILE C 131 5.99 -15.02 28.26
CA ILE C 131 5.40 -15.96 29.20
C ILE C 131 4.54 -16.99 28.48
N ASP C 132 3.71 -16.54 27.55
CA ASP C 132 2.94 -17.47 26.74
C ASP C 132 3.85 -18.53 26.10
N TYR C 133 4.92 -18.07 25.48
CA TYR C 133 5.84 -18.99 24.80
C TYR C 133 6.43 -19.97 25.81
N LEU C 134 6.93 -19.45 26.94
CA LEU C 134 7.58 -20.30 27.93
C LEU C 134 6.64 -21.34 28.52
N GLU C 135 5.42 -20.93 28.90
CA GLU C 135 4.47 -21.88 29.46
C GLU C 135 4.09 -22.93 28.44
N THR C 136 4.01 -22.53 27.17
CA THR C 136 3.68 -23.47 26.11
C THR C 136 4.80 -24.50 25.93
N GLN C 137 6.05 -24.04 25.96
CA GLN C 137 7.18 -24.97 25.83
C GLN C 137 7.20 -25.99 26.97
N LEU C 138 7.01 -25.52 28.21
CA LEU C 138 7.00 -26.43 29.36
C LEU C 138 5.85 -27.41 29.27
N GLY C 139 4.70 -26.96 28.77
CA GLY C 139 3.59 -27.88 28.53
C GLY C 139 3.85 -28.86 27.41
N LEU C 140 4.56 -28.43 26.36
CA LEU C 140 4.87 -29.35 25.29
C LEU C 140 5.79 -30.46 25.75
N ILE C 141 6.75 -30.14 26.62
CA ILE C 141 7.63 -31.17 27.14
C ILE C 141 6.79 -32.28 27.79
N GLN C 142 5.68 -31.90 28.42
CA GLN C 142 4.82 -32.88 29.08
C GLN C 142 4.03 -33.67 28.06
N LYS C 143 3.58 -33.02 26.99
CA LYS C 143 2.73 -33.71 26.04
C LYS C 143 3.54 -34.60 25.10
N VAL C 144 4.70 -34.14 24.62
CA VAL C 144 5.41 -34.91 23.59
C VAL C 144 6.56 -35.71 24.17
N GLY C 145 6.92 -35.49 25.43
CA GLY C 145 8.11 -36.08 26.03
C GLY C 145 9.35 -35.25 25.78
N LEU C 146 10.27 -35.30 26.75
CA LEU C 146 11.48 -34.48 26.66
C LEU C 146 12.31 -34.81 25.42
N GLU C 147 12.48 -36.09 25.10
CA GLU C 147 13.34 -36.46 23.98
C GLU C 147 12.78 -35.93 22.67
N ASN C 148 11.46 -36.07 22.44
CA ASN C 148 10.84 -35.49 21.24
C ASN C 148 10.90 -33.98 21.27
N TYR C 149 10.64 -33.37 22.43
CA TYR C 149 10.68 -31.91 22.52
C TYR C 149 12.05 -31.39 22.08
N LEU C 150 13.10 -32.00 22.60
CA LEU C 150 14.44 -31.56 22.22
C LEU C 150 14.70 -31.84 20.74
N GLN C 151 14.29 -33.01 20.25
CA GLN C 151 14.45 -33.33 18.84
C GLN C 151 13.85 -32.25 17.96
N SER C 152 12.65 -31.80 18.31
CA SER C 152 11.96 -30.78 17.51
C SER C 152 12.64 -29.42 17.57
N HIS C 153 13.62 -29.23 18.46
CA HIS C 153 14.33 -27.96 18.56
C HIS C 153 15.78 -28.06 18.13
N MET C 154 16.15 -29.11 17.41
CA MET C 154 17.52 -29.24 16.93
C MET C 154 17.77 -28.31 15.76
N HIS C 155 16.84 -28.28 14.81
CA HIS C 155 17.05 -27.58 13.54
C HIS C 155 16.19 -26.32 13.49
N GLU C 156 16.79 -25.23 13.01
CA GLU C 156 16.08 -23.96 12.88
C GLU C 156 15.10 -24.02 11.70
N MET D 1 5.58 45.44 -34.88
CA MET D 1 4.43 46.30 -34.44
C MET D 1 5.01 47.56 -33.83
N LYS D 2 4.71 48.73 -34.37
CA LYS D 2 5.38 49.93 -33.91
C LYS D 2 5.01 50.23 -32.45
N GLY D 3 6.00 50.21 -31.57
CA GLY D 3 5.73 50.50 -30.18
C GLY D 3 5.80 51.99 -29.85
N ASP D 4 5.30 52.31 -28.66
CA ASP D 4 5.46 53.64 -28.07
C ASP D 4 6.95 53.97 -27.88
N LYS D 5 7.37 55.14 -28.35
CA LYS D 5 8.80 55.48 -28.29
C LYS D 5 9.33 55.54 -26.86
N LYS D 6 8.54 56.13 -25.96
CA LYS D 6 9.01 56.21 -24.58
C LYS D 6 8.98 54.85 -23.89
N VAL D 7 8.07 53.96 -24.28
CA VAL D 7 8.14 52.58 -23.80
C VAL D 7 9.48 51.95 -24.17
N ILE D 8 9.86 52.10 -25.44
CA ILE D 8 11.11 51.49 -25.91
C ILE D 8 12.30 52.08 -25.15
N GLN D 9 12.28 53.39 -24.91
CA GLN D 9 13.34 54.01 -24.14
C GLN D 9 13.41 53.42 -22.73
N HIS D 10 12.24 53.22 -22.09
CA HIS D 10 12.23 52.57 -20.77
C HIS D 10 12.80 51.16 -20.86
N LEU D 11 12.39 50.41 -21.87
CA LEU D 11 12.89 49.04 -22.06
C LEU D 11 14.42 49.04 -22.22
N ASN D 12 14.95 49.98 -22.99
CA ASN D 12 16.41 50.06 -23.15
C ASN D 12 17.08 50.45 -21.84
N LYS D 13 16.45 51.32 -21.05
CA LYS D 13 17.01 51.65 -19.75
C LYS D 13 17.05 50.42 -18.86
N ILE D 14 15.96 49.65 -18.82
CA ILE D 14 15.94 48.41 -18.05
C ILE D 14 17.02 47.48 -18.58
N LEU D 15 17.09 47.34 -19.91
CA LEU D 15 18.12 46.49 -20.52
C LEU D 15 19.51 46.94 -20.09
N GLY D 16 19.73 48.26 -20.01
CA GLY D 16 21.02 48.75 -19.56
C GLY D 16 21.36 48.31 -18.14
N ASN D 17 20.37 48.31 -17.24
CA ASN D 17 20.61 47.80 -15.90
C ASN D 17 20.95 46.32 -15.91
N GLU D 18 20.24 45.54 -16.74
CA GLU D 18 20.50 44.11 -16.85
C GLU D 18 21.93 43.83 -17.32
N LEU D 19 22.42 44.58 -18.31
CA LEU D 19 23.79 44.37 -18.80
C LEU D 19 24.83 44.65 -17.72
N ILE D 20 24.61 45.69 -16.93
CA ILE D 20 25.45 45.90 -15.75
C ILE D 20 25.39 44.67 -14.83
N ALA D 21 24.18 44.25 -14.47
CA ALA D 21 24.03 43.14 -13.53
C ALA D 21 24.67 41.87 -14.06
N ILE D 22 24.51 41.58 -15.34
CA ILE D 22 25.11 40.38 -15.92
C ILE D 22 26.60 40.34 -15.62
N ASN D 23 27.30 41.46 -15.89
CA ASN D 23 28.74 41.46 -15.76
C ASN D 23 29.17 41.55 -14.30
N GLN D 24 28.42 42.32 -13.50
CA GLN D 24 28.74 42.45 -12.08
C GLN D 24 28.57 41.12 -11.36
N TYR D 25 27.46 40.42 -11.62
CA TYR D 25 27.24 39.14 -10.97
C TYR D 25 28.22 38.09 -11.49
N PHE D 26 28.53 38.12 -12.79
CA PHE D 26 29.44 37.12 -13.32
C PHE D 26 30.83 37.29 -12.73
N LEU D 27 31.32 38.52 -12.63
CA LEU D 27 32.63 38.77 -12.02
C LEU D 27 32.62 38.40 -10.54
N HIS D 28 31.56 38.79 -9.81
CA HIS D 28 31.45 38.38 -8.42
C HIS D 28 31.49 36.86 -8.28
N SER D 29 30.79 36.17 -9.18
CA SER D 29 30.78 34.72 -9.14
C SER D 29 32.18 34.16 -9.27
N ARG D 30 32.92 34.66 -10.27
CA ARG D 30 34.26 34.14 -10.54
C ARG D 30 35.25 34.59 -9.47
N MET D 31 35.04 35.75 -8.85
CA MET D 31 35.86 36.12 -7.71
C MET D 31 35.63 35.17 -6.54
N TRP D 32 34.36 34.89 -6.23
CA TRP D 32 34.08 33.99 -5.12
C TRP D 32 34.62 32.60 -5.39
N ASN D 33 34.50 32.13 -6.62
CA ASN D 33 35.04 30.81 -6.94
C ASN D 33 36.55 30.80 -6.75
N ASP D 34 37.22 31.83 -7.23
CA ASP D 34 38.68 31.94 -7.09
C ASP D 34 39.09 31.92 -5.62
N TRP D 35 38.25 32.47 -4.73
CA TRP D 35 38.56 32.49 -3.31
C TRP D 35 38.16 31.21 -2.61
N GLY D 36 37.59 30.23 -3.30
CA GLY D 36 37.19 29.01 -2.64
C GLY D 36 35.82 29.07 -2.00
N LEU D 37 35.04 30.09 -2.30
CA LEU D 37 33.68 30.24 -1.76
C LEU D 37 32.68 29.82 -2.84
N LYS D 38 32.70 28.51 -3.12
CA LYS D 38 32.06 28.01 -4.34
C LYS D 38 30.55 28.02 -4.24
N ARG D 39 29.99 27.97 -3.03
CA ARG D 39 28.54 28.03 -2.95
C ARG D 39 28.04 29.43 -3.30
N LEU D 40 28.77 30.45 -2.86
CA LEU D 40 28.49 31.80 -3.30
C LEU D 40 28.75 31.94 -4.79
N GLY D 41 29.83 31.34 -5.27
CA GLY D 41 30.12 31.43 -6.70
C GLY D 41 29.00 30.84 -7.54
N ALA D 42 28.49 29.67 -7.14
CA ALA D 42 27.43 29.02 -7.91
C ALA D 42 26.14 29.82 -7.87
N HIS D 43 25.77 30.31 -6.69
CA HIS D 43 24.52 31.05 -6.59
C HIS D 43 24.59 32.32 -7.44
N GLU D 44 25.73 33.01 -7.39
CA GLU D 44 25.91 34.26 -8.13
C GLU D 44 25.97 34.02 -9.63
N TYR D 45 26.56 32.90 -10.04
CA TYR D 45 26.50 32.49 -11.45
C TYR D 45 25.06 32.36 -11.90
N HIS D 46 24.22 31.72 -11.08
CA HIS D 46 22.84 31.53 -11.50
C HIS D 46 22.10 32.86 -11.53
N GLU D 47 22.46 33.80 -10.66
CA GLU D 47 21.85 35.14 -10.75
C GLU D 47 22.27 35.83 -12.04
N SER D 48 23.52 35.66 -12.44
CA SER D 48 23.97 36.22 -13.72
C SER D 48 23.19 35.62 -14.88
N ILE D 49 23.01 34.30 -14.87
CA ILE D 49 22.24 33.65 -15.93
C ILE D 49 20.81 34.19 -15.95
N ASP D 50 20.21 34.36 -14.77
CA ASP D 50 18.85 34.90 -14.73
C ASP D 50 18.76 36.28 -15.38
N GLU D 51 19.75 37.15 -15.14
CA GLU D 51 19.77 38.46 -15.78
C GLU D 51 20.00 38.36 -17.29
N MET D 52 20.82 37.40 -17.73
CA MET D 52 20.96 37.11 -19.15
C MET D 52 19.62 36.75 -19.79
N LYS D 53 18.84 35.90 -19.12
CA LYS D 53 17.52 35.56 -19.67
C LYS D 53 16.60 36.77 -19.70
N HIS D 54 16.64 37.61 -18.65
CA HIS D 54 15.85 38.86 -18.68
C HIS D 54 16.28 39.74 -19.85
N ALA D 55 17.59 39.93 -20.02
CA ALA D 55 18.06 40.76 -21.12
C ALA D 55 17.57 40.22 -22.45
N ASP D 56 17.63 38.89 -22.63
CA ASP D 56 17.14 38.28 -23.87
C ASP D 56 15.68 38.67 -24.12
N LYS D 57 14.82 38.53 -23.11
CA LYS D 57 13.42 38.86 -23.31
C LYS D 57 13.23 40.33 -23.63
N LEU D 58 14.02 41.22 -23.00
CA LEU D 58 13.90 42.64 -23.30
C LEU D 58 14.35 42.94 -24.73
N ILE D 59 15.48 42.35 -25.13
CA ILE D 59 15.95 42.48 -26.51
C ILE D 59 14.86 42.02 -27.49
N GLU D 60 14.29 40.85 -27.24
CA GLU D 60 13.22 40.35 -28.11
C GLU D 60 12.02 41.29 -28.17
N ARG D 61 11.57 41.81 -27.03
CA ARG D 61 10.42 42.71 -27.02
C ARG D 61 10.72 43.99 -27.80
N ILE D 62 11.90 44.57 -27.57
CA ILE D 62 12.29 45.82 -28.21
C ILE D 62 12.28 45.65 -29.72
N LEU D 63 12.82 44.52 -30.21
CA LEU D 63 12.82 44.29 -31.65
C LEU D 63 11.41 44.11 -32.18
N PHE D 64 10.58 43.37 -31.47
CA PHE D 64 9.18 43.25 -31.85
C PHE D 64 8.52 44.62 -31.97
N LEU D 65 8.79 45.51 -31.03
CA LEU D 65 8.24 46.87 -31.08
C LEU D 65 8.97 47.76 -32.08
N GLU D 66 9.93 47.20 -32.82
CA GLU D 66 10.66 47.87 -33.90
C GLU D 66 11.55 48.98 -33.36
N GLY D 67 12.09 48.77 -32.16
CA GLY D 67 13.15 49.59 -31.64
C GLY D 67 14.51 48.94 -31.85
N LEU D 68 15.53 49.66 -31.43
CA LEU D 68 16.92 49.21 -31.47
C LEU D 68 17.39 48.89 -30.07
N PRO D 69 17.64 47.61 -29.73
CA PRO D 69 18.12 47.31 -28.38
C PRO D 69 19.51 47.87 -28.21
N ASN D 70 19.75 48.53 -27.09
CA ASN D 70 21.05 49.11 -26.79
C ASN D 70 21.93 48.12 -26.04
N LEU D 71 22.84 47.46 -26.74
CA LEU D 71 23.85 46.63 -26.11
C LEU D 71 25.22 47.30 -26.09
N GLN D 72 25.29 48.57 -26.50
CA GLN D 72 26.57 49.29 -26.64
C GLN D 72 26.95 50.03 -25.37
N ASP D 73 25.98 50.54 -24.63
CA ASP D 73 26.23 51.42 -23.51
C ASP D 73 26.16 50.64 -22.21
N LEU D 74 27.28 50.59 -21.52
CA LEU D 74 27.45 49.82 -20.29
C LEU D 74 27.74 50.81 -19.17
N GLY D 75 26.87 50.85 -18.18
CA GLY D 75 27.08 51.70 -17.03
C GLY D 75 28.08 51.15 -16.05
N LYS D 76 28.21 51.85 -14.93
CA LYS D 76 29.26 51.53 -13.96
C LYS D 76 28.92 50.25 -13.19
N LEU D 77 29.83 49.28 -13.23
CA LEU D 77 29.69 48.08 -12.43
C LEU D 77 30.08 48.38 -10.99
N LEU D 78 29.36 47.77 -10.05
CA LEU D 78 29.59 47.96 -8.62
C LEU D 78 30.23 46.68 -8.12
N ILE D 79 31.56 46.65 -8.02
CA ILE D 79 32.25 45.37 -7.79
C ILE D 79 32.57 45.16 -6.32
N GLY D 80 33.35 46.02 -5.71
CA GLY D 80 33.69 45.72 -4.32
C GLY D 80 34.67 44.55 -4.19
N GLU D 81 35.30 44.42 -3.02
CA GLU D 81 36.48 43.59 -2.88
C GLU D 81 36.41 42.62 -1.70
N ASN D 82 35.28 42.50 -1.03
CA ASN D 82 35.10 41.46 -0.03
C ASN D 82 33.63 41.05 -0.06
N THR D 83 33.34 39.92 0.58
CA THR D 83 32.02 39.30 0.42
C THR D 83 30.90 40.25 0.84
N GLN D 84 30.99 40.82 2.03
CA GLN D 84 29.89 41.69 2.47
C GLN D 84 29.70 42.85 1.50
N GLU D 85 30.80 43.45 1.03
CA GLU D 85 30.69 44.58 0.12
C GLU D 85 30.13 44.17 -1.23
N MET D 86 30.49 42.97 -1.71
CA MET D 86 29.97 42.49 -2.98
C MET D 86 28.45 42.30 -2.92
N LEU D 87 27.96 41.73 -1.82
CA LEU D 87 26.52 41.57 -1.63
C LEU D 87 25.82 42.91 -1.55
N GLN D 88 26.42 43.86 -0.83
CA GLN D 88 25.84 45.20 -0.77
C GLN D 88 25.82 45.87 -2.15
N CYS D 89 26.89 45.70 -2.93
CA CYS D 89 26.90 46.23 -4.30
C CYS D 89 25.78 45.65 -5.14
N ASP D 90 25.57 44.33 -5.03
CA ASP D 90 24.46 43.70 -5.73
C ASP D 90 23.13 44.30 -5.27
N LEU D 91 22.99 44.47 -3.97
CA LEU D 91 21.75 45.02 -3.43
C LEU D 91 21.52 46.45 -3.91
N ASN D 92 22.56 47.28 -3.88
CA ASN D 92 22.42 48.64 -4.37
C ASN D 92 21.99 48.67 -5.83
N LEU D 93 22.59 47.81 -6.66
CA LEU D 93 22.18 47.73 -8.06
C LEU D 93 20.73 47.27 -8.17
N GLU D 94 20.32 46.30 -7.36
CA GLU D 94 18.96 45.78 -7.47
C GLU D 94 17.94 46.85 -7.12
N LEU D 95 18.24 47.67 -6.11
CA LEU D 95 17.30 48.71 -5.71
C LEU D 95 17.18 49.78 -6.79
N LYS D 96 18.28 50.11 -7.46
CA LYS D 96 18.19 50.97 -8.64
C LYS D 96 17.34 50.30 -9.71
N ALA D 97 17.56 49.01 -9.94
CA ALA D 97 16.84 48.32 -11.02
C ALA D 97 15.34 48.30 -10.75
N THR D 98 14.93 48.04 -9.50
CA THR D 98 13.48 47.96 -9.24
C THR D 98 12.82 49.34 -9.31
N LYS D 99 13.53 50.40 -8.91
CA LYS D 99 12.97 51.74 -9.11
C LYS D 99 12.72 52.01 -10.60
N ASP D 100 13.68 51.64 -11.45
CA ASP D 100 13.50 51.86 -12.88
C ASP D 100 12.37 51.00 -13.44
N LEU D 101 12.24 49.77 -12.95
CA LEU D 101 11.15 48.92 -13.40
C LEU D 101 9.80 49.54 -13.07
N ARG D 102 9.65 50.05 -11.85
CA ARG D 102 8.39 50.65 -11.46
C ARG D 102 8.05 51.87 -12.32
N GLU D 103 9.04 52.73 -12.57
CA GLU D 103 8.77 53.88 -13.45
C GLU D 103 8.38 53.42 -14.86
N ALA D 104 9.03 52.37 -15.38
CA ALA D 104 8.67 51.86 -16.70
C ALA D 104 7.25 51.31 -16.72
N ILE D 105 6.85 50.60 -15.66
CA ILE D 105 5.52 50.02 -15.60
C ILE D 105 4.45 51.11 -15.59
N VAL D 106 4.66 52.17 -14.79
CA VAL D 106 3.74 53.31 -14.81
C VAL D 106 3.51 53.78 -16.24
N HIS D 107 4.58 53.94 -17.00
CA HIS D 107 4.43 54.47 -18.35
C HIS D 107 3.75 53.46 -19.28
N CYS D 108 4.14 52.18 -19.20
CA CYS D 108 3.43 51.16 -19.96
C CYS D 108 1.94 51.19 -19.69
N GLU D 109 1.57 51.33 -18.42
CA GLU D 109 0.16 51.36 -18.07
C GLU D 109 -0.52 52.57 -18.72
N GLN D 110 0.11 53.72 -18.65
CA GLN D 110 -0.48 54.94 -19.20
C GLN D 110 -0.74 54.85 -20.70
N VAL D 111 0.17 54.20 -21.45
CA VAL D 111 0.00 54.13 -22.90
C VAL D 111 -0.61 52.80 -23.33
N HIS D 112 -1.09 51.99 -22.38
CA HIS D 112 -1.85 50.77 -22.65
C HIS D 112 -1.01 49.66 -23.24
N ASP D 113 0.30 49.65 -23.00
CA ASP D 113 1.15 48.56 -23.47
C ASP D 113 1.17 47.52 -22.35
N TYR D 114 0.07 46.78 -22.27
CA TYR D 114 -0.12 45.85 -21.16
C TYR D 114 0.82 44.64 -21.24
N VAL D 115 1.25 44.26 -22.45
CA VAL D 115 2.16 43.13 -22.57
C VAL D 115 3.55 43.51 -22.08
N SER D 116 4.04 44.69 -22.46
CA SER D 116 5.31 45.13 -21.90
C SER D 116 5.23 45.21 -20.39
N ARG D 117 4.11 45.72 -19.85
CA ARG D 117 3.98 45.80 -18.41
C ARG D 117 4.11 44.43 -17.76
N ASP D 118 3.48 43.42 -18.35
CA ASP D 118 3.51 42.08 -17.80
C ASP D 118 4.92 41.54 -17.76
N LEU D 119 5.66 41.72 -18.86
CA LEU D 119 7.06 41.34 -18.89
C LEU D 119 7.86 42.03 -17.80
N LEU D 120 7.64 43.34 -17.62
CA LEU D 120 8.39 44.06 -16.60
C LEU D 120 7.98 43.62 -15.19
N LYS D 121 6.70 43.34 -15.00
CA LYS D 121 6.23 42.81 -13.72
C LYS D 121 6.91 41.48 -13.41
N ASP D 122 7.04 40.61 -14.41
CA ASP D 122 7.71 39.34 -14.18
C ASP D 122 9.17 39.56 -13.81
N ILE D 123 9.84 40.49 -14.49
CA ILE D 123 11.24 40.77 -14.17
C ILE D 123 11.33 41.34 -12.76
N LEU D 124 10.39 42.23 -12.41
CA LEU D 124 10.38 42.83 -11.08
C LEU D 124 10.26 41.76 -10.00
N GLU D 125 9.40 40.76 -10.22
CA GLU D 125 9.27 39.65 -9.29
C GLU D 125 10.60 38.93 -9.09
N SER D 126 11.31 38.66 -10.18
CA SER D 126 12.63 38.07 -10.08
CA SER D 126 12.62 38.06 -10.07
C SER D 126 13.58 38.96 -9.28
N GLU D 127 13.56 40.27 -9.55
CA GLU D 127 14.50 41.13 -8.86
C GLU D 127 14.14 41.27 -7.39
N GLU D 128 12.84 41.28 -7.04
CA GLU D 128 12.52 41.30 -5.61
C GLU D 128 12.94 40.00 -4.93
N GLU D 129 12.87 38.86 -5.64
CA GLU D 129 13.42 37.62 -5.08
C GLU D 129 14.91 37.74 -4.82
N HIS D 130 15.65 38.33 -5.77
CA HIS D 130 17.08 38.59 -5.56
C HIS D 130 17.30 39.49 -4.35
N ILE D 131 16.54 40.58 -4.24
CA ILE D 131 16.65 41.46 -3.08
C ILE D 131 16.41 40.68 -1.79
N ASP D 132 15.38 39.84 -1.78
CA ASP D 132 15.14 38.98 -0.62
C ASP D 132 16.40 38.19 -0.28
N TYR D 133 16.97 37.50 -1.27
CA TYR D 133 18.17 36.72 -1.04
C TYR D 133 19.30 37.57 -0.44
N LEU D 134 19.58 38.71 -1.06
CA LEU D 134 20.69 39.57 -0.63
C LEU D 134 20.48 40.09 0.79
N GLU D 135 19.30 40.63 1.08
CA GLU D 135 19.01 41.10 2.43
C GLU D 135 19.17 39.96 3.44
N THR D 136 18.76 38.77 3.05
CA THR D 136 18.91 37.63 3.95
C THR D 136 20.38 37.27 4.18
N GLN D 137 21.19 37.30 3.13
CA GLN D 137 22.63 37.00 3.30
C GLN D 137 23.30 38.01 4.22
N LEU D 138 23.03 39.30 4.00
CA LEU D 138 23.61 40.33 4.84
C LEU D 138 23.15 40.17 6.29
N GLY D 139 21.88 39.86 6.51
CA GLY D 139 21.44 39.57 7.86
C GLY D 139 22.15 38.36 8.46
N LEU D 140 22.34 37.31 7.67
CA LEU D 140 22.98 36.10 8.20
C LEU D 140 24.42 36.39 8.62
N ILE D 141 25.14 37.22 7.86
CA ILE D 141 26.49 37.61 8.26
C ILE D 141 26.46 38.18 9.67
N GLN D 142 25.47 39.02 9.97
CA GLN D 142 25.39 39.61 11.31
C GLN D 142 25.04 38.56 12.36
N LYS D 143 24.20 37.58 12.01
CA LYS D 143 23.71 36.61 12.97
C LYS D 143 24.71 35.49 13.26
N VAL D 144 25.35 34.94 12.22
CA VAL D 144 26.28 33.83 12.43
C VAL D 144 27.73 34.28 12.52
N GLY D 145 28.02 35.52 12.17
CA GLY D 145 29.40 35.99 12.10
C GLY D 145 30.02 35.76 10.73
N LEU D 146 30.93 36.64 10.34
CA LEU D 146 31.47 36.60 8.99
C LEU D 146 32.22 35.29 8.73
N GLU D 147 33.02 34.83 9.70
CA GLU D 147 33.81 33.63 9.48
C GLU D 147 32.92 32.40 9.25
N ASN D 148 31.90 32.22 10.11
CA ASN D 148 30.94 31.13 9.91
C ASN D 148 30.20 31.29 8.60
N TYR D 149 29.80 32.52 8.26
CA TYR D 149 29.06 32.71 7.03
C TYR D 149 29.89 32.29 5.82
N LEU D 150 31.16 32.71 5.78
CA LEU D 150 32.02 32.29 4.69
C LEU D 150 32.25 30.80 4.71
N GLN D 151 32.46 30.24 5.91
CA GLN D 151 32.63 28.79 6.02
C GLN D 151 31.47 28.03 5.39
N SER D 152 30.25 28.46 5.67
CA SER D 152 29.07 27.79 5.15
C SER D 152 28.90 27.98 3.66
N HIS D 153 29.73 28.80 3.02
CA HIS D 153 29.65 28.99 1.57
C HIS D 153 30.88 28.51 0.83
N MET D 154 31.71 27.70 1.48
CA MET D 154 32.89 27.15 0.83
C MET D 154 32.52 26.04 -0.15
N HIS D 155 31.67 25.12 0.27
CA HIS D 155 31.36 23.93 -0.52
C HIS D 155 29.95 24.02 -1.08
N GLU D 156 29.78 23.50 -2.29
CA GLU D 156 28.45 23.37 -2.89
C GLU D 156 27.74 22.13 -2.34
N MET E 1 -0.93 -18.39 31.82
CA MET E 1 -0.72 -17.43 32.97
C MET E 1 -2.03 -17.36 33.74
N LYS E 2 -1.99 -17.41 35.07
CA LYS E 2 -3.22 -17.52 35.84
C LYS E 2 -3.90 -16.16 35.87
N GLY E 3 -5.02 -16.01 35.17
CA GLY E 3 -5.68 -14.73 35.11
C GLY E 3 -6.59 -14.50 36.30
N ASP E 4 -6.98 -13.25 36.49
CA ASP E 4 -8.03 -12.89 37.44
C ASP E 4 -9.36 -13.52 37.00
N LYS E 5 -10.02 -14.23 37.92
CA LYS E 5 -11.25 -14.92 37.55
C LYS E 5 -12.31 -13.95 37.05
N LYS E 6 -12.41 -12.79 37.66
CA LYS E 6 -13.42 -11.82 37.23
C LYS E 6 -13.07 -11.15 35.90
N VAL E 7 -11.77 -10.92 35.63
CA VAL E 7 -11.40 -10.50 34.27
C VAL E 7 -11.92 -11.51 33.25
N ILE E 8 -11.68 -12.81 33.51
CA ILE E 8 -12.12 -13.83 32.56
C ILE E 8 -13.64 -13.77 32.40
N GLN E 9 -14.36 -13.57 33.49
CA GLN E 9 -15.82 -13.43 33.37
C GLN E 9 -16.19 -12.26 32.48
N HIS E 10 -15.53 -11.11 32.66
CA HIS E 10 -15.80 -9.95 31.82
C HIS E 10 -15.46 -10.24 30.36
N LEU E 11 -14.31 -10.88 30.11
CA LEU E 11 -13.94 -11.22 28.74
C LEU E 11 -14.96 -12.15 28.10
N ASN E 12 -15.50 -13.09 28.88
CA ASN E 12 -16.56 -13.95 28.35
C ASN E 12 -17.86 -13.20 28.11
N LYS E 13 -18.16 -12.18 28.92
CA LYS E 13 -19.34 -11.38 28.66
C LYS E 13 -19.18 -10.58 27.37
N ILE E 14 -17.99 -9.98 27.18
CA ILE E 14 -17.73 -9.27 25.93
C ILE E 14 -17.82 -10.24 24.75
N LEU E 15 -17.24 -11.45 24.90
CA LEU E 15 -17.32 -12.46 23.86
C LEU E 15 -18.77 -12.84 23.55
N GLY E 16 -19.58 -12.98 24.59
CA GLY E 16 -21.00 -13.24 24.38
C GLY E 16 -21.66 -12.18 23.51
N ASN E 17 -21.34 -10.91 23.77
CA ASN E 17 -21.89 -9.84 22.93
C ASN E 17 -21.39 -9.95 21.49
N GLU E 18 -20.11 -10.33 21.32
CA GLU E 18 -19.56 -10.47 19.97
C GLU E 18 -20.27 -11.57 19.22
N LEU E 19 -20.58 -12.68 19.90
CA LEU E 19 -21.24 -13.79 19.23
C LEU E 19 -22.61 -13.40 18.72
N ILE E 20 -23.35 -12.60 19.50
CA ILE E 20 -24.61 -12.03 19.04
C ILE E 20 -24.38 -11.16 17.82
N ALA E 21 -23.43 -10.24 17.93
CA ALA E 21 -23.17 -9.31 16.83
C ALA E 21 -22.75 -10.01 15.56
N ILE E 22 -21.89 -11.03 15.66
CA ILE E 22 -21.50 -11.79 14.47
C ILE E 22 -22.74 -12.25 13.71
N ASN E 23 -23.66 -12.90 14.42
CA ASN E 23 -24.81 -13.52 13.76
C ASN E 23 -25.83 -12.48 13.30
N GLN E 24 -26.04 -11.45 14.12
CA GLN E 24 -26.98 -10.39 13.77
C GLN E 24 -26.49 -9.64 12.54
N TYR E 25 -25.20 -9.26 12.52
CA TYR E 25 -24.66 -8.53 11.37
C TYR E 25 -24.61 -9.43 10.15
N PHE E 26 -24.32 -10.71 10.34
CA PHE E 26 -24.26 -11.58 9.16
C PHE E 26 -25.64 -11.76 8.55
N LEU E 27 -26.65 -11.96 9.38
CA LEU E 27 -28.01 -12.10 8.88
C LEU E 27 -28.49 -10.80 8.23
N HIS E 28 -28.22 -9.66 8.87
CA HIS E 28 -28.59 -8.39 8.25
C HIS E 28 -27.92 -8.23 6.88
N SER E 29 -26.63 -8.60 6.80
CA SER E 29 -25.89 -8.49 5.54
C SER E 29 -26.56 -9.30 4.44
N ARG E 30 -26.95 -10.53 4.76
CA ARG E 30 -27.53 -11.41 3.74
C ARG E 30 -28.99 -11.05 3.43
N MET E 31 -29.70 -10.47 4.39
CA MET E 31 -31.01 -9.88 4.07
C MET E 31 -30.87 -8.71 3.10
N TRP E 32 -29.94 -7.80 3.37
CA TRP E 32 -29.74 -6.67 2.46
C TRP E 32 -29.30 -7.14 1.09
N ASN E 33 -28.41 -8.13 1.03
CA ASN E 33 -28.01 -8.66 -0.26
C ASN E 33 -29.19 -9.27 -1.01
N ASP E 34 -30.02 -10.05 -0.30
CA ASP E 34 -31.22 -10.63 -0.90
C ASP E 34 -32.13 -9.55 -1.48
N TRP E 35 -32.23 -8.40 -0.81
CA TRP E 35 -33.11 -7.32 -1.26
C TRP E 35 -32.47 -6.43 -2.32
N GLY E 36 -31.23 -6.72 -2.70
CA GLY E 36 -30.56 -5.95 -3.73
C GLY E 36 -29.84 -4.73 -3.21
N LEU E 37 -29.73 -4.57 -1.90
CA LEU E 37 -29.05 -3.42 -1.31
C LEU E 37 -27.61 -3.82 -0.99
N LYS E 38 -26.84 -4.06 -2.06
CA LYS E 38 -25.54 -4.74 -1.93
C LYS E 38 -24.46 -3.89 -1.25
N ARG E 39 -24.57 -2.57 -1.28
CA ARG E 39 -23.58 -1.77 -0.57
C ARG E 39 -23.77 -1.90 0.94
N LEU E 40 -25.04 -1.92 1.39
CA LEU E 40 -25.33 -2.20 2.79
C LEU E 40 -24.91 -3.62 3.15
N GLY E 41 -25.24 -4.58 2.29
CA GLY E 41 -24.87 -5.96 2.57
C GLY E 41 -23.37 -6.15 2.71
N ALA E 42 -22.58 -5.52 1.82
CA ALA E 42 -21.13 -5.65 1.91
C ALA E 42 -20.58 -4.94 3.15
N HIS E 43 -21.11 -3.76 3.46
CA HIS E 43 -20.63 -3.06 4.63
C HIS E 43 -20.94 -3.85 5.91
N GLU E 44 -22.16 -4.40 5.98
CA GLU E 44 -22.56 -5.18 7.15
C GLU E 44 -21.81 -6.50 7.22
N TYR E 45 -21.47 -7.09 6.07
CA TYR E 45 -20.59 -8.26 6.07
C TYR E 45 -19.25 -7.93 6.73
N HIS E 46 -18.65 -6.81 6.36
CA HIS E 46 -17.37 -6.46 6.96
C HIS E 46 -17.49 -6.15 8.45
N GLU E 47 -18.61 -5.58 8.89
CA GLU E 47 -18.84 -5.41 10.33
C GLU E 47 -18.84 -6.76 11.02
N SER E 48 -19.53 -7.74 10.44
CA SER E 48 -19.57 -9.10 10.99
C SER E 48 -18.16 -9.71 11.09
N ILE E 49 -17.37 -9.56 10.02
CA ILE E 49 -16.00 -10.07 10.03
C ILE E 49 -15.20 -9.38 11.12
N ASP E 50 -15.35 -8.06 11.25
CA ASP E 50 -14.65 -7.37 12.33
C ASP E 50 -14.98 -7.96 13.70
N GLU E 51 -16.25 -8.31 13.92
CA GLU E 51 -16.63 -8.88 15.21
C GLU E 51 -16.07 -10.29 15.37
N MET E 52 -15.97 -11.06 14.28
CA MET E 52 -15.28 -12.35 14.33
C MET E 52 -13.82 -12.20 14.75
N LYS E 53 -13.14 -11.20 14.21
CA LYS E 53 -11.76 -10.96 14.60
C LYS E 53 -11.65 -10.61 16.08
N HIS E 54 -12.54 -9.74 16.57
CA HIS E 54 -12.59 -9.43 18.00
C HIS E 54 -12.81 -10.69 18.83
N ALA E 55 -13.76 -11.53 18.42
CA ALA E 55 -14.05 -12.75 19.17
C ALA E 55 -12.84 -13.66 19.22
N ASP E 56 -12.10 -13.73 18.11
CA ASP E 56 -10.88 -14.54 18.04
C ASP E 56 -9.88 -14.04 19.09
N LYS E 57 -9.66 -12.72 19.14
CA LYS E 57 -8.68 -12.20 20.09
C LYS E 57 -9.12 -12.44 21.53
N LEU E 58 -10.42 -12.33 21.80
CA LEU E 58 -10.93 -12.59 23.15
C LEU E 58 -10.77 -14.05 23.55
N ILE E 59 -11.09 -14.97 22.65
CA ILE E 59 -10.90 -16.39 22.92
C ILE E 59 -9.43 -16.66 23.22
N GLU E 60 -8.54 -16.13 22.38
CA GLU E 60 -7.12 -16.35 22.59
C GLU E 60 -6.65 -15.80 23.94
N ARG E 61 -7.12 -14.60 24.30
CA ARG E 61 -6.75 -14.00 25.60
C ARG E 61 -7.26 -14.83 26.78
N ILE E 62 -8.53 -15.23 26.71
CA ILE E 62 -9.11 -16.07 27.77
C ILE E 62 -8.29 -17.34 27.98
N LEU E 63 -7.95 -18.01 26.88
CA LEU E 63 -7.19 -19.26 26.98
C LEU E 63 -5.80 -19.02 27.55
N PHE E 64 -5.15 -17.93 27.15
CA PHE E 64 -3.86 -17.60 27.74
C PHE E 64 -3.98 -17.40 29.24
N LEU E 65 -5.06 -16.75 29.69
CA LEU E 65 -5.35 -16.53 31.10
C LEU E 65 -5.88 -17.77 31.81
N GLU E 66 -5.88 -18.90 31.12
CA GLU E 66 -6.26 -20.21 31.67
C GLU E 66 -7.74 -20.26 32.03
N GLY E 67 -8.57 -19.49 31.32
CA GLY E 67 -10.00 -19.62 31.42
C GLY E 67 -10.59 -20.45 30.30
N LEU E 68 -11.91 -20.69 30.39
CA LEU E 68 -12.67 -21.39 29.38
C LEU E 68 -13.52 -20.40 28.59
N PRO E 69 -13.24 -20.20 27.29
CA PRO E 69 -14.08 -19.29 26.50
C PRO E 69 -15.48 -19.87 26.29
N ASN E 70 -16.49 -19.05 26.49
CA ASN E 70 -17.87 -19.51 26.38
C ASN E 70 -18.37 -19.24 24.96
N LEU E 71 -18.36 -20.27 24.11
CA LEU E 71 -18.96 -20.17 22.79
C LEU E 71 -20.30 -20.88 22.71
N GLN E 72 -20.87 -21.24 23.86
CA GLN E 72 -22.09 -22.03 23.95
C GLN E 72 -23.33 -21.19 24.13
N ASP E 73 -23.24 -20.10 24.89
CA ASP E 73 -24.41 -19.31 25.25
C ASP E 73 -24.55 -18.15 24.26
N LEU E 74 -25.71 -18.09 23.61
CA LEU E 74 -25.98 -17.08 22.59
C LEU E 74 -27.22 -16.31 23.02
N GLY E 75 -27.04 -15.02 23.30
CA GLY E 75 -28.13 -14.15 23.66
C GLY E 75 -29.01 -13.82 22.46
N LYS E 76 -29.97 -12.93 22.72
CA LYS E 76 -31.03 -12.62 21.77
C LYS E 76 -30.51 -11.76 20.64
N LEU E 77 -30.64 -12.25 19.41
CA LEU E 77 -30.40 -11.42 18.23
C LEU E 77 -31.50 -10.37 18.07
N LEU E 78 -31.12 -9.17 17.64
CA LEU E 78 -32.05 -8.08 17.34
C LEU E 78 -32.06 -7.87 15.83
N ILE E 79 -33.09 -8.40 15.16
CA ILE E 79 -33.09 -8.45 13.70
C ILE E 79 -33.89 -7.30 13.08
N GLY E 80 -35.19 -7.27 13.25
CA GLY E 80 -35.93 -6.18 12.63
C GLY E 80 -36.27 -6.43 11.17
N GLU E 81 -37.21 -5.63 10.67
CA GLU E 81 -37.96 -5.98 9.49
C GLU E 81 -37.77 -5.06 8.30
N ASN E 82 -37.00 -4.00 8.45
CA ASN E 82 -36.68 -3.10 7.33
C ASN E 82 -35.36 -2.42 7.67
N THR E 83 -34.86 -1.65 6.70
CA THR E 83 -33.50 -1.12 6.81
C THR E 83 -33.36 -0.24 8.04
N GLN E 84 -34.31 0.66 8.28
CA GLN E 84 -34.19 1.55 9.44
C GLN E 84 -34.16 0.77 10.74
N GLU E 85 -35.03 -0.22 10.87
CA GLU E 85 -35.05 -1.02 12.09
C GLU E 85 -33.76 -1.84 12.23
N MET E 86 -33.26 -2.36 11.12
CA MET E 86 -32.05 -3.16 11.18
C MET E 86 -30.87 -2.32 11.66
N LEU E 87 -30.77 -1.09 11.16
CA LEU E 87 -29.73 -0.18 11.62
C LEU E 87 -29.90 0.17 13.09
N GLN E 88 -31.14 0.42 13.52
CA GLN E 88 -31.38 0.77 14.91
C GLN E 88 -31.12 -0.43 15.84
N CYS E 89 -31.46 -1.63 15.39
CA CYS E 89 -31.11 -2.84 16.14
C CYS E 89 -29.60 -3.01 16.29
N ASP E 90 -28.84 -2.77 15.23
CA ASP E 90 -27.38 -2.79 15.33
C ASP E 90 -26.91 -1.75 16.33
N LEU E 91 -27.48 -0.55 16.28
CA LEU E 91 -27.04 0.51 17.19
C LEU E 91 -27.38 0.18 18.64
N ASN E 92 -28.58 -0.35 18.89
CA ASN E 92 -28.92 -0.79 20.24
C ASN E 92 -27.93 -1.83 20.78
N LEU E 93 -27.56 -2.81 19.94
CA LEU E 93 -26.57 -3.81 20.35
C LEU E 93 -25.21 -3.17 20.65
N GLU E 94 -24.75 -2.27 19.78
CA GLU E 94 -23.46 -1.61 19.97
C GLU E 94 -23.42 -0.79 21.26
N LEU E 95 -24.51 -0.08 21.57
CA LEU E 95 -24.55 0.69 22.80
C LEU E 95 -24.49 -0.23 24.02
N LYS E 96 -25.10 -1.41 23.93
CA LYS E 96 -24.96 -2.38 25.01
C LYS E 96 -23.54 -2.93 25.09
N ALA E 97 -22.95 -3.20 23.93
CA ALA E 97 -21.58 -3.71 23.88
C ALA E 97 -20.59 -2.71 24.45
N THR E 98 -20.77 -1.43 24.16
CA THR E 98 -19.76 -0.48 24.64
C THR E 98 -19.93 -0.22 26.12
N LYS E 99 -21.15 -0.31 26.64
CA LYS E 99 -21.35 -0.23 28.08
C LYS E 99 -20.58 -1.36 28.78
N ASP E 100 -20.73 -2.58 28.27
CA ASP E 100 -20.05 -3.71 28.87
C ASP E 100 -18.53 -3.60 28.72
N LEU E 101 -18.06 -3.05 27.59
CA LEU E 101 -16.63 -2.86 27.39
C LEU E 101 -16.06 -1.89 28.43
N ARG E 102 -16.79 -0.81 28.71
CA ARG E 102 -16.30 0.15 29.69
C ARG E 102 -16.25 -0.46 31.09
N GLU E 103 -17.26 -1.23 31.45
CA GLU E 103 -17.26 -1.86 32.76
C GLU E 103 -16.13 -2.86 32.86
N ALA E 104 -15.84 -3.57 31.77
CA ALA E 104 -14.76 -4.54 31.78
C ALA E 104 -13.41 -3.84 31.92
N ILE E 105 -13.23 -2.69 31.23
CA ILE E 105 -11.96 -1.96 31.33
C ILE E 105 -11.73 -1.48 32.75
N VAL E 106 -12.79 -0.95 33.40
CA VAL E 106 -12.66 -0.55 34.81
C VAL E 106 -12.06 -1.67 35.63
N HIS E 107 -12.62 -2.87 35.49
CA HIS E 107 -12.16 -3.97 36.33
C HIS E 107 -10.74 -4.38 35.97
N CYS E 108 -10.40 -4.44 34.67
CA CYS E 108 -9.02 -4.77 34.28
C CYS E 108 -8.04 -3.79 34.88
N GLU E 109 -8.39 -2.50 34.90
CA GLU E 109 -7.52 -1.48 35.46
C GLU E 109 -7.34 -1.70 36.97
N GLN E 110 -8.42 -2.06 37.65
CA GLN E 110 -8.39 -2.21 39.10
C GLN E 110 -7.55 -3.41 39.53
N VAL E 111 -7.50 -4.49 38.75
CA VAL E 111 -6.66 -5.64 39.07
C VAL E 111 -5.35 -5.66 38.27
N HIS E 112 -5.01 -4.56 37.60
CA HIS E 112 -3.71 -4.38 36.95
C HIS E 112 -3.48 -5.30 35.75
N ASP E 113 -4.55 -5.75 35.11
CA ASP E 113 -4.42 -6.52 33.87
C ASP E 113 -4.44 -5.51 32.72
N TYR E 114 -3.30 -4.85 32.56
CA TYR E 114 -3.17 -3.77 31.62
C TYR E 114 -3.18 -4.25 30.17
N VAL E 115 -2.80 -5.51 29.93
CA VAL E 115 -2.86 -6.02 28.55
C VAL E 115 -4.29 -6.31 28.14
N SER E 116 -5.07 -6.95 29.03
CA SER E 116 -6.50 -7.12 28.75
C SER E 116 -7.19 -5.78 28.54
N ARG E 117 -6.85 -4.77 29.34
CA ARG E 117 -7.40 -3.43 29.14
C ARG E 117 -7.10 -2.92 27.74
N ASP E 118 -5.86 -3.11 27.28
CA ASP E 118 -5.47 -2.59 25.97
C ASP E 118 -6.23 -3.26 24.84
N LEU E 119 -6.40 -4.59 24.94
CA LEU E 119 -7.25 -5.29 23.99
C LEU E 119 -8.68 -4.73 23.98
N LEU E 120 -9.27 -4.55 25.16
CA LEU E 120 -10.64 -4.08 25.21
C LEU E 120 -10.76 -2.65 24.70
N LYS E 121 -9.76 -1.83 24.97
CA LYS E 121 -9.76 -0.46 24.45
C LYS E 121 -9.74 -0.46 22.92
N ASP E 122 -8.91 -1.32 22.33
CA ASP E 122 -8.89 -1.46 20.87
C ASP E 122 -10.24 -1.89 20.33
N ILE E 123 -10.88 -2.88 20.97
CA ILE E 123 -12.20 -3.29 20.55
C ILE E 123 -13.19 -2.14 20.68
N LEU E 124 -13.10 -1.37 21.78
CA LEU E 124 -14.03 -0.26 21.99
C LEU E 124 -13.88 0.80 20.91
N GLU E 125 -12.64 1.05 20.47
CA GLU E 125 -12.42 1.98 19.37
C GLU E 125 -13.12 1.53 18.12
N SER E 126 -13.06 0.23 17.82
CA SER E 126 -13.76 -0.31 16.67
CA SER E 126 -13.76 -0.30 16.66
C SER E 126 -15.27 -0.18 16.83
N GLU E 127 -15.78 -0.49 18.04
CA GLU E 127 -17.22 -0.37 18.23
C GLU E 127 -17.69 1.08 18.14
N GLU E 128 -16.91 2.04 18.67
CA GLU E 128 -17.29 3.44 18.51
C GLU E 128 -17.27 3.87 17.05
N GLU E 129 -16.36 3.33 16.24
CA GLU E 129 -16.43 3.58 14.80
C GLU E 129 -17.72 3.03 14.21
N HIS E 130 -18.14 1.82 14.63
CA HIS E 130 -19.40 1.26 14.16
C HIS E 130 -20.58 2.14 14.57
N ILE E 131 -20.55 2.65 15.81
CA ILE E 131 -21.60 3.55 16.27
C ILE E 131 -21.66 4.81 15.41
N ASP E 132 -20.50 5.39 15.11
CA ASP E 132 -20.44 6.55 14.24
C ASP E 132 -21.10 6.25 12.89
N TYR E 133 -20.73 5.12 12.30
CA TYR E 133 -21.32 4.68 11.04
C TYR E 133 -22.84 4.60 11.15
N LEU E 134 -23.34 3.89 12.18
CA LEU E 134 -24.79 3.67 12.29
C LEU E 134 -25.55 4.97 12.49
N GLU E 135 -25.07 5.83 13.38
CA GLU E 135 -25.75 7.09 13.66
C GLU E 135 -25.77 7.93 12.40
N THR E 136 -24.69 7.88 11.63
CA THR E 136 -24.60 8.65 10.39
C THR E 136 -25.61 8.13 9.38
N GLN E 137 -25.75 6.80 9.26
CA GLN E 137 -26.71 6.24 8.31
C GLN E 137 -28.13 6.64 8.67
N LEU E 138 -28.46 6.53 9.95
CA LEU E 138 -29.79 6.91 10.41
C LEU E 138 -30.03 8.40 10.17
N GLY E 139 -29.02 9.24 10.39
CA GLY E 139 -29.15 10.66 10.03
C GLY E 139 -29.33 10.89 8.54
N LEU E 140 -28.60 10.16 7.72
CA LEU E 140 -28.70 10.33 6.27
C LEU E 140 -30.10 9.97 5.78
N ILE E 141 -30.70 8.92 6.33
CA ILE E 141 -32.07 8.59 5.95
C ILE E 141 -32.97 9.81 6.15
N GLN E 142 -32.74 10.56 7.22
CA GLN E 142 -33.54 11.75 7.46
C GLN E 142 -33.19 12.86 6.48
N LYS E 143 -31.93 12.99 6.13
CA LYS E 143 -31.54 14.13 5.30
C LYS E 143 -31.87 13.92 3.83
N VAL E 144 -31.66 12.71 3.28
CA VAL E 144 -31.88 12.48 1.86
C VAL E 144 -33.17 11.73 1.58
N GLY E 145 -33.87 11.29 2.61
CA GLY E 145 -35.07 10.49 2.41
C GLY E 145 -34.76 9.01 2.23
N LEU E 146 -35.70 8.17 2.63
CA LEU E 146 -35.43 6.74 2.65
C LEU E 146 -35.19 6.19 1.24
N GLU E 147 -35.98 6.68 0.27
CA GLU E 147 -35.90 6.18 -1.10
CA GLU E 147 -35.87 6.12 -1.07
C GLU E 147 -34.52 6.42 -1.68
N ASN E 148 -34.00 7.66 -1.51
CA ASN E 148 -32.66 7.97 -1.99
C ASN E 148 -31.59 7.22 -1.18
N TYR E 149 -31.80 7.13 0.14
CA TYR E 149 -30.83 6.41 0.97
C TYR E 149 -30.66 4.98 0.46
N LEU E 150 -31.78 4.29 0.25
CA LEU E 150 -31.68 2.92 -0.23
C LEU E 150 -31.09 2.86 -1.62
N GLN E 151 -31.47 3.80 -2.49
CA GLN E 151 -30.92 3.85 -3.85
C GLN E 151 -29.41 3.90 -3.80
N SER E 152 -28.87 4.77 -2.96
CA SER E 152 -27.44 4.96 -2.87
C SER E 152 -26.73 3.73 -2.30
N HIS E 153 -27.48 2.72 -1.80
CA HIS E 153 -26.88 1.49 -1.27
C HIS E 153 -27.22 0.26 -2.11
N MET E 154 -27.65 0.46 -3.37
CA MET E 154 -27.95 -0.68 -4.24
C MET E 154 -26.69 -1.33 -4.77
N HIS E 155 -25.76 -0.52 -5.25
CA HIS E 155 -24.58 -1.02 -5.94
C HIS E 155 -23.35 -0.88 -5.04
N GLU E 156 -22.52 -1.92 -5.01
CA GLU E 156 -21.28 -1.88 -4.25
C GLU E 156 -20.36 -0.77 -4.77
N MET F 1 -22.79 10.26 19.04
CA MET F 1 -22.89 9.58 20.37
C MET F 1 -22.81 10.65 21.45
N LYS F 2 -23.71 10.64 22.41
CA LYS F 2 -23.79 11.77 23.34
C LYS F 2 -22.60 11.70 24.31
N GLY F 3 -21.69 12.67 24.20
CA GLY F 3 -20.51 12.69 25.04
C GLY F 3 -20.74 13.37 26.38
N ASP F 4 -19.80 13.14 27.29
CA ASP F 4 -19.76 13.84 28.56
C ASP F 4 -19.46 15.32 28.34
N LYS F 5 -20.30 16.19 28.91
CA LYS F 5 -20.16 17.63 28.67
C LYS F 5 -18.79 18.15 29.08
N LYS F 6 -18.27 17.71 30.24
CA LYS F 6 -16.97 18.19 30.68
C LYS F 6 -15.85 17.62 29.83
N VAL F 7 -15.98 16.39 29.32
CA VAL F 7 -14.99 15.90 28.34
C VAL F 7 -14.92 16.84 27.16
N ILE F 8 -16.09 17.21 26.63
CA ILE F 8 -16.14 18.12 25.49
C ILE F 8 -15.48 19.45 25.85
N GLN F 9 -15.77 19.97 27.04
CA GLN F 9 -15.10 21.19 27.46
C GLN F 9 -13.58 21.00 27.51
N HIS F 10 -13.11 19.87 28.01
CA HIS F 10 -11.67 19.66 28.03
C HIS F 10 -11.12 19.56 26.61
N LEU F 11 -11.81 18.84 25.73
CA LEU F 11 -11.34 18.73 24.34
C LEU F 11 -11.29 20.09 23.68
N ASN F 12 -12.27 20.96 23.94
CA ASN F 12 -12.21 22.31 23.39
C ASN F 12 -11.08 23.13 23.98
N LYS F 13 -10.74 22.89 25.25
CA LYS F 13 -9.60 23.58 25.82
C LYS F 13 -8.32 23.14 25.14
N ILE F 14 -8.18 21.83 24.89
CA ILE F 14 -7.01 21.32 24.17
C ILE F 14 -6.97 21.91 22.77
N LEU F 15 -8.11 21.87 22.08
CA LEU F 15 -8.20 22.48 20.75
C LEU F 15 -7.77 23.94 20.76
N GLY F 16 -8.20 24.71 21.76
CA GLY F 16 -7.78 26.10 21.87
C GLY F 16 -6.27 26.26 21.95
N ASN F 17 -5.60 25.34 22.68
CA ASN F 17 -4.13 25.38 22.75
C ASN F 17 -3.51 25.06 21.39
N GLU F 18 -4.09 24.09 20.68
CA GLU F 18 -3.60 23.75 19.35
C GLU F 18 -3.72 24.92 18.39
N LEU F 19 -4.83 25.68 18.48
CA LEU F 19 -5.00 26.79 17.55
C LEU F 19 -3.94 27.86 17.78
N ILE F 20 -3.62 28.15 19.05
CA ILE F 20 -2.50 29.05 19.35
C ILE F 20 -1.21 28.48 18.74
N ALA F 21 -0.95 27.19 19.01
CA ALA F 21 0.30 26.58 18.55
C ALA F 21 0.41 26.60 17.03
N ILE F 22 -0.69 26.32 16.33
CA ILE F 22 -0.64 26.33 14.86
C ILE F 22 -0.09 27.67 14.40
N ASN F 23 -0.66 28.76 14.91
CA ASN F 23 -0.29 30.08 14.42
C ASN F 23 1.09 30.51 14.94
N GLN F 24 1.38 30.20 16.18
CA GLN F 24 2.68 30.57 16.75
C GLN F 24 3.81 29.87 16.01
N TYR F 25 3.67 28.57 15.79
CA TYR F 25 4.69 27.83 15.09
C TYR F 25 4.76 28.25 13.63
N PHE F 26 3.61 28.51 13.01
CA PHE F 26 3.66 28.93 11.62
C PHE F 26 4.38 30.26 11.47
N LEU F 27 4.06 31.22 12.34
CA LEU F 27 4.72 32.52 12.24
C LEU F 27 6.21 32.37 12.51
N HIS F 28 6.57 31.62 13.56
CA HIS F 28 7.99 31.39 13.85
C HIS F 28 8.69 30.78 12.64
N SER F 29 8.06 29.79 12.00
CA SER F 29 8.65 29.16 10.83
C SER F 29 8.95 30.20 9.76
N ARG F 30 7.97 31.07 9.48
CA ARG F 30 8.13 32.02 8.41
C ARG F 30 9.09 33.13 8.79
N MET F 31 9.20 33.45 10.08
CA MET F 31 10.24 34.38 10.51
C MET F 31 11.62 33.78 10.26
N TRP F 32 11.83 32.55 10.73
CA TRP F 32 13.12 31.88 10.52
C TRP F 32 13.45 31.74 9.04
N ASN F 33 12.47 31.43 8.19
CA ASN F 33 12.73 31.38 6.76
C ASN F 33 13.13 32.75 6.22
N ASP F 34 12.42 33.80 6.64
CA ASP F 34 12.76 35.14 6.18
C ASP F 34 14.19 35.53 6.57
N TRP F 35 14.68 35.06 7.71
CA TRP F 35 16.03 35.36 8.18
C TRP F 35 17.10 34.43 7.60
N GLY F 36 16.72 33.47 6.77
CA GLY F 36 17.68 32.55 6.19
C GLY F 36 17.99 31.33 7.04
N LEU F 37 17.25 31.12 8.11
CA LEU F 37 17.49 29.97 8.98
C LEU F 37 16.52 28.85 8.59
N LYS F 38 16.77 28.29 7.40
CA LYS F 38 15.76 27.48 6.74
C LYS F 38 15.60 26.12 7.39
N ARG F 39 16.62 25.62 8.09
CA ARG F 39 16.44 24.35 8.78
C ARG F 39 15.48 24.52 9.96
N LEU F 40 15.63 25.62 10.71
CA LEU F 40 14.65 25.93 11.76
C LEU F 40 13.28 26.19 11.15
N GLY F 41 13.25 26.94 10.05
CA GLY F 41 11.97 27.24 9.41
C GLY F 41 11.22 25.97 9.03
N ALA F 42 11.94 25.02 8.42
CA ALA F 42 11.31 23.79 7.97
C ALA F 42 10.86 22.94 9.14
N HIS F 43 11.68 22.83 10.18
CA HIS F 43 11.30 22.00 11.31
C HIS F 43 10.08 22.59 12.00
N GLU F 44 10.07 23.92 12.14
CA GLU F 44 8.95 24.57 12.80
C GLU F 44 7.68 24.51 11.95
N TYR F 45 7.83 24.56 10.62
CA TYR F 45 6.71 24.29 9.73
C TYR F 45 6.09 22.93 10.03
N HIS F 46 6.93 21.91 10.11
CA HIS F 46 6.40 20.57 10.36
C HIS F 46 5.76 20.46 11.73
N GLU F 47 6.26 21.22 12.71
CA GLU F 47 5.61 21.28 14.02
C GLU F 47 4.20 21.89 13.89
N SER F 48 4.07 22.95 13.09
CA SER F 48 2.77 23.58 12.88
C SER F 48 1.81 22.61 12.22
N ILE F 49 2.28 21.88 11.20
CA ILE F 49 1.46 20.86 10.54
C ILE F 49 1.03 19.78 11.53
N ASP F 50 1.96 19.31 12.37
CA ASP F 50 1.59 18.35 13.41
C ASP F 50 0.40 18.84 14.23
N GLU F 51 0.44 20.11 14.67
CA GLU F 51 -0.64 20.63 15.50
C GLU F 51 -1.93 20.76 14.72
N MET F 52 -1.86 21.10 13.43
CA MET F 52 -3.04 21.10 12.58
C MET F 52 -3.69 19.72 12.55
N LYS F 53 -2.88 18.67 12.45
CA LYS F 53 -3.45 17.33 12.43
C LYS F 53 -4.06 16.97 13.77
N HIS F 54 -3.45 17.40 14.87
CA HIS F 54 -4.07 17.19 16.19
C HIS F 54 -5.40 17.92 16.29
N ALA F 55 -5.45 19.17 15.84
CA ALA F 55 -6.69 19.94 15.90
C ALA F 55 -7.77 19.26 15.09
N ASP F 56 -7.41 18.75 13.92
CA ASP F 56 -8.36 18.00 13.09
C ASP F 56 -8.96 16.84 13.87
N LYS F 57 -8.12 16.01 14.48
CA LYS F 57 -8.65 14.86 15.21
C LYS F 57 -9.51 15.30 16.39
N LEU F 58 -9.14 16.40 17.06
CA LEU F 58 -9.95 16.89 18.17
C LEU F 58 -11.31 17.38 17.68
N ILE F 59 -11.32 18.12 16.58
CA ILE F 59 -12.58 18.60 16.01
C ILE F 59 -13.48 17.43 15.66
N GLU F 60 -12.91 16.41 15.03
CA GLU F 60 -13.67 15.23 14.63
C GLU F 60 -14.24 14.51 15.85
N ARG F 61 -13.46 14.36 16.91
CA ARG F 61 -13.94 13.71 18.13
C ARG F 61 -15.04 14.53 18.79
N ILE F 62 -14.87 15.84 18.88
CA ILE F 62 -15.88 16.68 19.52
C ILE F 62 -17.20 16.56 18.77
N LEU F 63 -17.15 16.58 17.45
CA LEU F 63 -18.39 16.44 16.66
C LEU F 63 -19.03 15.08 16.85
N PHE F 64 -18.22 14.01 16.87
CA PHE F 64 -18.76 12.67 17.11
C PHE F 64 -19.50 12.62 18.45
N LEU F 65 -18.95 13.29 19.48
CA LEU F 65 -19.53 13.35 20.82
C LEU F 65 -20.68 14.34 20.91
N GLU F 66 -21.03 14.97 19.79
CA GLU F 66 -22.17 15.86 19.66
C GLU F 66 -21.96 17.16 20.41
N GLY F 67 -20.70 17.61 20.47
CA GLY F 67 -20.39 18.94 20.94
C GLY F 67 -20.12 19.89 19.78
N LEU F 68 -19.85 21.16 20.14
CA LEU F 68 -19.54 22.20 19.16
C LEU F 68 -18.07 22.54 19.29
N PRO F 69 -17.24 22.31 18.27
CA PRO F 69 -15.82 22.64 18.41
C PRO F 69 -15.66 24.14 18.34
N ASN F 70 -14.81 24.66 19.21
CA ASN F 70 -14.61 26.10 19.32
C ASN F 70 -13.40 26.49 18.47
N LEU F 71 -13.64 27.00 17.27
CA LEU F 71 -12.57 27.52 16.43
C LEU F 71 -12.55 29.04 16.42
N GLN F 72 -13.27 29.67 17.34
CA GLN F 72 -13.50 31.11 17.35
C GLN F 72 -12.58 31.84 18.31
N ASP F 73 -12.29 31.25 19.46
CA ASP F 73 -11.52 31.90 20.52
C ASP F 73 -10.04 31.53 20.39
N LEU F 74 -9.22 32.52 20.06
CA LEU F 74 -7.79 32.34 19.93
C LEU F 74 -7.11 33.06 21.09
N GLY F 75 -6.39 32.30 21.92
CA GLY F 75 -5.63 32.85 23.01
C GLY F 75 -4.36 33.53 22.54
N LYS F 76 -3.55 33.94 23.52
CA LYS F 76 -2.42 34.82 23.26
C LYS F 76 -1.26 34.06 22.60
N LEU F 77 -0.83 34.54 21.43
CA LEU F 77 0.38 34.04 20.80
C LEU F 77 1.62 34.52 21.54
N LEU F 78 2.61 33.63 21.69
CA LEU F 78 3.90 33.94 22.31
C LEU F 78 4.96 33.92 21.21
N ILE F 79 5.36 35.09 20.72
CA ILE F 79 6.22 35.12 19.54
C ILE F 79 7.71 35.24 19.89
N GLY F 80 8.13 36.32 20.51
CA GLY F 80 9.55 36.46 20.76
C GLY F 80 10.30 37.07 19.58
N GLU F 81 11.48 37.63 19.88
CA GLU F 81 12.15 38.55 18.97
C GLU F 81 13.48 38.04 18.44
N ASN F 82 13.95 36.91 18.93
CA ASN F 82 15.14 36.26 18.40
C ASN F 82 14.98 34.75 18.58
N THR F 83 15.97 34.01 18.07
CA THR F 83 15.84 32.55 18.00
C THR F 83 15.70 31.93 19.37
N GLN F 84 16.50 32.37 20.34
CA GLN F 84 16.41 31.77 21.65
C GLN F 84 15.05 32.03 22.30
N GLU F 85 14.51 33.25 22.14
CA GLU F 85 13.22 33.58 22.73
C GLU F 85 12.12 32.81 22.05
N MET F 86 12.21 32.68 20.74
CA MET F 86 11.19 31.95 19.98
C MET F 86 11.13 30.50 20.44
N LEU F 87 12.28 29.86 20.62
CA LEU F 87 12.29 28.50 21.12
C LEU F 87 11.73 28.43 22.53
N GLN F 88 12.05 29.41 23.36
CA GLN F 88 11.55 29.38 24.73
C GLN F 88 10.04 29.61 24.74
N CYS F 89 9.55 30.48 23.86
CA CYS F 89 8.10 30.69 23.76
C CYS F 89 7.38 29.40 23.33
N ASP F 90 7.91 28.70 22.34
CA ASP F 90 7.35 27.40 21.98
C ASP F 90 7.35 26.46 23.18
N LEU F 91 8.45 26.42 23.94
CA LEU F 91 8.51 25.51 25.08
C LEU F 91 7.50 25.90 26.16
N ASN F 92 7.39 27.18 26.47
CA ASN F 92 6.37 27.58 27.45
C ASN F 92 4.97 27.17 26.99
N LEU F 93 4.66 27.35 25.70
CA LEU F 93 3.36 26.93 25.21
C LEU F 93 3.18 25.42 25.37
N GLU F 94 4.20 24.63 25.01
CA GLU F 94 4.10 23.18 25.08
C GLU F 94 3.87 22.71 26.51
N LEU F 95 4.50 23.37 27.48
CA LEU F 95 4.36 22.93 28.87
C LEU F 95 2.96 23.22 29.39
N LYS F 96 2.39 24.36 29.01
CA LYS F 96 0.97 24.59 29.29
C LYS F 96 0.11 23.53 28.61
N ALA F 97 0.43 23.23 27.34
CA ALA F 97 -0.37 22.27 26.58
C ALA F 97 -0.35 20.88 27.23
N THR F 98 0.82 20.42 27.68
CA THR F 98 0.86 19.08 28.25
C THR F 98 0.18 19.04 29.61
N LYS F 99 0.27 20.13 30.37
CA LYS F 99 -0.49 20.21 31.62
C LYS F 99 -1.98 20.05 31.35
N ASP F 100 -2.49 20.78 30.35
CA ASP F 100 -3.90 20.67 30.02
C ASP F 100 -4.27 19.28 29.52
N LEU F 101 -3.38 18.65 28.74
CA LEU F 101 -3.65 17.30 28.26
C LEU F 101 -3.76 16.33 29.41
N ARG F 102 -2.85 16.41 30.38
CA ARG F 102 -2.92 15.47 31.49
C ARG F 102 -4.21 15.64 32.28
N GLU F 103 -4.62 16.88 32.52
CA GLU F 103 -5.86 17.11 33.27
C GLU F 103 -7.05 16.56 32.51
N ALA F 104 -7.04 16.72 31.18
CA ALA F 104 -8.11 16.19 30.36
C ALA F 104 -8.15 14.67 30.40
N ILE F 105 -6.97 14.03 30.40
CA ILE F 105 -6.94 12.56 30.46
C ILE F 105 -7.52 12.06 31.78
N VAL F 106 -7.19 12.75 32.88
CA VAL F 106 -7.77 12.37 34.18
C VAL F 106 -9.30 12.34 34.08
N HIS F 107 -9.87 13.39 33.48
CA HIS F 107 -11.32 13.44 33.45
C HIS F 107 -11.91 12.41 32.50
N CYS F 108 -11.26 12.17 31.34
CA CYS F 108 -11.71 11.09 30.46
C CYS F 108 -11.73 9.76 31.20
N GLU F 109 -10.67 9.47 31.93
CA GLU F 109 -10.60 8.22 32.69
C GLU F 109 -11.74 8.14 33.69
N GLN F 110 -11.98 9.24 34.42
CA GLN F 110 -13.01 9.26 35.45
C GLN F 110 -14.39 8.92 34.90
N VAL F 111 -14.73 9.39 33.69
CA VAL F 111 -16.06 9.15 33.14
C VAL F 111 -16.05 8.02 32.10
N HIS F 112 -14.96 7.26 32.04
CA HIS F 112 -14.86 6.05 31.22
C HIS F 112 -14.88 6.35 29.71
N ASP F 113 -14.43 7.54 29.30
CA ASP F 113 -14.28 7.85 27.87
C ASP F 113 -12.86 7.44 27.47
N TYR F 114 -12.69 6.13 27.32
CA TYR F 114 -11.37 5.59 27.08
C TYR F 114 -10.85 5.89 25.68
N VAL F 115 -11.74 6.14 24.70
CA VAL F 115 -11.28 6.46 23.35
C VAL F 115 -10.77 7.89 23.29
N SER F 116 -11.47 8.84 23.94
CA SER F 116 -10.93 10.20 24.03
C SER F 116 -9.58 10.19 24.74
N ARG F 117 -9.47 9.44 25.84
CA ARG F 117 -8.19 9.31 26.53
C ARG F 117 -7.08 8.87 25.57
N ASP F 118 -7.33 7.83 24.79
CA ASP F 118 -6.32 7.28 23.89
C ASP F 118 -5.87 8.32 22.87
N LEU F 119 -6.82 9.09 22.32
CA LEU F 119 -6.49 10.18 21.40
C LEU F 119 -5.61 11.22 22.08
N LEU F 120 -5.98 11.64 23.29
CA LEU F 120 -5.19 12.62 24.03
C LEU F 120 -3.82 12.07 24.38
N LYS F 121 -3.74 10.79 24.72
CA LYS F 121 -2.44 10.19 24.99
C LYS F 121 -1.54 10.28 23.75
N ASP F 122 -2.09 9.99 22.57
CA ASP F 122 -1.31 10.08 21.34
C ASP F 122 -0.82 11.50 21.09
N ILE F 123 -1.68 12.49 21.32
CA ILE F 123 -1.29 13.89 21.18
C ILE F 123 -0.20 14.23 22.18
N LEU F 124 -0.36 13.78 23.42
CA LEU F 124 0.63 14.02 24.46
C LEU F 124 2.00 13.45 24.06
N GLU F 125 2.01 12.27 23.46
CA GLU F 125 3.27 11.71 22.96
C GLU F 125 3.93 12.61 21.93
N SER F 126 3.14 13.16 21.01
CA SER F 126 3.69 14.10 20.04
CA SER F 126 3.70 14.10 20.04
C SER F 126 4.20 15.37 20.72
N GLU F 127 3.45 15.89 21.70
CA GLU F 127 3.87 17.12 22.38
C GLU F 127 5.16 16.90 23.19
N GLU F 128 5.30 15.74 23.84
CA GLU F 128 6.55 15.45 24.54
C GLU F 128 7.72 15.31 23.58
N GLU F 129 7.50 14.79 22.38
CA GLU F 129 8.55 14.81 21.37
C GLU F 129 8.95 16.23 21.01
N HIS F 130 7.97 17.15 20.91
CA HIS F 130 8.29 18.54 20.63
C HIS F 130 9.09 19.16 21.78
N ILE F 131 8.71 18.87 23.02
CA ILE F 131 9.46 19.38 24.17
C ILE F 131 10.89 18.86 24.13
N ASP F 132 11.06 17.58 23.84
CA ASP F 132 12.41 17.01 23.71
C ASP F 132 13.22 17.80 22.69
N TYR F 133 12.62 18.05 21.53
CA TYR F 133 13.30 18.83 20.50
C TYR F 133 13.67 20.22 21.01
N LEU F 134 12.71 20.94 21.61
CA LEU F 134 12.95 22.31 22.07
C LEU F 134 14.01 22.37 23.15
N GLU F 135 13.92 21.49 24.15
CA GLU F 135 14.93 21.50 25.21
C GLU F 135 16.31 21.20 24.64
N THR F 136 16.38 20.30 23.68
CA THR F 136 17.64 19.97 23.04
C THR F 136 18.21 21.17 22.30
N GLN F 137 17.36 21.87 21.53
CA GLN F 137 17.84 23.04 20.81
C GLN F 137 18.41 24.07 21.76
N LEU F 138 17.68 24.35 22.85
CA LEU F 138 18.16 25.32 23.83
C LEU F 138 19.47 24.88 24.47
N GLY F 139 19.61 23.58 24.77
CA GLY F 139 20.88 23.09 25.28
C GLY F 139 22.01 23.20 24.27
N LEU F 140 21.70 22.95 22.98
CA LEU F 140 22.75 23.02 21.97
C LEU F 140 23.28 24.43 21.84
N ILE F 141 22.41 25.44 21.96
CA ILE F 141 22.87 26.82 21.90
C ILE F 141 23.95 27.04 22.96
N GLN F 142 23.76 26.48 24.14
CA GLN F 142 24.74 26.65 25.21
C GLN F 142 26.03 25.89 24.90
N LYS F 143 25.92 24.72 24.28
CA LYS F 143 27.10 23.87 24.06
C LYS F 143 27.93 24.33 22.85
N VAL F 144 27.31 24.74 21.75
CA VAL F 144 28.09 25.11 20.55
C VAL F 144 28.21 26.62 20.36
N GLY F 145 27.48 27.41 21.13
CA GLY F 145 27.41 28.85 20.96
C GLY F 145 26.34 29.25 19.96
N LEU F 146 25.78 30.45 20.16
CA LEU F 146 24.65 30.85 19.33
C LEU F 146 25.05 30.96 17.86
N GLU F 147 26.22 31.53 17.57
CA GLU F 147 26.60 31.72 16.17
C GLU F 147 26.72 30.39 15.44
N ASN F 148 27.39 29.40 16.08
CA ASN F 148 27.45 28.07 15.47
C ASN F 148 26.06 27.47 15.37
N TYR F 149 25.25 27.62 16.42
CA TYR F 149 23.90 27.06 16.40
C TYR F 149 23.10 27.61 15.21
N LEU F 150 23.13 28.92 15.02
CA LEU F 150 22.42 29.50 13.90
C LEU F 150 23.04 29.08 12.56
N GLN F 151 24.37 29.03 12.48
CA GLN F 151 25.03 28.56 11.27
C GLN F 151 24.49 27.19 10.85
N SER F 152 24.40 26.26 11.80
CA SER F 152 23.96 24.89 11.58
C SER F 152 22.49 24.79 11.18
N HIS F 153 21.72 25.88 11.25
CA HIS F 153 20.31 25.84 10.87
C HIS F 153 20.02 26.75 9.68
N MET F 154 21.06 27.16 8.95
CA MET F 154 20.86 27.94 7.74
C MET F 154 20.29 27.09 6.60
N HIS F 155 20.85 25.90 6.39
CA HIS F 155 20.52 25.10 5.23
C HIS F 155 19.77 23.83 5.64
N GLU F 156 18.89 23.36 4.76
CA GLU F 156 18.34 22.01 4.90
C GLU F 156 19.29 21.00 4.21
N MET G 1 61.15 -21.74 -3.24
CA MET G 1 61.86 -21.14 -2.06
C MET G 1 62.28 -22.28 -1.11
N LYS G 2 63.55 -22.30 -0.73
CA LYS G 2 64.05 -23.38 0.11
C LYS G 2 63.40 -23.34 1.50
N GLY G 3 62.62 -24.39 1.82
CA GLY G 3 61.97 -24.47 3.11
C GLY G 3 62.85 -25.17 4.17
N ASP G 4 62.42 -25.05 5.42
CA ASP G 4 63.06 -25.75 6.51
C ASP G 4 62.68 -27.22 6.44
N LYS G 5 63.68 -28.11 6.50
CA LYS G 5 63.42 -29.53 6.27
C LYS G 5 62.41 -30.08 7.26
N LYS G 6 62.50 -29.67 8.51
CA LYS G 6 61.58 -30.19 9.50
C LYS G 6 60.18 -29.59 9.35
N VAL G 7 60.07 -28.36 8.86
CA VAL G 7 58.74 -27.83 8.50
C VAL G 7 58.10 -28.75 7.47
N ILE G 8 58.85 -29.12 6.43
CA ILE G 8 58.30 -29.93 5.35
C ILE G 8 57.88 -31.29 5.88
N GLN G 9 58.70 -31.89 6.76
CA GLN G 9 58.31 -33.11 7.42
C GLN G 9 57.00 -32.95 8.20
N HIS G 10 56.85 -31.84 8.94
CA HIS G 10 55.61 -31.61 9.65
C HIS G 10 54.45 -31.47 8.66
N LEU G 11 54.67 -30.71 7.58
CA LEU G 11 53.60 -30.50 6.61
C LEU G 11 53.18 -31.82 5.98
N ASN G 12 54.16 -32.69 5.71
CA ASN G 12 53.83 -34.01 5.21
C ASN G 12 53.10 -34.86 6.24
N LYS G 13 53.42 -34.70 7.52
CA LYS G 13 52.68 -35.41 8.55
C LYS G 13 51.22 -34.94 8.61
N ILE G 14 51.01 -33.63 8.52
CA ILE G 14 49.64 -33.08 8.47
C ILE G 14 48.93 -33.59 7.23
N LEU G 15 49.63 -33.55 6.09
CA LEU G 15 49.06 -34.07 4.87
C LEU G 15 48.64 -35.53 5.03
N GLY G 16 49.49 -36.34 5.67
CA GLY G 16 49.12 -37.73 5.90
C GLY G 16 47.82 -37.85 6.68
N ASN G 17 47.63 -36.99 7.68
CA ASN G 17 46.40 -37.04 8.45
C ASN G 17 45.21 -36.66 7.57
N GLU G 18 45.37 -35.64 6.71
CA GLU G 18 44.28 -35.24 5.81
C GLU G 18 43.91 -36.37 4.86
N LEU G 19 44.92 -37.09 4.35
CA LEU G 19 44.63 -38.18 3.44
C LEU G 19 43.82 -39.27 4.13
N ILE G 20 44.14 -39.56 5.40
CA ILE G 20 43.30 -40.47 6.16
C ILE G 20 41.88 -39.91 6.26
N ALA G 21 41.78 -38.64 6.66
CA ALA G 21 40.46 -38.03 6.89
C ALA G 21 39.61 -38.01 5.62
N ILE G 22 40.22 -37.71 4.47
CA ILE G 22 39.45 -37.69 3.22
C ILE G 22 38.73 -39.02 3.02
N ASN G 23 39.46 -40.13 3.13
CA ASN G 23 38.89 -41.45 2.82
C ASN G 23 37.94 -41.90 3.91
N GLN G 24 38.29 -41.64 5.17
CA GLN G 24 37.41 -42.03 6.27
C GLN G 24 36.09 -41.28 6.21
N TYR G 25 36.13 -39.97 5.98
CA TYR G 25 34.89 -39.22 5.90
C TYR G 25 34.11 -39.58 4.63
N PHE G 26 34.81 -39.81 3.52
CA PHE G 26 34.09 -40.16 2.29
C PHE G 26 33.37 -41.49 2.44
N LEU G 27 34.02 -42.49 3.04
CA LEU G 27 33.37 -43.77 3.25
C LEU G 27 32.21 -43.64 4.24
N HIS G 28 32.43 -42.89 5.33
CA HIS G 28 31.34 -42.66 6.29
C HIS G 28 30.14 -42.03 5.60
N SER G 29 30.40 -41.02 4.75
CA SER G 29 29.32 -40.38 4.00
C SER G 29 28.55 -41.39 3.18
N ARG G 30 29.27 -42.23 2.44
CA ARG G 30 28.59 -43.15 1.56
C ARG G 30 27.93 -44.28 2.34
N MET G 31 28.49 -44.66 3.49
CA MET G 31 27.77 -45.60 4.36
C MET G 31 26.45 -45.01 4.84
N TRP G 32 26.50 -43.79 5.36
CA TRP G 32 25.28 -43.15 5.82
C TRP G 32 24.26 -42.99 4.69
N ASN G 33 24.70 -42.57 3.51
CA ASN G 33 23.76 -42.49 2.39
C ASN G 33 23.16 -43.85 2.09
N ASP G 34 23.98 -44.90 2.09
CA ASP G 34 23.47 -46.24 1.84
C ASP G 34 22.43 -46.66 2.87
N TRP G 35 22.55 -46.18 4.11
CA TRP G 35 21.60 -46.53 5.17
C TRP G 35 20.39 -45.62 5.20
N GLY G 36 20.28 -44.66 4.30
CA GLY G 36 19.14 -43.76 4.31
C GLY G 36 19.29 -42.59 5.24
N LEU G 37 20.46 -42.36 5.80
CA LEU G 37 20.70 -41.25 6.70
C LEU G 37 21.39 -40.13 5.93
N LYS G 38 20.61 -39.52 5.04
CA LYS G 38 21.18 -38.66 4.01
C LYS G 38 21.63 -37.32 4.55
N ARG G 39 21.09 -36.86 5.68
CA ARG G 39 21.58 -35.61 6.25
C ARG G 39 22.99 -35.81 6.80
N LEU G 40 23.22 -36.92 7.49
CA LEU G 40 24.56 -37.29 7.90
C LEU G 40 25.45 -37.53 6.71
N GLY G 41 24.95 -38.21 5.69
CA GLY G 41 25.78 -38.47 4.53
C GLY G 41 26.24 -37.20 3.84
N ALA G 42 25.32 -36.24 3.67
CA ALA G 42 25.66 -34.97 3.02
C ALA G 42 26.63 -34.16 3.87
N HIS G 43 26.40 -34.09 5.18
CA HIS G 43 27.31 -33.29 5.99
C HIS G 43 28.71 -33.89 5.99
N GLU G 44 28.79 -35.22 6.05
CA GLU G 44 30.09 -35.89 6.08
C GLU G 44 30.77 -35.78 4.71
N TYR G 45 29.99 -35.75 3.63
CA TYR G 45 30.58 -35.50 2.32
C TYR G 45 31.28 -34.15 2.31
N HIS G 46 30.62 -33.13 2.84
CA HIS G 46 31.24 -31.80 2.86
C HIS G 46 32.46 -31.75 3.75
N GLU G 47 32.45 -32.51 4.85
CA GLU G 47 33.67 -32.64 5.66
C GLU G 47 34.81 -33.22 4.83
N SER G 48 34.52 -34.25 4.03
CA SER G 48 35.55 -34.87 3.19
C SER G 48 36.10 -33.86 2.19
N ILE G 49 35.21 -33.11 1.55
CA ILE G 49 35.63 -32.09 0.59
C ILE G 49 36.51 -31.04 1.27
N ASP G 50 36.13 -30.61 2.48
CA ASP G 50 36.96 -29.68 3.23
C ASP G 50 38.39 -30.19 3.40
N GLU G 51 38.52 -31.48 3.73
CA GLU G 51 39.83 -32.06 3.94
C GLU G 51 40.59 -32.14 2.64
N MET G 52 39.87 -32.41 1.54
CA MET G 52 40.49 -32.38 0.22
C MET G 52 41.08 -31.01 -0.06
N LYS G 53 40.36 -29.96 0.31
CA LYS G 53 40.86 -28.61 0.09
C LYS G 53 42.10 -28.34 0.94
N HIS G 54 42.09 -28.77 2.20
CA HIS G 54 43.25 -28.61 3.05
C HIS G 54 44.46 -29.35 2.47
N ALA G 55 44.23 -30.58 2.03
CA ALA G 55 45.31 -31.37 1.43
C ALA G 55 45.90 -30.64 0.23
N ASP G 56 45.03 -30.06 -0.60
CA ASP G 56 45.50 -29.31 -1.77
C ASP G 56 46.43 -28.18 -1.33
N LYS G 57 46.00 -27.39 -0.33
CA LYS G 57 46.82 -26.27 0.10
C LYS G 57 48.15 -26.77 0.68
N LEU G 58 48.13 -27.88 1.42
CA LEU G 58 49.37 -28.42 1.97
C LEU G 58 50.31 -28.87 0.85
N ILE G 59 49.75 -29.59 -0.14
CA ILE G 59 50.55 -30.03 -1.28
C ILE G 59 51.18 -28.84 -1.97
N GLU G 60 50.40 -27.78 -2.17
CA GLU G 60 50.90 -26.60 -2.87
C GLU G 60 51.99 -25.92 -2.05
N ARG G 61 51.84 -25.87 -0.74
CA ARG G 61 52.85 -25.26 0.13
C ARG G 61 54.15 -26.06 0.11
N ILE G 62 54.05 -27.40 0.20
CA ILE G 62 55.24 -28.25 0.21
C ILE G 62 56.03 -28.08 -1.07
N LEU G 63 55.34 -28.02 -2.21
CA LEU G 63 56.03 -27.85 -3.49
C LEU G 63 56.70 -26.49 -3.59
N PHE G 64 56.02 -25.44 -3.12
CA PHE G 64 56.63 -24.12 -3.09
C PHE G 64 57.91 -24.11 -2.24
N LEU G 65 57.91 -24.86 -1.13
CA LEU G 65 59.09 -24.93 -0.28
C LEU G 65 60.11 -25.96 -0.77
N GLU G 66 59.87 -26.52 -1.96
CA GLU G 66 60.81 -27.40 -2.64
C GLU G 66 60.95 -28.75 -1.94
N GLY G 67 59.88 -29.20 -1.29
CA GLY G 67 59.78 -30.56 -0.81
C GLY G 67 58.91 -31.41 -1.72
N LEU G 68 58.81 -32.68 -1.33
CA LEU G 68 58.07 -33.67 -2.09
C LEU G 68 56.85 -34.08 -1.29
N PRO G 69 55.64 -33.72 -1.71
CA PRO G 69 54.45 -34.12 -0.96
C PRO G 69 54.31 -35.63 -0.97
N ASN G 70 54.01 -36.20 0.19
CA ASN G 70 53.86 -37.64 0.33
C ASN G 70 52.38 -38.01 0.19
N LEU G 71 51.97 -38.44 -1.01
CA LEU G 71 50.63 -38.95 -1.23
C LEU G 71 50.61 -40.47 -1.29
N GLN G 72 51.71 -41.12 -0.89
CA GLN G 72 51.86 -42.56 -1.01
C GLN G 72 51.50 -43.30 0.27
N ASP G 73 51.83 -42.74 1.42
CA ASP G 73 51.69 -43.45 2.68
C ASP G 73 50.35 -43.08 3.32
N LEU G 74 49.49 -44.07 3.47
CA LEU G 74 48.17 -43.88 4.03
C LEU G 74 48.10 -44.65 5.34
N GLY G 75 47.88 -43.92 6.43
CA GLY G 75 47.70 -44.53 7.74
C GLY G 75 46.36 -45.21 7.89
N LYS G 76 46.12 -45.69 9.10
CA LYS G 76 44.94 -46.51 9.36
C LYS G 76 43.67 -45.65 9.38
N LEU G 77 42.67 -46.04 8.59
CA LEU G 77 41.36 -45.42 8.64
C LEU G 77 40.61 -45.93 9.86
N LEU G 78 39.88 -45.05 10.53
CA LEU G 78 39.04 -45.42 11.66
C LEU G 78 37.60 -45.40 11.17
N ILE G 79 37.03 -46.56 10.85
CA ILE G 79 35.73 -46.59 10.19
C ILE G 79 34.58 -46.84 11.17
N GLY G 80 34.50 -48.00 11.78
CA GLY G 80 33.35 -48.28 12.62
C GLY G 80 32.10 -48.58 11.80
N GLU G 81 31.08 -49.07 12.49
CA GLU G 81 30.01 -49.81 11.84
C GLU G 81 28.63 -49.37 12.31
N ASN G 82 28.56 -48.31 13.12
CA ASN G 82 27.29 -47.71 13.47
C ASN G 82 27.50 -46.21 13.66
N THR G 83 26.40 -45.46 13.69
CA THR G 83 26.49 -44.00 13.65
C THR G 83 27.30 -43.46 14.82
N GLN G 84 27.02 -43.89 16.05
CA GLN G 84 27.76 -43.31 17.16
C GLN G 84 29.24 -43.65 17.06
N GLU G 85 29.55 -44.86 16.62
CA GLU G 85 30.96 -45.21 16.49
C GLU G 85 31.64 -44.43 15.38
N MET G 86 30.94 -44.23 14.26
CA MET G 86 31.53 -43.46 13.16
C MET G 86 31.86 -42.04 13.59
N LEU G 87 30.93 -41.41 14.31
CA LEU G 87 31.19 -40.06 14.82
C LEU G 87 32.36 -40.07 15.79
N GLN G 88 32.40 -41.04 16.69
CA GLN G 88 33.51 -41.13 17.63
C GLN G 88 34.82 -41.37 16.88
N CYS G 89 34.82 -42.21 15.84
CA CYS G 89 36.04 -42.40 15.05
C CYS G 89 36.48 -41.10 14.38
N ASP G 90 35.55 -40.32 13.85
CA ASP G 90 35.92 -39.02 13.30
C ASP G 90 36.54 -38.14 14.39
N LEU G 91 35.91 -38.10 15.57
CA LEU G 91 36.42 -37.27 16.66
C LEU G 91 37.82 -37.70 17.08
N ASN G 92 38.06 -39.00 17.21
CA ASN G 92 39.39 -39.48 17.57
C ASN G 92 40.43 -39.04 16.55
N LEU G 93 40.09 -39.14 15.27
CA LEU G 93 41.03 -38.72 14.23
C LEU G 93 41.28 -37.22 14.31
N GLU G 94 40.22 -36.45 14.54
CA GLU G 94 40.37 -34.98 14.63
C GLU G 94 41.26 -34.59 15.81
N LEU G 95 41.12 -35.28 16.93
CA LEU G 95 41.96 -34.92 18.08
C LEU G 95 43.42 -35.27 17.81
N LYS G 96 43.67 -36.37 17.12
CA LYS G 96 45.05 -36.64 16.70
C LYS G 96 45.51 -35.58 15.71
N ALA G 97 44.63 -35.17 14.79
CA ALA G 97 45.01 -34.17 13.79
C ALA G 97 45.34 -32.84 14.44
N THR G 98 44.57 -32.42 15.45
CA THR G 98 44.83 -31.09 16.02
C THR G 98 46.08 -31.11 16.89
N LYS G 99 46.35 -32.21 17.58
CA LYS G 99 47.63 -32.35 18.29
C LYS G 99 48.80 -32.16 17.32
N ASP G 100 48.74 -32.80 16.14
CA ASP G 100 49.82 -32.68 15.17
C ASP G 100 49.91 -31.27 14.60
N LEU G 101 48.76 -30.63 14.35
CA LEU G 101 48.79 -29.25 13.89
C LEU G 101 49.49 -28.35 14.90
N ARG G 102 49.19 -28.52 16.19
CA ARG G 102 49.77 -27.65 17.20
C ARG G 102 51.29 -27.83 17.25
N GLU G 103 51.76 -29.08 17.19
CA GLU G 103 53.21 -29.31 17.22
C GLU G 103 53.88 -28.73 15.98
N ALA G 104 53.23 -28.82 14.82
CA ALA G 104 53.77 -28.23 13.60
C ALA G 104 53.83 -26.71 13.69
N ILE G 105 52.79 -26.08 14.24
CA ILE G 105 52.80 -24.62 14.40
C ILE G 105 53.96 -24.19 15.29
N VAL G 106 54.15 -24.89 16.42
CA VAL G 106 55.30 -24.62 17.29
C VAL G 106 56.59 -24.56 16.48
N HIS G 107 56.80 -25.54 15.61
CA HIS G 107 58.07 -25.59 14.88
C HIS G 107 58.17 -24.49 13.82
N CYS G 108 57.07 -24.23 13.09
CA CYS G 108 57.07 -23.09 12.18
C CYS G 108 57.41 -21.80 12.91
N GLU G 109 56.82 -21.58 14.08
CA GLU G 109 57.14 -20.37 14.83
C GLU G 109 58.63 -20.32 15.15
N GLN G 110 59.19 -21.45 15.60
CA GLN G 110 60.59 -21.45 16.02
C GLN G 110 61.54 -21.08 14.87
N VAL G 111 61.26 -21.54 13.65
CA VAL G 111 62.14 -21.28 12.50
C VAL G 111 61.63 -20.10 11.65
N HIS G 112 60.64 -19.37 12.13
CA HIS G 112 60.15 -18.13 11.53
C HIS G 112 59.41 -18.38 10.20
N ASP G 113 58.82 -19.56 10.02
CA ASP G 113 58.02 -19.82 8.81
C ASP G 113 56.59 -19.42 9.13
N TYR G 114 56.37 -18.11 9.12
CA TYR G 114 55.09 -17.56 9.59
C TYR G 114 53.95 -17.78 8.60
N VAL G 115 54.25 -17.93 7.32
CA VAL G 115 53.19 -18.22 6.35
C VAL G 115 52.71 -19.66 6.50
N SER G 116 53.64 -20.61 6.66
CA SER G 116 53.22 -21.97 6.96
C SER G 116 52.40 -22.04 8.24
N ARG G 117 52.80 -21.27 9.25
CA ARG G 117 52.02 -21.27 10.49
C ARG G 117 50.60 -20.78 10.23
N ASP G 118 50.47 -19.72 9.43
CA ASP G 118 49.15 -19.15 9.17
C ASP G 118 48.27 -20.15 8.42
N LEU G 119 48.83 -20.85 7.45
CA LEU G 119 48.09 -21.91 6.77
C LEU G 119 47.63 -22.97 7.75
N LEU G 120 48.52 -23.39 8.67
CA LEU G 120 48.17 -24.43 9.62
C LEU G 120 47.14 -23.92 10.62
N LYS G 121 47.26 -22.65 11.04
CA LYS G 121 46.26 -22.04 11.90
C LYS G 121 44.88 -22.08 11.24
N ASP G 122 44.81 -21.73 9.96
CA ASP G 122 43.53 -21.79 9.25
C ASP G 122 42.98 -23.21 9.23
N ILE G 123 43.83 -24.19 8.96
CA ILE G 123 43.36 -25.57 8.96
C ILE G 123 42.89 -25.96 10.35
N LEU G 124 43.63 -25.55 11.38
CA LEU G 124 43.26 -25.87 12.75
C LEU G 124 41.89 -25.31 13.11
N GLU G 125 41.57 -24.09 12.63
CA GLU G 125 40.24 -23.51 12.89
C GLU G 125 39.16 -24.36 12.25
N SER G 126 39.40 -24.85 11.04
CA SER G 126 38.45 -25.76 10.41
CA SER G 126 38.45 -25.76 10.41
C SER G 126 38.29 -27.04 11.22
N GLU G 127 39.41 -27.62 11.68
CA GLU G 127 39.28 -28.89 12.41
C GLU G 127 38.58 -28.69 13.77
N GLU G 128 38.83 -27.56 14.43
CA GLU G 128 38.08 -27.30 15.66
C GLU G 128 36.60 -27.08 15.40
N GLU G 129 36.24 -26.50 14.25
CA GLU G 129 34.83 -26.46 13.92
C GLU G 129 34.27 -27.87 13.70
N HIS G 130 35.06 -28.77 13.09
CA HIS G 130 34.58 -30.16 12.93
C HIS G 130 34.42 -30.82 14.28
N ILE G 131 35.39 -30.61 15.19
CA ILE G 131 35.31 -31.16 16.53
C ILE G 131 34.05 -30.65 17.24
N ASP G 132 33.76 -29.36 17.10
CA ASP G 132 32.53 -28.81 17.69
C ASP G 132 31.31 -29.55 17.15
N TYR G 133 31.21 -29.69 15.83
CA TYR G 133 30.11 -30.46 15.22
C TYR G 133 30.01 -31.86 15.81
N LEU G 134 31.11 -32.60 15.83
CA LEU G 134 31.08 -34.00 16.28
C LEU G 134 30.69 -34.11 17.75
N GLU G 135 31.26 -33.27 18.60
CA GLU G 135 30.93 -33.32 20.02
C GLU G 135 29.45 -33.01 20.22
N THR G 136 28.92 -32.07 19.41
CA THR G 136 27.52 -31.71 19.50
C THR G 136 26.64 -32.88 19.04
N GLN G 137 27.06 -33.59 17.99
CA GLN G 137 26.26 -34.72 17.53
C GLN G 137 26.23 -35.81 18.59
N LEU G 138 27.37 -36.12 19.17
CA LEU G 138 27.43 -37.15 20.19
C LEU G 138 26.57 -36.76 21.39
N GLY G 139 26.59 -35.46 21.74
CA GLY G 139 25.75 -34.99 22.83
C GLY G 139 24.27 -35.08 22.51
N LEU G 140 23.90 -34.78 21.25
CA LEU G 140 22.50 -34.85 20.85
C LEU G 140 21.98 -36.26 20.95
N ILE G 141 22.82 -37.25 20.60
CA ILE G 141 22.40 -38.64 20.72
C ILE G 141 22.02 -38.96 22.16
N GLN G 142 22.76 -38.42 23.12
CA GLN G 142 22.40 -38.62 24.51
C GLN G 142 21.13 -37.87 24.89
N LYS G 143 20.88 -36.70 24.30
CA LYS G 143 19.77 -35.88 24.77
C LYS G 143 18.45 -36.31 24.15
N VAL G 144 18.46 -36.60 22.85
CA VAL G 144 17.21 -36.93 22.16
C VAL G 144 17.02 -38.41 22.02
N GLY G 145 18.03 -39.23 22.31
CA GLY G 145 17.94 -40.67 22.10
C GLY G 145 18.35 -41.05 20.70
N LEU G 146 18.95 -42.24 20.56
CA LEU G 146 19.53 -42.61 19.29
C LEU G 146 18.47 -42.69 18.19
N GLU G 147 17.30 -43.26 18.49
CA GLU G 147 16.29 -43.43 17.45
C GLU G 147 15.80 -42.08 16.92
N ASN G 148 15.56 -41.11 17.80
CA ASN G 148 15.22 -39.76 17.35
C ASN G 148 16.37 -39.12 16.61
N TYR G 149 17.60 -39.32 17.10
CA TYR G 149 18.74 -38.68 16.44
C TYR G 149 18.85 -39.16 14.99
N LEU G 150 18.74 -40.47 14.78
CA LEU G 150 18.81 -41.02 13.43
C LEU G 150 17.64 -40.56 12.59
N GLN G 151 16.44 -40.60 13.17
CA GLN G 151 15.26 -40.07 12.47
C GLN G 151 15.53 -38.68 11.93
N SER G 152 16.13 -37.82 12.74
CA SER G 152 16.35 -36.44 12.35
C SER G 152 17.43 -36.30 11.29
N HIS G 153 18.11 -37.37 10.94
CA HIS G 153 19.15 -37.31 9.92
C HIS G 153 18.80 -38.13 8.68
N MET G 154 17.54 -38.53 8.56
CA MET G 154 17.12 -39.28 7.38
C MET G 154 17.10 -38.39 6.15
N HIS G 155 16.51 -37.21 6.26
CA HIS G 155 16.23 -36.35 5.11
C HIS G 155 17.11 -35.11 5.15
N GLU G 156 17.55 -34.66 3.98
CA GLU G 156 18.07 -33.30 3.85
C GLU G 156 16.90 -32.31 3.74
N MET H 1 -22.01 35.50 -10.24
CA MET H 1 -21.54 36.78 -9.60
C MET H 1 -21.89 37.94 -10.54
N LYS H 2 -22.59 38.95 -10.04
CA LYS H 2 -23.10 40.02 -10.91
C LYS H 2 -21.95 40.88 -11.41
N GLY H 3 -21.68 40.84 -12.72
CA GLY H 3 -20.61 41.62 -13.29
C GLY H 3 -21.05 43.01 -13.74
N ASP H 4 -20.05 43.84 -14.00
CA ASP H 4 -20.28 45.16 -14.57
C ASP H 4 -20.87 45.04 -15.97
N LYS H 5 -21.97 45.76 -16.20
CA LYS H 5 -22.66 45.63 -17.48
C LYS H 5 -21.73 46.00 -18.64
N LYS H 6 -20.96 47.06 -18.47
CA LYS H 6 -20.10 47.49 -19.56
C LYS H 6 -18.90 46.55 -19.74
N VAL H 7 -18.39 45.94 -18.66
CA VAL H 7 -17.39 44.89 -18.83
C VAL H 7 -17.95 43.79 -19.70
N ILE H 8 -19.18 43.33 -19.40
CA ILE H 8 -19.78 42.26 -20.18
C ILE H 8 -19.91 42.68 -21.64
N GLN H 9 -20.28 43.94 -21.88
CA GLN H 9 -20.35 44.43 -23.26
C GLN H 9 -18.99 44.37 -23.94
N HIS H 10 -17.94 44.81 -23.25
CA HIS H 10 -16.58 44.69 -23.78
C HIS H 10 -16.24 43.24 -24.08
N LEU H 11 -16.51 42.34 -23.12
CA LEU H 11 -16.19 40.92 -23.32
C LEU H 11 -16.92 40.37 -24.53
N ASN H 12 -18.17 40.78 -24.75
CA ASN H 12 -18.89 40.32 -25.92
C ASN H 12 -18.30 40.90 -27.20
N LYS H 13 -17.77 42.12 -27.15
CA LYS H 13 -17.13 42.68 -28.33
C LYS H 13 -15.86 41.91 -28.67
N ILE H 14 -15.06 41.58 -27.64
CA ILE H 14 -13.88 40.75 -27.85
C ILE H 14 -14.29 39.40 -28.44
N LEU H 15 -15.31 38.79 -27.82
CA LEU H 15 -15.82 37.51 -28.31
C LEU H 15 -16.22 37.62 -29.77
N GLY H 16 -16.89 38.71 -30.14
CA GLY H 16 -17.26 38.90 -31.52
C GLY H 16 -16.06 38.91 -32.45
N ASN H 17 -14.97 39.56 -32.03
CA ASN H 17 -13.75 39.54 -32.82
C ASN H 17 -13.20 38.12 -32.95
N GLU H 18 -13.23 37.34 -31.86
CA GLU H 18 -12.71 35.98 -31.91
C GLU H 18 -13.51 35.09 -32.85
N LEU H 19 -14.83 35.26 -32.89
CA LEU H 19 -15.67 34.47 -33.78
C LEU H 19 -15.35 34.72 -35.23
N ILE H 20 -15.11 35.98 -35.58
CA ILE H 20 -14.59 36.30 -36.91
C ILE H 20 -13.26 35.60 -37.14
N ALA H 21 -12.33 35.72 -36.19
CA ALA H 21 -11.00 35.19 -36.38
C ALA H 21 -11.03 33.68 -36.57
N ILE H 22 -11.88 32.98 -35.81
CA ILE H 22 -11.98 31.53 -35.94
C ILE H 22 -12.29 31.16 -37.37
N ASN H 23 -13.35 31.73 -37.92
CA ASN H 23 -13.81 31.36 -39.26
C ASN H 23 -12.84 31.85 -40.32
N GLN H 24 -12.32 33.06 -40.15
CA GLN H 24 -11.37 33.59 -41.12
C GLN H 24 -10.09 32.74 -41.16
N TYR H 25 -9.53 32.40 -40.00
CA TYR H 25 -8.32 31.58 -40.00
C TYR H 25 -8.63 30.16 -40.44
N PHE H 26 -9.80 29.63 -40.11
CA PHE H 26 -10.08 28.26 -40.54
C PHE H 26 -10.21 28.19 -42.05
N LEU H 27 -10.90 29.16 -42.65
CA LEU H 27 -11.04 29.15 -44.10
C LEU H 27 -9.69 29.36 -44.78
N HIS H 28 -8.87 30.29 -44.28
CA HIS H 28 -7.54 30.47 -44.84
C HIS H 28 -6.74 29.17 -44.77
N SER H 29 -6.78 28.50 -43.61
CA SER H 29 -6.08 27.24 -43.45
C SER H 29 -6.47 26.26 -44.55
N ARG H 30 -7.77 26.09 -44.80
CA ARG H 30 -8.22 25.09 -45.74
C ARG H 30 -7.98 25.52 -47.19
N MET H 31 -8.00 26.82 -47.46
CA MET H 31 -7.57 27.32 -48.77
C MET H 31 -6.12 26.97 -49.02
N TRP H 32 -5.25 27.27 -48.05
CA TRP H 32 -3.85 26.96 -48.23
C TRP H 32 -3.63 25.47 -48.43
N ASN H 33 -4.35 24.63 -47.66
CA ASN H 33 -4.22 23.19 -47.86
C ASN H 33 -4.69 22.78 -49.25
N ASP H 34 -5.80 23.34 -49.70
CA ASP H 34 -6.29 23.04 -51.04
C ASP H 34 -5.25 23.44 -52.09
N TRP H 35 -4.52 24.52 -51.86
CA TRP H 35 -3.49 24.96 -52.80
C TRP H 35 -2.16 24.22 -52.69
N GLY H 36 -2.03 23.25 -51.78
CA GLY H 36 -0.78 22.57 -51.62
C GLY H 36 0.22 23.28 -50.73
N LEU H 37 -0.21 24.33 -50.03
CA LEU H 37 0.68 25.07 -49.14
C LEU H 37 0.45 24.62 -47.69
N LYS H 38 0.85 23.38 -47.43
CA LYS H 38 0.45 22.65 -46.22
C LYS H 38 1.08 23.22 -44.95
N ARG H 39 2.27 23.79 -45.04
CA ARG H 39 2.85 24.38 -43.84
C ARG H 39 2.07 25.61 -43.38
N LEU H 40 1.68 26.47 -44.33
CA LEU H 40 0.79 27.58 -43.98
C LEU H 40 -0.55 27.05 -43.49
N GLY H 41 -1.11 26.06 -44.17
CA GLY H 41 -2.40 25.53 -43.75
C GLY H 41 -2.37 25.00 -42.32
N ALA H 42 -1.29 24.29 -41.96
CA ALA H 42 -1.19 23.73 -40.60
C ALA H 42 -1.03 24.83 -39.57
N HIS H 43 -0.17 25.81 -39.86
CA HIS H 43 0.04 26.90 -38.91
C HIS H 43 -1.24 27.70 -38.72
N GLU H 44 -1.96 27.96 -39.81
CA GLU H 44 -3.19 28.74 -39.73
C GLU H 44 -4.30 27.98 -39.00
N TYR H 45 -4.35 26.66 -39.19
CA TYR H 45 -5.26 25.83 -38.41
C TYR H 45 -4.99 25.99 -36.91
N HIS H 46 -3.71 25.99 -36.53
CA HIS H 46 -3.41 26.13 -35.12
C HIS H 46 -3.75 27.53 -34.58
N GLU H 47 -3.59 28.57 -35.40
CA GLU H 47 -4.11 29.89 -35.05
C GLU H 47 -5.63 29.87 -34.84
N SER H 48 -6.36 29.16 -35.69
CA SER H 48 -7.81 29.06 -35.54
C SER H 48 -8.17 28.36 -34.22
N ILE H 49 -7.48 27.27 -33.91
CA ILE H 49 -7.68 26.58 -32.64
C ILE H 49 -7.39 27.50 -31.47
N ASP H 50 -6.30 28.26 -31.54
CA ASP H 50 -6.00 29.20 -30.45
C ASP H 50 -7.16 30.16 -30.19
N GLU H 51 -7.78 30.69 -31.26
CA GLU H 51 -8.88 31.61 -31.10
C GLU H 51 -10.12 30.91 -30.56
N MET H 52 -10.34 29.66 -30.94
CA MET H 52 -11.41 28.87 -30.35
C MET H 52 -11.23 28.78 -28.83
N LYS H 53 -9.99 28.58 -28.39
CA LYS H 53 -9.76 28.48 -26.95
C LYS H 53 -10.02 29.81 -26.25
N HIS H 54 -9.57 30.93 -26.86
CA HIS H 54 -9.87 32.25 -26.32
C HIS H 54 -11.37 32.48 -26.20
N ALA H 55 -12.11 32.12 -27.25
CA ALA H 55 -13.56 32.33 -27.23
C ALA H 55 -14.20 31.52 -26.12
N ASP H 56 -13.76 30.28 -25.93
CA ASP H 56 -14.27 29.45 -24.85
C ASP H 56 -14.09 30.14 -23.50
N LYS H 57 -12.90 30.67 -23.25
CA LYS H 57 -12.64 31.37 -21.99
C LYS H 57 -13.51 32.63 -21.84
N LEU H 58 -13.72 33.37 -22.92
CA LEU H 58 -14.59 34.55 -22.84
C LEU H 58 -16.02 34.16 -22.55
N ILE H 59 -16.51 33.11 -23.22
CA ILE H 59 -17.85 32.61 -22.97
C ILE H 59 -18.02 32.20 -21.52
N GLU H 60 -17.03 31.47 -20.99
CA GLU H 60 -17.10 31.04 -19.59
C GLU H 60 -17.11 32.24 -18.64
N ARG H 61 -16.31 33.26 -18.95
CA ARG H 61 -16.23 34.41 -18.07
C ARG H 61 -17.54 35.20 -18.10
N ILE H 62 -18.13 35.33 -19.29
CA ILE H 62 -19.36 36.10 -19.41
C ILE H 62 -20.49 35.43 -18.63
N LEU H 63 -20.59 34.10 -18.73
CA LEU H 63 -21.61 33.35 -18.00
C LEU H 63 -21.40 33.47 -16.49
N PHE H 64 -20.16 33.40 -16.04
CA PHE H 64 -19.89 33.55 -14.62
C PHE H 64 -20.33 34.92 -14.12
N LEU H 65 -20.20 35.95 -14.95
CA LEU H 65 -20.61 37.31 -14.60
C LEU H 65 -22.09 37.55 -14.86
N GLU H 66 -22.83 36.48 -15.17
CA GLU H 66 -24.28 36.51 -15.37
C GLU H 66 -24.68 37.33 -16.58
N GLY H 67 -23.82 37.36 -17.60
CA GLY H 67 -24.17 37.89 -18.90
C GLY H 67 -24.55 36.80 -19.90
N LEU H 68 -25.02 37.26 -21.05
CA LEU H 68 -25.38 36.38 -22.16
C LEU H 68 -24.30 36.46 -23.21
N PRO H 69 -23.51 35.41 -23.44
CA PRO H 69 -22.51 35.48 -24.51
C PRO H 69 -23.20 35.55 -25.86
N ASN H 70 -22.72 36.47 -26.70
CA ASN H 70 -23.25 36.67 -28.04
C ASN H 70 -22.46 35.80 -29.02
N LEU H 71 -23.03 34.67 -29.41
CA LEU H 71 -22.48 33.88 -30.52
C LEU H 71 -23.32 34.03 -31.79
N GLN H 72 -24.25 34.99 -31.80
CA GLN H 72 -25.19 35.14 -32.89
C GLN H 72 -24.71 36.13 -33.96
N ASP H 73 -24.03 37.19 -33.54
CA ASP H 73 -23.64 38.27 -34.43
C ASP H 73 -22.21 38.03 -34.93
N LEU H 74 -22.08 37.85 -36.22
CA LEU H 74 -20.79 37.58 -36.86
C LEU H 74 -20.50 38.75 -37.80
N GLY H 75 -19.46 39.52 -37.46
CA GLY H 75 -18.96 40.57 -38.33
C GLY H 75 -18.27 40.05 -39.58
N LYS H 76 -17.74 41.01 -40.34
CA LYS H 76 -17.26 40.75 -41.68
C LYS H 76 -15.93 39.97 -41.62
N LEU H 77 -15.89 38.83 -42.29
CA LEU H 77 -14.64 38.11 -42.46
C LEU H 77 -13.77 38.81 -43.51
N LEU H 78 -12.48 38.90 -43.24
CA LEU H 78 -11.52 39.41 -44.23
C LEU H 78 -10.79 38.22 -44.87
N ILE H 79 -11.17 37.85 -46.09
CA ILE H 79 -10.62 36.62 -46.66
C ILE H 79 -9.46 36.86 -47.62
N GLY H 80 -9.67 37.63 -48.69
CA GLY H 80 -8.56 37.85 -49.62
C GLY H 80 -8.22 36.65 -50.50
N GLU H 81 -7.41 36.91 -51.52
CA GLU H 81 -7.41 36.05 -52.70
C GLU H 81 -6.07 35.43 -53.04
N ASN H 82 -5.02 35.76 -52.30
CA ASN H 82 -3.75 35.08 -52.45
C ASN H 82 -3.06 35.11 -51.10
N THR H 83 -1.88 34.49 -51.03
CA THR H 83 -1.23 34.26 -49.74
C THR H 83 -0.92 35.58 -49.05
N GLN H 84 -0.33 36.52 -49.78
CA GLN H 84 0.02 37.82 -49.19
C GLN H 84 -1.21 38.53 -48.64
N GLU H 85 -2.29 38.54 -49.42
CA GLU H 85 -3.52 39.17 -48.97
C GLU H 85 -4.08 38.47 -47.73
N MET H 86 -4.06 37.14 -47.72
CA MET H 86 -4.62 36.41 -46.58
C MET H 86 -3.87 36.76 -45.29
N LEU H 87 -2.55 36.81 -45.37
CA LEU H 87 -1.73 37.19 -44.23
C LEU H 87 -2.06 38.60 -43.78
N GLN H 88 -2.18 39.52 -44.73
CA GLN H 88 -2.54 40.90 -44.40
CA GLN H 88 -2.55 40.90 -44.42
C GLN H 88 -3.94 40.98 -43.79
N CYS H 89 -4.89 40.21 -44.32
CA CYS H 89 -6.24 40.18 -43.74
C CYS H 89 -6.18 39.73 -42.28
N ASP H 90 -5.39 38.70 -41.98
CA ASP H 90 -5.21 38.27 -40.61
C ASP H 90 -4.63 39.41 -39.79
N LEU H 91 -3.59 40.07 -40.33
CA LEU H 91 -2.93 41.13 -39.58
C LEU H 91 -3.89 42.28 -39.29
N ASN H 92 -4.68 42.68 -40.28
CA ASN H 92 -5.63 43.76 -40.06
C ASN H 92 -6.63 43.39 -38.98
N LEU H 93 -7.14 42.16 -39.02
CA LEU H 93 -8.08 41.72 -37.98
C LEU H 93 -7.40 41.74 -36.61
N GLU H 94 -6.15 41.26 -36.52
CA GLU H 94 -5.43 41.24 -35.24
C GLU H 94 -5.23 42.65 -34.70
N LEU H 95 -4.95 43.61 -35.56
CA LEU H 95 -4.71 44.96 -35.07
C LEU H 95 -6.00 45.58 -34.54
N LYS H 96 -7.13 45.28 -35.18
CA LYS H 96 -8.40 45.70 -34.62
C LYS H 96 -8.65 44.99 -33.28
N ALA H 97 -8.41 43.68 -33.24
CA ALA H 97 -8.67 42.93 -32.02
C ALA H 97 -7.84 43.46 -30.84
N THR H 98 -6.57 43.77 -31.06
CA THR H 98 -5.76 44.25 -29.95
C THR H 98 -6.18 45.65 -29.51
N LYS H 99 -6.61 46.51 -30.44
CA LYS H 99 -7.17 47.79 -30.02
C LYS H 99 -8.37 47.60 -29.11
N ASP H 100 -9.26 46.66 -29.44
CA ASP H 100 -10.44 46.45 -28.62
C ASP H 100 -10.07 45.82 -27.27
N LEU H 101 -9.07 44.93 -27.26
CA LEU H 101 -8.59 44.39 -25.99
C LEU H 101 -8.09 45.49 -25.07
N ARG H 102 -7.30 46.41 -25.62
CA ARG H 102 -6.75 47.48 -24.79
C ARG H 102 -7.86 48.33 -24.21
N GLU H 103 -8.86 48.68 -25.03
CA GLU H 103 -9.97 49.48 -24.53
C GLU H 103 -10.74 48.73 -23.45
N ALA H 104 -10.92 47.41 -23.64
CA ALA H 104 -11.61 46.61 -22.63
C ALA H 104 -10.82 46.54 -21.34
N ILE H 105 -9.48 46.39 -21.44
CA ILE H 105 -8.67 46.36 -20.21
C ILE H 105 -8.79 47.67 -19.45
N VAL H 106 -8.75 48.81 -20.15
CA VAL H 106 -8.92 50.10 -19.50
C VAL H 106 -10.16 50.10 -18.62
N HIS H 107 -11.26 49.61 -19.18
CA HIS H 107 -12.52 49.66 -18.46
C HIS H 107 -12.53 48.67 -17.31
N CYS H 108 -12.00 47.45 -17.50
CA CYS H 108 -11.91 46.50 -16.38
C CYS H 108 -11.13 47.11 -15.21
N GLU H 109 -10.02 47.78 -15.51
CA GLU H 109 -9.22 48.40 -14.46
C GLU H 109 -10.03 49.48 -13.72
N GLN H 110 -10.72 50.33 -14.47
CA GLN H 110 -11.54 51.38 -13.86
C GLN H 110 -12.57 50.83 -12.88
N VAL H 111 -13.21 49.71 -13.21
CA VAL H 111 -14.26 49.16 -12.33
C VAL H 111 -13.75 48.04 -11.45
N HIS H 112 -12.44 47.81 -11.43
CA HIS H 112 -11.79 46.90 -10.49
C HIS H 112 -12.07 45.43 -10.79
N ASP H 113 -12.44 45.12 -12.03
CA ASP H 113 -12.62 43.74 -12.45
C ASP H 113 -11.25 43.20 -12.88
N TYR H 114 -10.42 42.94 -11.87
CA TYR H 114 -9.03 42.60 -12.13
C TYR H 114 -8.89 41.20 -12.74
N VAL H 115 -9.84 40.30 -12.50
CA VAL H 115 -9.75 38.97 -13.09
C VAL H 115 -10.07 39.03 -14.58
N SER H 116 -11.11 39.77 -14.95
CA SER H 116 -11.35 39.97 -16.38
C SER H 116 -10.14 40.64 -17.04
N ARG H 117 -9.51 41.60 -16.37
CA ARG H 117 -8.33 42.23 -16.97
C ARG H 117 -7.24 41.20 -17.22
N ASP H 118 -7.01 40.31 -16.24
CA ASP H 118 -5.96 39.32 -16.40
C ASP H 118 -6.24 38.40 -17.59
N LEU H 119 -7.50 37.98 -17.74
CA LEU H 119 -7.86 37.13 -18.87
C LEU H 119 -7.62 37.86 -20.19
N LEU H 120 -8.07 39.12 -20.29
CA LEU H 120 -7.85 39.89 -21.51
C LEU H 120 -6.36 40.10 -21.80
N LYS H 121 -5.56 40.32 -20.75
CA LYS H 121 -4.12 40.48 -20.94
C LYS H 121 -3.50 39.20 -21.52
N ASP H 122 -3.92 38.04 -21.02
CA ASP H 122 -3.42 36.77 -21.55
C ASP H 122 -3.79 36.61 -23.02
N ILE H 123 -5.02 36.97 -23.38
CA ILE H 123 -5.44 36.90 -24.78
C ILE H 123 -4.61 37.88 -25.60
N LEU H 124 -4.39 39.09 -25.06
CA LEU H 124 -3.61 40.09 -25.79
C LEU H 124 -2.18 39.60 -26.03
N GLU H 125 -1.61 38.89 -25.06
CA GLU H 125 -0.27 38.32 -25.28
C GLU H 125 -0.28 37.35 -26.44
N SER H 126 -1.31 36.50 -26.53
CA SER H 126 -1.44 35.58 -27.66
CA SER H 126 -1.42 35.59 -27.66
C SER H 126 -1.58 36.35 -28.98
N GLU H 127 -2.42 37.39 -28.99
CA GLU H 127 -2.64 38.10 -30.25
C GLU H 127 -1.37 38.83 -30.69
N GLU H 128 -0.59 39.36 -29.75
CA GLU H 128 0.66 40.01 -30.14
C GLU H 128 1.66 38.99 -30.70
N GLU H 129 1.67 37.76 -30.17
CA GLU H 129 2.50 36.70 -30.78
C GLU H 129 2.04 36.41 -32.21
N HIS H 130 0.72 36.39 -32.44
CA HIS H 130 0.19 36.21 -33.79
C HIS H 130 0.65 37.33 -34.71
N ILE H 131 0.57 38.58 -34.24
CA ILE H 131 1.04 39.74 -35.01
C ILE H 131 2.53 39.59 -35.35
N ASP H 132 3.35 39.24 -34.36
CA ASP H 132 4.76 38.95 -34.62
C ASP H 132 4.92 37.96 -35.78
N TYR H 133 4.24 36.83 -35.69
CA TYR H 133 4.30 35.82 -36.74
C TYR H 133 3.91 36.41 -38.10
N LEU H 134 2.78 37.11 -38.16
CA LEU H 134 2.27 37.65 -39.43
C LEU H 134 3.21 38.69 -40.03
N GLU H 135 3.64 39.65 -39.22
CA GLU H 135 4.58 40.65 -39.73
C GLU H 135 5.85 39.97 -40.24
N THR H 136 6.31 38.94 -39.54
CA THR H 136 7.53 38.23 -39.96
C THR H 136 7.31 37.54 -41.31
N GLN H 137 6.16 36.89 -41.49
CA GLN H 137 5.86 36.26 -42.77
C GLN H 137 5.85 37.28 -43.92
N LEU H 138 5.20 38.43 -43.69
CA LEU H 138 5.09 39.44 -44.74
C LEU H 138 6.47 40.02 -45.08
N GLY H 139 7.33 40.19 -44.06
CA GLY H 139 8.70 40.58 -44.31
C GLY H 139 9.50 39.53 -45.07
N LEU H 140 9.23 38.24 -44.78
CA LEU H 140 9.97 37.18 -45.48
C LEU H 140 9.61 37.15 -46.97
N ILE H 141 8.33 37.40 -47.31
CA ILE H 141 7.94 37.45 -48.72
C ILE H 141 8.81 38.47 -49.48
N GLN H 142 9.09 39.62 -48.85
CA GLN H 142 9.94 40.62 -49.48
C GLN H 142 11.39 40.16 -49.56
N LYS H 143 11.89 39.53 -48.51
CA LYS H 143 13.31 39.17 -48.42
C LYS H 143 13.66 37.97 -49.30
N VAL H 144 12.86 36.92 -49.32
CA VAL H 144 13.20 35.74 -50.14
C VAL H 144 12.45 35.67 -51.47
N GLY H 145 11.52 36.60 -51.72
CA GLY H 145 10.67 36.52 -52.91
C GLY H 145 9.47 35.63 -52.72
N LEU H 146 8.36 35.94 -53.40
CA LEU H 146 7.14 35.19 -53.20
C LEU H 146 7.29 33.74 -53.61
N GLU H 147 7.97 33.47 -54.72
CA GLU H 147 8.07 32.10 -55.20
C GLU H 147 8.82 31.21 -54.20
N ASN H 148 9.96 31.70 -53.67
CA ASN H 148 10.66 30.98 -52.60
C ASN H 148 9.82 30.90 -51.33
N TYR H 149 9.14 31.99 -50.98
CA TYR H 149 8.32 31.97 -49.78
C TYR H 149 7.26 30.88 -49.86
N LEU H 150 6.55 30.80 -50.99
CA LEU H 150 5.53 29.77 -51.17
C LEU H 150 6.17 28.39 -51.21
N GLN H 151 7.29 28.27 -51.92
CA GLN H 151 8.01 27.01 -51.97
C GLN H 151 8.28 26.47 -50.57
N SER H 152 8.81 27.34 -49.69
CA SER H 152 9.13 26.96 -48.32
C SER H 152 7.91 26.60 -47.49
N HIS H 153 6.69 26.83 -47.97
CA HIS H 153 5.51 26.49 -47.18
C HIS H 153 4.68 25.39 -47.83
N MET H 154 5.26 24.65 -48.78
CA MET H 154 4.54 23.54 -49.43
C MET H 154 4.38 22.34 -48.49
N HIS H 155 5.45 21.90 -47.86
CA HIS H 155 5.46 20.69 -47.05
C HIS H 155 5.58 21.03 -45.58
N GLU H 156 4.86 20.31 -44.74
CA GLU H 156 5.01 20.45 -43.29
C GLU H 156 6.38 19.95 -42.83
N MET I 1 35.18 -29.36 23.59
CA MET I 1 36.63 -29.72 23.65
C MET I 1 37.22 -29.15 24.96
N LYS I 2 37.94 -29.97 25.73
CA LYS I 2 38.40 -29.54 27.05
C LYS I 2 39.45 -28.44 26.88
N GLY I 3 39.10 -27.21 27.26
CA GLY I 3 40.04 -26.11 27.14
C GLY I 3 40.97 -25.97 28.35
N ASP I 4 42.03 -25.20 28.15
CA ASP I 4 42.93 -24.85 29.25
C ASP I 4 42.22 -23.94 30.24
N LYS I 5 42.25 -24.31 31.52
CA LYS I 5 41.47 -23.58 32.50
C LYS I 5 41.86 -22.11 32.54
N LYS I 6 43.16 -21.82 32.43
CA LYS I 6 43.59 -20.44 32.51
C LYS I 6 43.25 -19.65 31.22
N VAL I 7 43.19 -20.32 30.08
CA VAL I 7 42.65 -19.67 28.88
C VAL I 7 41.22 -19.24 29.13
N ILE I 8 40.40 -20.13 29.69
CA ILE I 8 39.01 -19.78 29.95
C ILE I 8 38.91 -18.60 30.92
N GLN I 9 39.74 -18.58 31.95
CA GLN I 9 39.74 -17.43 32.86
C GLN I 9 40.11 -16.15 32.15
N HIS I 10 41.08 -16.22 31.22
CA HIS I 10 41.45 -15.05 30.44
C HIS I 10 40.31 -14.61 29.55
N LEU I 11 39.64 -15.57 28.88
CA LEU I 11 38.49 -15.22 28.04
C LEU I 11 37.38 -14.57 28.87
N ASN I 12 37.16 -15.08 30.09
CA ASN I 12 36.14 -14.46 30.94
C ASN I 12 36.56 -13.08 31.42
N LYS I 13 37.86 -12.85 31.61
CA LYS I 13 38.30 -11.50 31.95
C LYS I 13 38.07 -10.56 30.78
N ILE I 14 38.38 -11.02 29.56
CA ILE I 14 38.13 -10.19 28.38
C ILE I 14 36.64 -9.93 28.24
N LEU I 15 35.83 -10.99 28.37
CA LEU I 15 34.39 -10.84 28.33
C LEU I 15 33.90 -9.83 29.36
N GLY I 16 34.48 -9.87 30.55
CA GLY I 16 34.09 -8.92 31.59
C GLY I 16 34.35 -7.49 31.17
N ASN I 17 35.49 -7.25 30.51
CA ASN I 17 35.76 -5.92 29.96
C ASN I 17 34.76 -5.54 28.88
N GLU I 18 34.38 -6.50 28.04
CA GLU I 18 33.41 -6.22 27.00
C GLU I 18 32.06 -5.86 27.59
N LEU I 19 31.68 -6.50 28.69
CA LEU I 19 30.37 -6.20 29.28
C LEU I 19 30.34 -4.78 29.83
N ILE I 20 31.43 -4.34 30.45
CA ILE I 20 31.55 -2.95 30.87
C ILE I 20 31.42 -2.03 29.67
N ALA I 21 32.18 -2.33 28.61
CA ALA I 21 32.23 -1.45 27.44
C ALA I 21 30.86 -1.36 26.75
N ILE I 22 30.16 -2.49 26.62
CA ILE I 22 28.83 -2.47 26.01
C ILE I 22 27.97 -1.43 26.69
N ASN I 23 27.89 -1.49 28.02
CA ASN I 23 27.00 -0.60 28.77
C ASN I 23 27.51 0.84 28.76
N GLN I 24 28.82 1.03 28.94
CA GLN I 24 29.41 2.37 28.95
C GLN I 24 29.20 3.06 27.61
N TYR I 25 29.49 2.37 26.51
CA TYR I 25 29.28 3.00 25.20
C TYR I 25 27.80 3.20 24.93
N PHE I 26 26.97 2.24 25.34
CA PHE I 26 25.55 2.42 25.08
C PHE I 26 25.01 3.62 25.83
N LEU I 27 25.38 3.76 27.11
CA LEU I 27 24.92 4.93 27.86
C LEU I 27 25.49 6.23 27.27
N HIS I 28 26.78 6.24 26.94
CA HIS I 28 27.32 7.42 26.29
C HIS I 28 26.57 7.77 25.02
N SER I 29 26.26 6.77 24.21
CA SER I 29 25.52 6.99 22.96
C SER I 29 24.21 7.68 23.22
N ARG I 30 23.46 7.17 24.20
CA ARG I 30 22.14 7.70 24.45
C ARG I 30 22.20 9.07 25.14
N MET I 31 23.24 9.31 25.92
CA MET I 31 23.46 10.66 26.44
C MET I 31 23.69 11.64 25.30
N TRP I 32 24.60 11.31 24.39
CA TRP I 32 24.87 12.19 23.26
C TRP I 32 23.63 12.41 22.40
N ASN I 33 22.86 11.36 22.12
CA ASN I 33 21.62 11.56 21.39
C ASN I 33 20.66 12.49 22.15
N ASP I 34 20.52 12.27 23.46
CA ASP I 34 19.64 13.14 24.26
C ASP I 34 20.10 14.60 24.16
N TRP I 35 21.41 14.85 24.10
CA TRP I 35 21.92 16.22 23.99
C TRP I 35 21.88 16.77 22.57
N GLY I 36 21.37 16.03 21.61
CA GLY I 36 21.34 16.51 20.25
C GLY I 36 22.64 16.33 19.48
N LEU I 37 23.59 15.57 20.02
CA LEU I 37 24.86 15.28 19.36
C LEU I 37 24.77 13.92 18.69
N LYS I 38 23.91 13.86 17.66
CA LYS I 38 23.50 12.55 17.14
C LYS I 38 24.59 11.86 16.31
N ARG I 39 25.57 12.59 15.76
CA ARG I 39 26.65 11.90 15.07
C ARG I 39 27.53 11.14 16.07
N LEU I 40 27.82 11.76 17.22
CA LEU I 40 28.52 11.03 18.29
C LEU I 40 27.66 9.89 18.80
N GLY I 41 26.36 10.14 18.98
CA GLY I 41 25.49 9.10 19.47
C GLY I 41 25.48 7.89 18.54
N ALA I 42 25.40 8.11 17.24
CA ALA I 42 25.37 6.99 16.31
C ALA I 42 26.70 6.26 16.28
N HIS I 43 27.81 6.99 16.23
CA HIS I 43 29.09 6.30 16.23
C HIS I 43 29.27 5.49 17.51
N GLU I 44 28.87 6.05 18.65
CA GLU I 44 29.08 5.35 19.90
C GLU I 44 28.16 4.13 20.00
N TYR I 45 26.98 4.21 19.41
CA TYR I 45 26.10 3.05 19.30
C TYR I 45 26.77 1.93 18.53
N HIS I 46 27.38 2.26 17.39
CA HIS I 46 28.07 1.25 16.62
C HIS I 46 29.28 0.69 17.37
N GLU I 47 29.96 1.49 18.20
CA GLU I 47 30.99 0.92 19.06
C GLU I 47 30.38 -0.06 20.06
N SER I 48 29.23 0.28 20.65
CA SER I 48 28.59 -0.64 21.57
C SER I 48 28.19 -1.95 20.87
N ILE I 49 27.60 -1.88 19.68
CA ILE I 49 27.28 -3.09 18.94
C ILE I 49 28.52 -3.92 18.65
N ASP I 50 29.63 -3.27 18.27
CA ASP I 50 30.85 -4.02 18.03
C ASP I 50 31.26 -4.83 19.25
N GLU I 51 31.15 -4.23 20.44
CA GLU I 51 31.55 -4.93 21.66
C GLU I 51 30.59 -6.07 21.95
N MET I 52 29.30 -5.89 21.64
CA MET I 52 28.34 -6.98 21.77
C MET I 52 28.74 -8.17 20.90
N LYS I 53 29.17 -7.91 19.67
CA LYS I 53 29.58 -9.01 18.79
C LYS I 53 30.83 -9.69 19.33
N HIS I 54 31.79 -8.92 19.86
CA HIS I 54 32.97 -9.52 20.49
C HIS I 54 32.55 -10.42 21.65
N ALA I 55 31.63 -9.93 22.49
CA ALA I 55 31.17 -10.71 23.63
C ALA I 55 30.52 -12.01 23.20
N ASP I 56 29.70 -11.95 22.14
CA ASP I 56 29.09 -13.16 21.62
C ASP I 56 30.15 -14.19 21.26
N LYS I 57 31.15 -13.77 20.49
CA LYS I 57 32.19 -14.70 20.06
C LYS I 57 32.96 -15.27 21.26
N LEU I 58 33.23 -14.43 22.28
CA LEU I 58 33.91 -14.94 23.47
C LEU I 58 33.06 -15.97 24.21
N ILE I 59 31.77 -15.69 24.33
CA ILE I 59 30.86 -16.61 25.02
C ILE I 59 30.83 -17.95 24.29
N GLU I 60 30.77 -17.89 22.96
CA GLU I 60 30.70 -19.11 22.16
C GLU I 60 31.99 -19.92 22.28
N ARG I 61 33.13 -19.25 22.29
CA ARG I 61 34.41 -19.95 22.46
C ARG I 61 34.54 -20.59 23.84
N ILE I 62 34.17 -19.84 24.89
CA ILE I 62 34.23 -20.39 26.25
C ILE I 62 33.40 -21.67 26.34
N LEU I 63 32.18 -21.64 25.78
CA LEU I 63 31.33 -22.82 25.85
C LEU I 63 31.93 -23.97 25.07
N PHE I 64 32.44 -23.70 23.87
CA PHE I 64 33.13 -24.74 23.12
C PHE I 64 34.24 -25.37 23.96
N LEU I 65 34.98 -24.56 24.68
CA LEU I 65 36.08 -25.03 25.54
C LEU I 65 35.58 -25.60 26.87
N GLU I 66 34.26 -25.75 27.03
CA GLU I 66 33.62 -26.40 28.17
C GLU I 66 33.83 -25.61 29.47
N GLY I 67 33.97 -24.29 29.36
CA GLY I 67 33.91 -23.40 30.49
C GLY I 67 32.54 -22.72 30.63
N LEU I 68 32.41 -21.96 31.71
CA LEU I 68 31.18 -21.24 32.03
C LEU I 68 31.40 -19.75 31.76
N PRO I 69 30.73 -19.17 30.78
CA PRO I 69 30.89 -17.73 30.56
C PRO I 69 30.30 -16.98 31.73
N ASN I 70 31.00 -15.94 32.16
CA ASN I 70 30.61 -15.13 33.30
C ASN I 70 29.94 -13.85 32.80
N LEU I 71 28.62 -13.86 32.75
CA LEU I 71 27.83 -12.67 32.44
C LEU I 71 27.25 -12.05 33.70
N GLN I 72 27.72 -12.46 34.86
CA GLN I 72 27.14 -12.03 36.14
C GLN I 72 27.89 -10.86 36.75
N ASP I 73 29.20 -10.79 36.56
CA ASP I 73 30.05 -9.83 37.25
C ASP I 73 30.32 -8.64 36.34
N LEU I 74 29.82 -7.49 36.73
CA LEU I 74 29.97 -6.25 35.99
C LEU I 74 30.87 -5.30 36.75
N GLY I 75 32.02 -4.99 36.15
CA GLY I 75 32.94 -4.00 36.68
C GLY I 75 32.42 -2.57 36.55
N LYS I 76 33.24 -1.64 36.99
CA LYS I 76 32.82 -0.25 37.14
C LYS I 76 32.77 0.42 35.78
N LEU I 77 31.63 1.04 35.45
CA LEU I 77 31.51 1.85 34.26
C LEU I 77 32.13 3.21 34.51
N LEU I 78 32.79 3.75 33.50
CA LEU I 78 33.40 5.07 33.55
C LEU I 78 32.58 5.99 32.67
N ILE I 79 31.77 6.86 33.29
CA ILE I 79 30.78 7.60 32.50
C ILE I 79 31.25 9.03 32.21
N GLY I 80 31.50 9.84 33.20
CA GLY I 80 31.86 11.21 32.91
C GLY I 80 30.67 12.10 32.52
N GLU I 81 30.93 13.39 32.50
CA GLU I 81 29.88 14.40 32.61
C GLU I 81 29.83 15.37 31.46
N ASN I 82 30.74 15.24 30.49
CA ASN I 82 30.71 16.06 29.29
C ASN I 82 31.46 15.28 28.21
N THR I 83 31.40 15.82 26.99
CA THR I 83 31.87 15.07 25.82
C THR I 83 33.36 14.71 25.95
N GLN I 84 34.19 15.68 26.33
CA GLN I 84 35.62 15.38 26.47
C GLN I 84 35.85 14.28 27.51
N GLU I 85 35.16 14.34 28.66
CA GLU I 85 35.37 13.31 29.67
C GLU I 85 34.84 11.96 29.21
N MET I 86 33.72 11.96 28.48
CA MET I 86 33.17 10.70 28.00
C MET I 86 34.14 10.01 27.04
N LEU I 87 34.73 10.79 26.13
CA LEU I 87 35.73 10.23 25.23
C LEU I 87 36.94 9.74 26.00
N GLN I 88 37.40 10.50 27.00
CA GLN I 88 38.57 10.07 27.78
C GLN I 88 38.25 8.83 28.59
N CYS I 89 37.02 8.71 29.10
CA CYS I 89 36.60 7.50 29.82
C CYS I 89 36.61 6.28 28.90
N ASP I 90 36.08 6.42 27.70
CA ASP I 90 36.14 5.32 26.74
C ASP I 90 37.59 4.93 26.45
N LEU I 91 38.45 5.92 26.27
CA LEU I 91 39.85 5.63 25.94
C LEU I 91 40.53 4.92 27.09
N ASN I 92 40.26 5.36 28.34
CA ASN I 92 40.86 4.69 29.49
C ASN I 92 40.43 3.24 29.56
N LEU I 93 39.13 2.98 29.35
CA LEU I 93 38.63 1.61 29.29
C LEU I 93 39.31 0.81 28.17
N GLU I 94 39.45 1.41 26.97
CA GLU I 94 40.06 0.69 25.84
C GLU I 94 41.51 0.31 26.13
N LEU I 95 42.25 1.19 26.81
CA LEU I 95 43.65 0.89 27.09
C LEU I 95 43.76 -0.25 28.09
N LYS I 96 42.86 -0.30 29.06
CA LYS I 96 42.80 -1.46 29.94
C LYS I 96 42.46 -2.72 29.16
N ALA I 97 41.53 -2.61 28.20
CA ALA I 97 41.11 -3.80 27.46
C ALA I 97 42.25 -4.36 26.63
N THR I 98 43.01 -3.49 25.96
CA THR I 98 44.08 -3.96 25.10
C THR I 98 45.23 -4.56 25.91
N LYS I 99 45.48 -4.02 27.11
CA LYS I 99 46.46 -4.64 27.99
C LYS I 99 46.02 -6.06 28.35
N ASP I 100 44.76 -6.23 28.73
CA ASP I 100 44.26 -7.55 29.07
C ASP I 100 44.25 -8.48 27.87
N LEU I 101 43.94 -7.95 26.68
CA LEU I 101 44.00 -8.80 25.48
C LEU I 101 45.42 -9.30 25.23
N ARG I 102 46.41 -8.42 25.39
CA ARG I 102 47.79 -8.81 25.15
C ARG I 102 48.21 -9.92 26.10
N GLU I 103 47.89 -9.78 27.39
CA GLU I 103 48.24 -10.83 28.34
C GLU I 103 47.54 -12.14 28.02
N ALA I 104 46.28 -12.07 27.58
CA ALA I 104 45.57 -13.30 27.23
C ALA I 104 46.19 -13.98 26.00
N ILE I 105 46.63 -13.19 25.02
CA ILE I 105 47.25 -13.79 23.84
C ILE I 105 48.55 -14.50 24.21
N VAL I 106 49.37 -13.87 25.06
CA VAL I 106 50.60 -14.51 25.54
C VAL I 106 50.28 -15.89 26.08
N HIS I 107 49.25 -15.97 26.92
CA HIS I 107 48.93 -17.25 27.53
C HIS I 107 48.40 -18.25 26.52
N CYS I 108 47.52 -17.82 25.61
CA CYS I 108 47.04 -18.73 24.57
C CYS I 108 48.22 -19.30 23.80
N GLU I 109 49.17 -18.44 23.44
CA GLU I 109 50.32 -18.91 22.69
C GLU I 109 51.10 -19.96 23.48
N GLN I 110 51.32 -19.71 24.76
CA GLN I 110 52.10 -20.64 25.58
C GLN I 110 51.45 -22.03 25.64
N VAL I 111 50.12 -22.10 25.69
CA VAL I 111 49.47 -23.40 25.79
C VAL I 111 49.00 -23.91 24.42
N HIS I 112 49.39 -23.23 23.35
CA HIS I 112 49.15 -23.68 21.98
C HIS I 112 47.66 -23.61 21.61
N ASP I 113 46.89 -22.75 22.28
CA ASP I 113 45.50 -22.49 21.87
C ASP I 113 45.51 -21.40 20.80
N TYR I 114 45.93 -21.82 19.60
CA TYR I 114 46.15 -20.86 18.53
C TYR I 114 44.85 -20.28 17.98
N VAL I 115 43.75 -21.02 18.09
CA VAL I 115 42.45 -20.49 17.62
C VAL I 115 41.94 -19.43 18.58
N SER I 116 42.04 -19.66 19.90
CA SER I 116 41.71 -18.57 20.84
C SER I 116 42.58 -17.35 20.61
N ARG I 117 43.87 -17.56 20.35
CA ARG I 117 44.74 -16.43 20.05
C ARG I 117 44.23 -15.65 18.84
N ASP I 118 43.82 -16.36 17.79
CA ASP I 118 43.39 -15.68 16.57
C ASP I 118 42.14 -14.86 16.82
N LEU I 119 41.20 -15.40 17.60
CA LEU I 119 40.02 -14.62 18.00
C LEU I 119 40.42 -13.36 18.77
N LEU I 120 41.30 -13.50 19.75
CA LEU I 120 41.69 -12.35 20.56
C LEU I 120 42.44 -11.32 19.75
N LYS I 121 43.24 -11.77 18.78
CA LYS I 121 43.93 -10.84 17.90
C LYS I 121 42.92 -10.04 17.07
N ASP I 122 41.87 -10.69 16.58
CA ASP I 122 40.84 -9.99 15.82
C ASP I 122 40.18 -8.93 16.69
N ILE I 123 39.87 -9.28 17.94
CA ILE I 123 39.26 -8.32 18.86
C ILE I 123 40.23 -7.18 19.13
N LEU I 124 41.52 -7.49 19.32
CA LEU I 124 42.52 -6.46 19.55
C LEU I 124 42.63 -5.48 18.39
N GLU I 125 42.55 -5.98 17.15
CA GLU I 125 42.53 -5.08 16.00
C GLU I 125 41.35 -4.11 16.07
N SER I 126 40.16 -4.62 16.38
CA SER I 126 38.99 -3.77 16.56
CA SER I 126 38.99 -3.76 16.56
C SER I 126 39.22 -2.74 17.67
N GLU I 127 39.80 -3.16 18.79
CA GLU I 127 39.98 -2.21 19.90
C GLU I 127 41.02 -1.15 19.55
N GLU I 128 42.08 -1.52 18.82
CA GLU I 128 43.03 -0.49 18.41
C GLU I 128 42.38 0.49 17.45
N GLU I 129 41.48 0.02 16.58
CA GLU I 129 40.72 0.95 15.75
C GLU I 129 39.88 1.90 16.59
N HIS I 130 39.24 1.39 17.64
CA HIS I 130 38.51 2.28 18.54
C HIS I 130 39.45 3.29 19.19
N ILE I 131 40.63 2.84 19.60
CA ILE I 131 41.60 3.75 20.21
C ILE I 131 41.99 4.83 19.22
N ASP I 132 42.27 4.44 17.98
CA ASP I 132 42.57 5.42 16.94
C ASP I 132 41.45 6.45 16.84
N TYR I 133 40.21 5.97 16.77
CA TYR I 133 39.07 6.89 16.69
C TYR I 133 39.05 7.84 17.89
N LEU I 134 39.22 7.31 19.11
CA LEU I 134 39.12 8.13 20.31
C LEU I 134 40.24 9.16 20.40
N GLU I 135 41.49 8.73 20.15
CA GLU I 135 42.61 9.66 20.12
C GLU I 135 42.40 10.74 19.08
N THR I 136 41.82 10.38 17.94
CA THR I 136 41.59 11.37 16.90
C THR I 136 40.53 12.39 17.31
N GLN I 137 39.46 11.94 17.98
CA GLN I 137 38.44 12.89 18.41
C GLN I 137 39.00 13.87 19.43
N LEU I 138 39.77 13.36 20.40
CA LEU I 138 40.33 14.24 21.42
C LEU I 138 41.29 15.24 20.80
N GLY I 139 42.07 14.80 19.82
CA GLY I 139 42.93 15.72 19.11
C GLY I 139 42.16 16.75 18.30
N LEU I 140 41.04 16.35 17.70
CA LEU I 140 40.24 17.31 16.95
C LEU I 140 39.65 18.38 17.87
N ILE I 141 39.27 18.00 19.08
CA ILE I 141 38.72 19.01 19.99
C ILE I 141 39.74 20.12 20.18
N GLN I 142 41.02 19.76 20.25
CA GLN I 142 42.10 20.74 20.43
C GLN I 142 42.33 21.56 19.17
N LYS I 143 42.09 20.99 17.99
CA LYS I 143 42.44 21.65 16.73
C LYS I 143 41.32 22.56 16.23
N VAL I 144 40.06 22.15 16.40
CA VAL I 144 38.95 22.97 15.91
C VAL I 144 38.24 23.71 17.04
N GLY I 145 38.54 23.39 18.29
CA GLY I 145 37.85 23.97 19.43
C GLY I 145 36.60 23.17 19.77
N LEU I 146 36.23 23.22 21.04
CA LEU I 146 35.14 22.35 21.51
C LEU I 146 33.81 22.72 20.87
N GLU I 147 33.52 24.02 20.71
CA GLU I 147 32.24 24.41 20.14
C GLU I 147 32.10 23.92 18.71
N ASN I 148 33.15 24.10 17.89
CA ASN I 148 33.12 23.54 16.55
C ASN I 148 33.07 22.02 16.58
N TYR I 149 33.86 21.38 17.45
CA TYR I 149 33.82 19.92 17.51
C TYR I 149 32.40 19.43 17.77
N LEU I 150 31.71 20.05 18.71
CA LEU I 150 30.36 19.58 19.02
C LEU I 150 29.41 19.89 17.88
N GLN I 151 29.55 21.09 17.30
CA GLN I 151 28.72 21.48 16.16
C GLN I 151 28.80 20.45 15.04
N SER I 152 30.01 19.99 14.74
CA SER I 152 30.24 18.99 13.69
C SER I 152 29.64 17.64 14.04
N HIS I 153 29.21 17.43 15.29
CA HIS I 153 28.64 16.15 15.66
C HIS I 153 27.16 16.25 16.00
N MET I 154 26.51 17.34 15.59
CA MET I 154 25.07 17.48 15.83
C MET I 154 24.27 16.57 14.89
N HIS I 155 24.60 16.58 13.61
CA HIS I 155 23.78 15.92 12.61
C HIS I 155 24.49 14.66 12.12
N GLU I 156 23.72 13.62 11.85
CA GLU I 156 24.28 12.40 11.26
C GLU I 156 24.53 12.60 9.77
N MET J 1 -11.40 20.61 -59.19
CA MET J 1 -12.28 19.88 -60.13
C MET J 1 -13.59 20.67 -60.16
N LYS J 2 -14.10 21.02 -61.34
CA LYS J 2 -15.25 21.91 -61.37
C LYS J 2 -16.51 21.16 -60.92
N GLY J 3 -17.09 21.57 -59.82
CA GLY J 3 -18.30 20.94 -59.33
C GLY J 3 -19.59 21.55 -59.91
N ASP J 4 -20.68 20.81 -59.69
CA ASP J 4 -22.02 21.30 -60.03
C ASP J 4 -22.40 22.49 -59.15
N LYS J 5 -22.90 23.56 -59.77
CA LYS J 5 -23.17 24.76 -59.00
C LYS J 5 -24.21 24.52 -57.91
N LYS J 6 -25.27 23.78 -58.23
CA LYS J 6 -26.30 23.53 -57.25
C LYS J 6 -25.82 22.58 -56.16
N VAL J 7 -24.94 21.61 -56.48
CA VAL J 7 -24.30 20.82 -55.43
C VAL J 7 -23.61 21.73 -54.44
N ILE J 8 -22.82 22.67 -54.97
CA ILE J 8 -22.09 23.57 -54.08
C ILE J 8 -23.03 24.40 -53.23
N GLN J 9 -24.13 24.86 -53.83
CA GLN J 9 -25.11 25.59 -53.04
C GLN J 9 -25.67 24.72 -51.92
N HIS J 10 -26.00 23.47 -52.21
CA HIS J 10 -26.49 22.58 -51.16
C HIS J 10 -25.43 22.40 -50.08
N LEU J 11 -24.17 22.17 -50.49
CA LEU J 11 -23.12 21.96 -49.49
C LEU J 11 -22.98 23.17 -48.61
N ASN J 12 -23.14 24.37 -49.19
CA ASN J 12 -23.06 25.59 -48.39
C ASN J 12 -24.25 25.73 -47.45
N LYS J 13 -25.41 25.22 -47.87
CA LYS J 13 -26.58 25.22 -46.98
C LYS J 13 -26.36 24.28 -45.79
N ILE J 14 -25.82 23.09 -46.07
CA ILE J 14 -25.48 22.17 -44.98
C ILE J 14 -24.45 22.82 -44.06
N LEU J 15 -23.39 23.39 -44.64
CA LEU J 15 -22.38 24.07 -43.84
C LEU J 15 -22.99 25.16 -42.95
N GLY J 16 -23.89 25.95 -43.53
CA GLY J 16 -24.59 26.95 -42.74
C GLY J 16 -25.32 26.35 -41.55
N ASN J 17 -25.96 25.19 -41.73
CA ASN J 17 -26.58 24.52 -40.59
C ASN J 17 -25.55 24.07 -39.56
N GLU J 18 -24.41 23.54 -40.03
CA GLU J 18 -23.34 23.12 -39.12
C GLU J 18 -22.82 24.30 -38.30
N LEU J 19 -22.71 25.48 -38.94
CA LEU J 19 -22.19 26.64 -38.21
C LEU J 19 -23.13 27.08 -37.09
N ILE J 20 -24.44 27.03 -37.33
CA ILE J 20 -25.41 27.28 -36.27
C ILE J 20 -25.22 26.26 -35.16
N ALA J 21 -25.10 24.99 -35.54
CA ALA J 21 -25.01 23.93 -34.55
C ALA J 21 -23.75 24.04 -33.70
N ILE J 22 -22.62 24.37 -34.33
CA ILE J 22 -21.39 24.55 -33.55
C ILE J 22 -21.61 25.54 -32.42
N ASN J 23 -22.15 26.71 -32.74
CA ASN J 23 -22.29 27.77 -31.74
C ASN J 23 -23.37 27.43 -30.74
N GLN J 24 -24.50 26.91 -31.21
CA GLN J 24 -25.61 26.54 -30.33
C GLN J 24 -25.19 25.46 -29.34
N TYR J 25 -24.50 24.42 -29.82
CA TYR J 25 -24.08 23.35 -28.90
C TYR J 25 -22.97 23.84 -27.99
N PHE J 26 -22.07 24.69 -28.49
CA PHE J 26 -21.00 25.17 -27.62
C PHE J 26 -21.55 26.04 -26.51
N LEU J 27 -22.49 26.94 -26.83
CA LEU J 27 -23.07 27.78 -25.79
C LEU J 27 -23.87 26.93 -24.80
N HIS J 28 -24.65 25.97 -25.29
CA HIS J 28 -25.37 25.08 -24.39
C HIS J 28 -24.43 24.34 -23.47
N SER J 29 -23.31 23.85 -24.01
CA SER J 29 -22.32 23.15 -23.19
C SER J 29 -21.83 24.02 -22.06
N ARG J 30 -21.50 25.26 -22.37
CA ARG J 30 -20.95 26.15 -21.37
C ARG J 30 -22.02 26.64 -20.40
N MET J 31 -23.28 26.75 -20.84
CA MET J 31 -24.34 27.05 -19.90
C MET J 31 -24.48 25.90 -18.90
N TRP J 32 -24.52 24.66 -19.39
CA TRP J 32 -24.67 23.52 -18.48
C TRP J 32 -23.50 23.45 -17.51
N ASN J 33 -22.28 23.70 -17.99
CA ASN J 33 -21.13 23.70 -17.10
C ASN J 33 -21.25 24.77 -16.04
N ASP J 34 -21.64 25.98 -16.44
CA ASP J 34 -21.83 27.05 -15.47
C ASP J 34 -22.85 26.67 -14.40
N TRP J 35 -23.90 25.94 -14.78
CA TRP J 35 -24.93 25.47 -13.86
C TRP J 35 -24.53 24.26 -13.04
N GLY J 36 -23.32 23.73 -13.21
CA GLY J 36 -22.91 22.57 -12.47
C GLY J 36 -23.42 21.26 -13.03
N LEU J 37 -23.94 21.26 -14.25
CA LEU J 37 -24.39 20.03 -14.89
C LEU J 37 -23.32 19.56 -15.89
N LYS J 38 -22.20 19.11 -15.32
CA LYS J 38 -20.99 18.96 -16.11
C LYS J 38 -21.06 17.79 -17.07
N ARG J 39 -21.88 16.78 -16.76
CA ARG J 39 -21.98 15.66 -17.68
C ARG J 39 -22.71 16.07 -18.96
N LEU J 40 -23.79 16.86 -18.81
CA LEU J 40 -24.43 17.46 -19.99
C LEU J 40 -23.46 18.37 -20.71
N GLY J 41 -22.72 19.19 -19.94
CA GLY J 41 -21.79 20.10 -20.58
C GLY J 41 -20.71 19.39 -21.38
N ALA J 42 -20.20 18.26 -20.84
CA ALA J 42 -19.17 17.50 -21.56
C ALA J 42 -19.75 16.85 -22.82
N HIS J 43 -20.93 16.24 -22.71
CA HIS J 43 -21.51 15.60 -23.88
C HIS J 43 -21.83 16.63 -24.95
N GLU J 44 -22.32 17.80 -24.54
CA GLU J 44 -22.71 18.82 -25.51
C GLU J 44 -21.49 19.41 -26.18
N TYR J 45 -20.41 19.55 -25.43
CA TYR J 45 -19.11 19.92 -25.97
C TYR J 45 -18.71 18.97 -27.10
N HIS J 46 -18.79 17.66 -26.85
CA HIS J 46 -18.40 16.71 -27.88
C HIS J 46 -19.32 16.75 -29.11
N GLU J 47 -20.62 17.02 -28.92
CA GLU J 47 -21.49 17.27 -30.06
C GLU J 47 -21.00 18.47 -30.87
N SER J 48 -20.62 19.54 -30.19
CA SER J 48 -20.13 20.74 -30.88
C SER J 48 -18.88 20.41 -31.68
N ILE J 49 -17.98 19.60 -31.10
CA ILE J 49 -16.75 19.21 -31.80
C ILE J 49 -17.10 18.37 -33.03
N ASP J 50 -18.06 17.45 -32.89
CA ASP J 50 -18.46 16.65 -34.04
C ASP J 50 -18.93 17.54 -35.20
N GLU J 51 -19.69 18.59 -34.88
CA GLU J 51 -20.17 19.50 -35.92
C GLU J 51 -19.04 20.33 -36.50
N MET J 52 -18.04 20.66 -35.68
CA MET J 52 -16.84 21.31 -36.20
C MET J 52 -16.13 20.42 -37.21
N LYS J 53 -16.03 19.11 -36.92
CA LYS J 53 -15.38 18.21 -37.87
C LYS J 53 -16.18 18.08 -39.15
N HIS J 54 -17.51 18.01 -39.05
CA HIS J 54 -18.36 17.99 -40.25
C HIS J 54 -18.15 19.25 -41.09
N ALA J 55 -18.13 20.40 -40.44
CA ALA J 55 -17.92 21.66 -41.16
C ALA J 55 -16.58 21.66 -41.87
N ASP J 56 -15.53 21.17 -41.21
CA ASP J 56 -14.23 21.07 -41.86
C ASP J 56 -14.34 20.28 -43.16
N LYS J 57 -14.97 19.11 -43.10
CA LYS J 57 -15.04 18.25 -44.28
C LYS J 57 -15.85 18.93 -45.40
N LEU J 58 -16.92 19.62 -45.03
CA LEU J 58 -17.70 20.34 -46.02
C LEU J 58 -16.90 21.46 -46.67
N ILE J 59 -16.19 22.23 -45.85
CA ILE J 59 -15.34 23.29 -46.36
C ILE J 59 -14.31 22.72 -47.34
N GLU J 60 -13.66 21.61 -46.95
CA GLU J 60 -12.65 21.01 -47.80
C GLU J 60 -13.27 20.55 -49.12
N ARG J 61 -14.47 19.97 -49.07
CA ARG J 61 -15.12 19.45 -50.28
C ARG J 61 -15.50 20.59 -51.21
N ILE J 62 -16.06 21.68 -50.65
CA ILE J 62 -16.47 22.83 -51.45
C ILE J 62 -15.28 23.42 -52.19
N LEU J 63 -14.14 23.58 -51.49
CA LEU J 63 -12.93 24.12 -52.11
C LEU J 63 -12.43 23.21 -53.22
N PHE J 64 -12.46 21.89 -53.01
CA PHE J 64 -12.02 20.96 -54.04
C PHE J 64 -12.89 21.09 -55.28
N LEU J 65 -14.18 21.34 -55.09
CA LEU J 65 -15.10 21.53 -56.19
C LEU J 65 -15.06 22.95 -56.73
N GLU J 66 -14.10 23.77 -56.28
CA GLU J 66 -13.88 25.13 -56.78
C GLU J 66 -15.04 26.06 -56.45
N GLY J 67 -15.72 25.81 -55.33
CA GLY J 67 -16.67 26.75 -54.79
C GLY J 67 -16.05 27.57 -53.66
N LEU J 68 -16.81 28.57 -53.22
CA LEU J 68 -16.42 29.40 -52.06
C LEU J 68 -17.22 28.96 -50.84
N PRO J 69 -16.60 28.40 -49.81
CA PRO J 69 -17.35 28.05 -48.60
C PRO J 69 -17.85 29.30 -47.89
N ASN J 70 -19.13 29.29 -47.52
CA ASN J 70 -19.77 30.42 -46.83
C ASN J 70 -19.68 30.23 -45.31
N LEU J 71 -18.71 30.89 -44.69
CA LEU J 71 -18.59 30.95 -43.24
C LEU J 71 -19.04 32.30 -42.70
N GLN J 72 -19.69 33.10 -43.54
CA GLN J 72 -20.04 34.47 -43.20
C GLN J 72 -21.47 34.61 -42.68
N ASP J 73 -22.39 33.83 -43.22
CA ASP J 73 -23.81 34.00 -42.93
C ASP J 73 -24.19 33.01 -41.83
N LEU J 74 -24.61 33.54 -40.71
CA LEU J 74 -24.96 32.74 -39.55
C LEU J 74 -26.45 32.90 -39.29
N GLY J 75 -27.20 31.81 -39.46
CA GLY J 75 -28.61 31.78 -39.15
C GLY J 75 -28.89 31.80 -37.65
N LYS J 76 -30.17 31.71 -37.34
CA LYS J 76 -30.65 31.93 -35.98
C LYS J 76 -30.27 30.75 -35.09
N LEU J 77 -29.58 31.06 -34.01
CA LEU J 77 -29.35 30.07 -32.96
C LEU J 77 -30.62 29.85 -32.14
N LEU J 78 -30.90 28.60 -31.78
CA LEU J 78 -32.00 28.22 -30.89
C LEU J 78 -31.40 27.86 -29.53
N ILE J 79 -31.48 28.80 -28.58
CA ILE J 79 -30.75 28.61 -27.34
C ILE J 79 -31.66 28.03 -26.23
N GLY J 80 -32.68 28.73 -25.82
CA GLY J 80 -33.47 28.17 -24.74
C GLY J 80 -32.88 28.48 -23.36
N GLU J 81 -33.74 28.33 -22.34
CA GLU J 81 -33.51 28.90 -21.03
C GLU J 81 -33.51 27.87 -19.92
N ASN J 82 -33.69 26.59 -20.22
CA ASN J 82 -33.52 25.55 -19.22
C ASN J 82 -33.15 24.27 -19.97
N THR J 83 -32.85 23.22 -19.21
CA THR J 83 -32.31 22.00 -19.81
C THR J 83 -33.29 21.40 -20.81
N GLN J 84 -34.56 21.34 -20.44
CA GLN J 84 -35.53 20.73 -21.34
C GLN J 84 -35.64 21.52 -22.65
N GLU J 85 -35.66 22.85 -22.59
CA GLU J 85 -35.70 23.68 -23.80
C GLU J 85 -34.42 23.55 -24.63
N MET J 86 -33.26 23.49 -23.98
CA MET J 86 -32.01 23.40 -24.71
C MET J 86 -31.95 22.11 -25.52
N LEU J 87 -32.34 20.99 -24.90
CA LEU J 87 -32.39 19.72 -25.63
C LEU J 87 -33.42 19.77 -26.76
N GLN J 88 -34.58 20.37 -26.52
CA GLN J 88 -35.57 20.47 -27.57
C GLN J 88 -35.07 21.36 -28.71
N CYS J 89 -34.39 22.47 -28.38
CA CYS J 89 -33.83 23.34 -29.41
C CYS J 89 -32.78 22.62 -30.25
N ASP J 90 -31.93 21.81 -29.61
CA ASP J 90 -30.99 20.99 -30.37
C ASP J 90 -31.74 20.04 -31.30
N LEU J 91 -32.79 19.39 -30.78
CA LEU J 91 -33.52 18.44 -31.61
C LEU J 91 -34.19 19.14 -32.79
N ASN J 92 -34.81 20.30 -32.54
CA ASN J 92 -35.42 21.04 -33.64
C ASN J 92 -34.37 21.39 -34.71
N LEU J 93 -33.19 21.85 -34.29
CA LEU J 93 -32.15 22.16 -35.26
C LEU J 93 -31.70 20.91 -36.01
N GLU J 94 -31.58 19.78 -35.31
CA GLU J 94 -31.17 18.54 -35.97
C GLU J 94 -32.19 18.11 -37.02
N LEU J 95 -33.49 18.27 -36.74
CA LEU J 95 -34.51 17.82 -37.68
C LEU J 95 -34.51 18.67 -38.94
N LYS J 96 -34.24 19.96 -38.81
CA LYS J 96 -34.01 20.79 -39.99
C LYS J 96 -32.75 20.34 -40.74
N ALA J 97 -31.65 20.07 -40.01
CA ALA J 97 -30.40 19.66 -40.66
C ALA J 97 -30.59 18.38 -41.47
N THR J 98 -31.30 17.40 -40.92
CA THR J 98 -31.43 16.15 -41.64
C THR J 98 -32.36 16.32 -42.84
N LYS J 99 -33.39 17.15 -42.73
CA LYS J 99 -34.20 17.49 -43.90
C LYS J 99 -33.32 18.06 -45.01
N ASP J 100 -32.48 19.02 -44.66
CA ASP J 100 -31.61 19.62 -45.66
C ASP J 100 -30.61 18.60 -46.22
N LEU J 101 -30.12 17.69 -45.38
CA LEU J 101 -29.18 16.68 -45.85
C LEU J 101 -29.83 15.76 -46.87
N ARG J 102 -31.08 15.37 -46.61
CA ARG J 102 -31.79 14.49 -47.54
C ARG J 102 -31.96 15.18 -48.88
N GLU J 103 -32.34 16.46 -48.87
CA GLU J 103 -32.53 17.17 -50.14
C GLU J 103 -31.22 17.32 -50.90
N ALA J 104 -30.11 17.53 -50.18
CA ALA J 104 -28.82 17.63 -50.81
C ALA J 104 -28.42 16.31 -51.45
N ILE J 105 -28.67 15.19 -50.77
CA ILE J 105 -28.29 13.88 -51.31
C ILE J 105 -29.07 13.57 -52.58
N VAL J 106 -30.37 13.89 -52.59
CA VAL J 106 -31.18 13.73 -53.79
C VAL J 106 -30.48 14.38 -54.98
N HIS J 107 -30.06 15.64 -54.80
CA HIS J 107 -29.48 16.36 -55.92
C HIS J 107 -28.12 15.81 -56.30
N CYS J 108 -27.27 15.51 -55.31
CA CYS J 108 -25.99 14.87 -55.60
C CYS J 108 -26.20 13.62 -56.42
N GLU J 109 -27.17 12.81 -56.03
CA GLU J 109 -27.44 11.58 -56.76
C GLU J 109 -27.85 11.89 -58.20
N GLN J 110 -28.68 12.93 -58.39
CA GLN J 110 -29.18 13.25 -59.72
C GLN J 110 -28.07 13.70 -60.66
N VAL J 111 -27.05 14.41 -60.16
CA VAL J 111 -25.98 14.88 -61.02
C VAL J 111 -24.74 14.00 -60.94
N HIS J 112 -24.83 12.84 -60.29
CA HIS J 112 -23.77 11.83 -60.26
C HIS J 112 -22.56 12.28 -59.44
N ASP J 113 -22.76 13.17 -58.46
CA ASP J 113 -21.67 13.54 -57.56
C ASP J 113 -21.72 12.57 -56.40
N TYR J 114 -21.23 11.34 -56.66
CA TYR J 114 -21.40 10.26 -55.70
C TYR J 114 -20.51 10.43 -54.48
N VAL J 115 -19.35 11.09 -54.62
CA VAL J 115 -18.48 11.33 -53.48
C VAL J 115 -19.09 12.37 -52.53
N SER J 116 -19.66 13.45 -53.06
CA SER J 116 -20.39 14.38 -52.20
C SER J 116 -21.55 13.67 -51.49
N ARG J 117 -22.25 12.80 -52.21
CA ARG J 117 -23.34 12.07 -51.56
C ARG J 117 -22.81 11.22 -50.39
N ASP J 118 -21.70 10.51 -50.59
CA ASP J 118 -21.14 9.67 -49.54
C ASP J 118 -20.76 10.51 -48.31
N LEU J 119 -20.18 11.69 -48.54
CA LEU J 119 -19.88 12.57 -47.42
C LEU J 119 -21.14 12.99 -46.66
N LEU J 120 -22.17 13.39 -47.39
CA LEU J 120 -23.42 13.83 -46.78
C LEU J 120 -24.10 12.69 -46.04
N LYS J 121 -24.04 11.48 -46.59
CA LYS J 121 -24.60 10.32 -45.92
C LYS J 121 -23.89 10.07 -44.58
N ASP J 122 -22.56 10.14 -44.58
CA ASP J 122 -21.81 10.02 -43.33
C ASP J 122 -22.23 11.08 -42.32
N ILE J 123 -22.39 12.33 -42.78
CA ILE J 123 -22.84 13.37 -41.85
C ILE J 123 -24.24 13.05 -41.34
N LEU J 124 -25.11 12.57 -42.23
CA LEU J 124 -26.48 12.26 -41.84
C LEU J 124 -26.53 11.16 -40.79
N GLU J 125 -25.65 10.16 -40.90
CA GLU J 125 -25.56 9.10 -39.89
C GLU J 125 -25.21 9.69 -38.52
N SER J 126 -24.23 10.59 -38.50
CA SER J 126 -23.87 11.28 -37.27
CA SER J 126 -23.87 11.29 -37.25
C SER J 126 -25.06 12.06 -36.71
N GLU J 127 -25.74 12.81 -37.56
CA GLU J 127 -26.88 13.60 -37.09
C GLU J 127 -28.00 12.71 -36.56
N GLU J 128 -28.28 11.57 -37.22
CA GLU J 128 -29.31 10.67 -36.68
C GLU J 128 -28.88 10.07 -35.34
N GLU J 129 -27.58 9.84 -35.15
CA GLU J 129 -27.11 9.45 -33.82
C GLU J 129 -27.34 10.55 -32.79
N HIS J 130 -27.12 11.81 -33.17
CA HIS J 130 -27.45 12.93 -32.29
C HIS J 130 -28.94 12.96 -31.96
N ILE J 131 -29.81 12.79 -32.97
CA ILE J 131 -31.24 12.78 -32.74
C ILE J 131 -31.59 11.66 -31.77
N ASP J 132 -31.02 10.49 -31.98
CA ASP J 132 -31.23 9.37 -31.08
C ASP J 132 -30.89 9.79 -29.65
N TYR J 133 -29.70 10.39 -29.46
CA TYR J 133 -29.29 10.84 -28.14
C TYR J 133 -30.31 11.81 -27.54
N LEU J 134 -30.72 12.79 -28.34
CA LEU J 134 -31.59 13.84 -27.83
C LEU J 134 -32.98 13.29 -27.48
N GLU J 135 -33.55 12.48 -28.37
CA GLU J 135 -34.85 11.87 -28.10
C GLU J 135 -34.80 11.06 -26.82
N THR J 136 -33.68 10.36 -26.61
CA THR J 136 -33.51 9.53 -25.42
C THR J 136 -33.42 10.38 -24.16
N GLN J 137 -32.71 11.51 -24.21
CA GLN J 137 -32.64 12.39 -23.06
C GLN J 137 -34.02 12.94 -22.69
N LEU J 138 -34.81 13.35 -23.70
CA LEU J 138 -36.12 13.90 -23.39
C LEU J 138 -37.03 12.82 -22.82
N GLY J 139 -36.88 11.58 -23.29
CA GLY J 139 -37.63 10.47 -22.72
C GLY J 139 -37.18 10.14 -21.31
N LEU J 140 -35.86 10.23 -21.05
CA LEU J 140 -35.38 9.97 -19.70
C LEU J 140 -35.92 11.00 -18.71
N ILE J 141 -35.99 12.26 -19.13
CA ILE J 141 -36.54 13.29 -18.25
C ILE J 141 -37.95 12.89 -17.81
N GLN J 142 -38.73 12.29 -18.71
CA GLN J 142 -40.03 11.78 -18.34
C GLN J 142 -39.94 10.56 -17.43
N LYS J 143 -39.05 9.62 -17.74
CA LYS J 143 -39.06 8.37 -16.99
C LYS J 143 -38.45 8.50 -15.59
N VAL J 144 -37.38 9.28 -15.41
CA VAL J 144 -36.75 9.38 -14.09
C VAL J 144 -37.17 10.66 -13.35
N GLY J 145 -37.84 11.58 -14.02
CA GLY J 145 -38.19 12.88 -13.45
C GLY J 145 -37.08 13.89 -13.64
N LEU J 146 -37.45 15.17 -13.68
CA LEU J 146 -36.47 16.18 -14.02
C LEU J 146 -35.39 16.30 -12.95
N GLU J 147 -35.77 16.26 -11.67
CA GLU J 147 -34.77 16.37 -10.61
C GLU J 147 -33.70 15.27 -10.70
N ASN J 148 -34.14 14.02 -10.85
CA ASN J 148 -33.21 12.90 -11.00
C ASN J 148 -32.39 13.04 -12.27
N TYR J 149 -33.02 13.47 -13.37
CA TYR J 149 -32.29 13.59 -14.62
C TYR J 149 -31.14 14.58 -14.48
N LEU J 150 -31.43 15.74 -13.89
CA LEU J 150 -30.41 16.74 -13.67
C LEU J 150 -29.37 16.23 -12.68
N GLN J 151 -29.83 15.58 -11.62
CA GLN J 151 -28.90 15.01 -10.64
C GLN J 151 -27.90 14.08 -11.32
N SER J 152 -28.40 13.24 -12.24
CA SER J 152 -27.55 12.27 -12.92
C SER J 152 -26.58 12.93 -13.89
N HIS J 153 -26.69 14.24 -14.14
CA HIS J 153 -25.78 14.91 -15.06
C HIS J 153 -24.93 15.96 -14.36
N MET J 154 -24.83 15.89 -13.03
CA MET J 154 -24.01 16.84 -12.30
C MET J 154 -22.52 16.51 -12.47
N HIS J 155 -22.16 15.25 -12.29
CA HIS J 155 -20.76 14.86 -12.24
C HIS J 155 -20.37 14.12 -13.51
N GLU J 156 -19.13 14.33 -13.94
CA GLU J 156 -18.57 13.62 -15.09
C GLU J 156 -18.05 12.23 -14.74
N MET K 1 12.93 44.30 2.53
CA MET K 1 12.72 45.52 1.69
C MET K 1 11.57 46.32 2.32
N LYS K 2 11.80 47.60 2.63
CA LYS K 2 10.81 48.38 3.36
C LYS K 2 9.57 48.58 2.52
N GLY K 3 8.41 48.10 3.01
CA GLY K 3 7.17 48.24 2.30
C GLY K 3 6.42 49.50 2.68
N ASP K 4 5.44 49.82 1.86
CA ASP K 4 4.47 50.87 2.16
C ASP K 4 3.62 50.46 3.35
N LYS K 5 3.51 51.36 4.35
CA LYS K 5 2.78 51.00 5.58
C LYS K 5 1.35 50.58 5.28
N LYS K 6 0.67 51.33 4.42
CA LYS K 6 -0.73 51.02 4.17
C LYS K 6 -0.88 49.75 3.34
N VAL K 7 0.05 49.47 2.43
CA VAL K 7 0.02 48.15 1.78
C VAL K 7 0.07 47.04 2.82
N ILE K 8 0.98 47.15 3.78
CA ILE K 8 1.11 46.12 4.81
C ILE K 8 -0.18 46.03 5.60
N GLN K 9 -0.81 47.17 5.90
CA GLN K 9 -2.10 47.13 6.59
C GLN K 9 -3.16 46.42 5.74
N HIS K 10 -3.21 46.72 4.45
CA HIS K 10 -4.11 45.99 3.57
C HIS K 10 -3.78 44.49 3.59
N LEU K 11 -2.49 44.13 3.51
CA LEU K 11 -2.15 42.72 3.48
C LEU K 11 -2.59 42.02 4.77
N ASN K 12 -2.44 42.68 5.92
CA ASN K 12 -2.91 42.09 7.16
C ASN K 12 -4.43 42.00 7.22
N LYS K 13 -5.13 42.95 6.60
CA LYS K 13 -6.58 42.83 6.56
C LYS K 13 -7.00 41.61 5.75
N ILE K 14 -6.39 41.43 4.56
CA ILE K 14 -6.64 40.23 3.75
C ILE K 14 -6.31 38.97 4.54
N LEU K 15 -5.15 38.96 5.20
CA LEU K 15 -4.76 37.82 6.03
C LEU K 15 -5.82 37.52 7.08
N GLY K 16 -6.33 38.55 7.77
CA GLY K 16 -7.39 38.35 8.72
C GLY K 16 -8.60 37.64 8.13
N ASN K 17 -9.02 38.03 6.93
CA ASN K 17 -10.12 37.35 6.24
C ASN K 17 -9.77 35.89 5.99
N GLU K 18 -8.52 35.61 5.57
CA GLU K 18 -8.10 34.24 5.31
C GLU K 18 -8.15 33.41 6.58
N LEU K 19 -7.73 33.99 7.71
CA LEU K 19 -7.75 33.21 8.94
C LEU K 19 -9.17 32.82 9.31
N ILE K 20 -10.15 33.71 9.10
CA ILE K 20 -11.54 33.35 9.33
C ILE K 20 -11.94 32.22 8.39
N ALA K 21 -11.62 32.37 7.10
CA ALA K 21 -12.04 31.39 6.11
C ALA K 21 -11.42 30.02 6.38
N ILE K 22 -10.15 29.98 6.78
CA ILE K 22 -9.53 28.69 7.07
C ILE K 22 -10.36 27.93 8.09
N ASN K 23 -10.66 28.58 9.22
CA ASN K 23 -11.39 27.92 10.30
C ASN K 23 -12.84 27.66 9.93
N GLN K 24 -13.50 28.61 9.28
CA GLN K 24 -14.89 28.40 8.92
C GLN K 24 -15.02 27.23 7.94
N TYR K 25 -14.19 27.21 6.90
CA TYR K 25 -14.25 26.09 5.97
C TYR K 25 -13.80 24.80 6.62
N PHE K 26 -12.81 24.82 7.53
CA PHE K 26 -12.40 23.56 8.13
C PHE K 26 -13.51 22.99 8.99
N LEU K 27 -14.21 23.84 9.72
CA LEU K 27 -15.32 23.37 10.55
C LEU K 27 -16.46 22.87 9.67
N HIS K 28 -16.82 23.64 8.63
CA HIS K 28 -17.87 23.19 7.73
C HIS K 28 -17.53 21.81 7.17
N SER K 29 -16.26 21.63 6.78
CA SER K 29 -15.84 20.36 6.20
C SER K 29 -16.08 19.22 7.17
N ARG K 30 -15.68 19.42 8.42
CA ARG K 30 -15.79 18.34 9.40
C ARG K 30 -17.24 18.12 9.84
N MET K 31 -18.07 19.16 9.85
CA MET K 31 -19.49 18.96 10.07
C MET K 31 -20.10 18.10 8.96
N TRP K 32 -19.76 18.40 7.71
CA TRP K 32 -20.32 17.60 6.62
C TRP K 32 -19.84 16.16 6.70
N ASN K 33 -18.55 15.94 7.02
CA ASN K 33 -18.07 14.57 7.14
C ASN K 33 -18.81 13.83 8.25
N ASP K 34 -19.04 14.51 9.37
CA ASP K 34 -19.74 13.90 10.50
C ASP K 34 -21.15 13.49 10.11
N TRP K 35 -21.80 14.27 9.24
CA TRP K 35 -23.15 13.97 8.78
C TRP K 35 -23.18 12.94 7.65
N GLY K 36 -22.03 12.44 7.21
CA GLY K 36 -21.96 11.49 6.12
C GLY K 36 -22.01 12.10 4.73
N LEU K 37 -21.85 13.41 4.62
CA LEU K 37 -21.80 14.09 3.32
C LEU K 37 -20.34 14.32 2.94
N LYS K 38 -19.68 13.21 2.59
CA LYS K 38 -18.23 13.21 2.47
C LYS K 38 -17.74 13.90 1.22
N ARG K 39 -18.54 13.99 0.15
CA ARG K 39 -18.08 14.75 -1.02
C ARG K 39 -18.03 16.23 -0.72
N LEU K 40 -19.04 16.74 0.00
CA LEU K 40 -19.00 18.12 0.48
C LEU K 40 -17.86 18.33 1.46
N GLY K 41 -17.71 17.38 2.39
CA GLY K 41 -16.60 17.47 3.35
C GLY K 41 -15.25 17.57 2.66
N ALA K 42 -15.01 16.74 1.64
CA ALA K 42 -13.72 16.74 0.97
C ALA K 42 -13.50 18.04 0.20
N HIS K 43 -14.52 18.49 -0.53
CA HIS K 43 -14.37 19.73 -1.27
C HIS K 43 -14.10 20.91 -0.34
N GLU K 44 -14.84 20.99 0.77
CA GLU K 44 -14.67 22.11 1.69
C GLU K 44 -13.30 22.03 2.38
N TYR K 45 -12.80 20.83 2.62
CA TYR K 45 -11.45 20.68 3.13
C TYR K 45 -10.44 21.29 2.16
N HIS K 46 -10.58 20.99 0.87
CA HIS K 46 -9.64 21.55 -0.10
C HIS K 46 -9.76 23.06 -0.18
N GLU K 47 -10.96 23.61 0.03
CA GLU K 47 -11.09 25.07 0.09
C GLU K 47 -10.33 25.64 1.30
N SER K 48 -10.39 24.95 2.43
CA SER K 48 -9.66 25.39 3.62
C SER K 48 -8.15 25.36 3.38
N ILE K 49 -7.66 24.28 2.77
CA ILE K 49 -6.24 24.19 2.41
C ILE K 49 -5.85 25.33 1.49
N ASP K 50 -6.68 25.62 0.48
CA ASP K 50 -6.38 26.73 -0.43
C ASP K 50 -6.18 28.03 0.33
N GLU K 51 -7.05 28.31 1.31
CA GLU K 51 -6.91 29.54 2.09
C GLU K 51 -5.67 29.50 2.97
N MET K 52 -5.29 28.31 3.44
CA MET K 52 -4.04 28.16 4.18
C MET K 52 -2.84 28.54 3.32
N LYS K 53 -2.85 28.11 2.07
CA LYS K 53 -1.76 28.47 1.16
C LYS K 53 -1.77 29.96 0.87
N HIS K 54 -2.95 30.57 0.70
CA HIS K 54 -3.01 32.03 0.54
C HIS K 54 -2.43 32.73 1.76
N ALA K 55 -2.82 32.28 2.94
CA ALA K 55 -2.34 32.92 4.17
C ALA K 55 -0.83 32.81 4.27
N ASP K 56 -0.29 31.65 3.92
CA ASP K 56 1.16 31.48 3.89
C ASP K 56 1.82 32.54 3.00
N LYS K 57 1.32 32.71 1.77
CA LYS K 57 1.96 33.67 0.86
C LYS K 57 1.84 35.10 1.38
N LEU K 58 0.72 35.44 2.02
CA LEU K 58 0.60 36.78 2.59
C LEU K 58 1.57 36.99 3.75
N ILE K 59 1.68 36.00 4.63
CA ILE K 59 2.63 36.09 5.73
C ILE K 59 4.03 36.29 5.19
N GLU K 60 4.40 35.51 4.17
CA GLU K 60 5.74 35.64 3.59
C GLU K 60 5.95 37.01 2.98
N ARG K 61 4.96 37.55 2.28
CA ARG K 61 5.06 38.88 1.67
C ARG K 61 5.18 39.96 2.74
N ILE K 62 4.33 39.89 3.78
CA ILE K 62 4.37 40.90 4.84
C ILE K 62 5.74 40.95 5.48
N LEU K 63 6.31 39.78 5.77
CA LEU K 63 7.63 39.71 6.39
C LEU K 63 8.70 40.27 5.46
N PHE K 64 8.63 39.93 4.18
CA PHE K 64 9.61 40.46 3.24
C PHE K 64 9.58 41.99 3.22
N LEU K 65 8.38 42.57 3.28
CA LEU K 65 8.18 44.00 3.32
C LEU K 65 8.45 44.61 4.69
N GLU K 66 8.90 43.80 5.65
CA GLU K 66 9.36 44.23 6.98
C GLU K 66 8.20 44.68 7.87
N GLY K 67 7.03 44.09 7.65
CA GLY K 67 5.90 44.25 8.53
C GLY K 67 5.74 43.05 9.44
N LEU K 68 4.77 43.16 10.36
CA LEU K 68 4.45 42.08 11.28
C LEU K 68 3.13 41.43 10.87
N PRO K 69 3.14 40.16 10.47
CA PRO K 69 1.87 39.48 10.15
C PRO K 69 1.01 39.35 11.39
N ASN K 70 -0.28 39.67 11.25
CA ASN K 70 -1.23 39.56 12.36
C ASN K 70 -1.91 38.20 12.29
N LEU K 71 -1.44 37.25 13.10
CA LEU K 71 -2.10 35.96 13.29
C LEU K 71 -2.84 35.88 14.62
N GLN K 72 -2.99 37.01 15.30
CA GLN K 72 -3.57 37.04 16.64
C GLN K 72 -5.06 37.33 16.62
N ASP K 73 -5.49 38.19 15.71
CA ASP K 73 -6.86 38.69 15.71
C ASP K 73 -7.71 37.88 14.73
N LEU K 74 -8.73 37.23 15.26
CA LEU K 74 -9.63 36.36 14.51
C LEU K 74 -11.03 36.95 14.54
N GLY K 75 -11.56 37.30 13.37
CA GLY K 75 -12.90 37.82 13.25
C GLY K 75 -13.95 36.73 13.37
N LYS K 76 -15.20 37.14 13.20
CA LYS K 76 -16.33 36.27 13.47
C LYS K 76 -16.48 35.20 12.40
N LEU K 77 -16.45 33.94 12.82
CA LEU K 77 -16.82 32.82 11.95
C LEU K 77 -18.31 32.82 11.65
N LEU K 78 -18.66 32.50 10.42
CA LEU K 78 -20.06 32.38 9.98
C LEU K 78 -20.34 30.90 9.77
N ILE K 79 -21.04 30.26 10.71
CA ILE K 79 -21.10 28.80 10.64
C ILE K 79 -22.41 28.31 10.04
N GLY K 80 -23.54 28.62 10.65
CA GLY K 80 -24.78 28.11 10.10
C GLY K 80 -25.02 26.64 10.44
N GLU K 81 -26.25 26.21 10.20
CA GLU K 81 -26.80 25.07 10.89
C GLU K 81 -27.35 24.02 9.95
N ASN K 82 -27.26 24.22 8.63
CA ASN K 82 -27.62 23.20 7.67
C ASN K 82 -26.85 23.51 6.40
N THR K 83 -26.98 22.62 5.42
CA THR K 83 -26.10 22.69 4.26
C THR K 83 -26.27 24.00 3.50
N GLN K 84 -27.52 24.39 3.21
CA GLN K 84 -27.74 25.64 2.50
C GLN K 84 -27.20 26.84 3.27
N GLU K 85 -27.43 26.88 4.59
CA GLU K 85 -26.90 27.98 5.39
C GLU K 85 -25.38 27.99 5.35
N MET K 86 -24.77 26.82 5.44
CA MET K 86 -23.31 26.76 5.47
C MET K 86 -22.72 27.28 4.16
N LEU K 87 -23.30 26.87 3.04
CA LEU K 87 -22.86 27.38 1.76
C LEU K 87 -23.06 28.89 1.66
N GLN K 88 -24.21 29.39 2.11
CA GLN K 88 -24.43 30.83 2.04
C GLN K 88 -23.50 31.61 2.95
N CYS K 89 -23.19 31.07 4.14
CA CYS K 89 -22.19 31.67 5.01
C CYS K 89 -20.83 31.74 4.31
N ASP K 90 -20.45 30.67 3.62
CA ASP K 90 -19.20 30.71 2.87
C ASP K 90 -19.26 31.81 1.83
N LEU K 91 -20.40 31.92 1.12
CA LEU K 91 -20.50 32.88 0.03
C LEU K 91 -20.47 34.31 0.57
N ASN K 92 -21.14 34.55 1.70
CA ASN K 92 -21.08 35.88 2.31
C ASN K 92 -19.65 36.24 2.65
N LEU K 93 -18.91 35.32 3.27
CA LEU K 93 -17.52 35.59 3.58
C LEU K 93 -16.70 35.88 2.32
N GLU K 94 -16.90 35.09 1.27
CA GLU K 94 -16.12 35.31 0.05
C GLU K 94 -16.37 36.70 -0.53
N LEU K 95 -17.63 37.14 -0.52
CA LEU K 95 -17.94 38.44 -1.13
C LEU K 95 -17.30 39.57 -0.33
N LYS K 96 -17.25 39.45 0.99
CA LYS K 96 -16.47 40.40 1.79
C LYS K 96 -15.00 40.31 1.44
N ALA K 97 -14.48 39.10 1.27
CA ALA K 97 -13.07 38.92 0.96
C ALA K 97 -12.70 39.55 -0.39
N THR K 98 -13.54 39.36 -1.40
CA THR K 98 -13.18 39.92 -2.70
C THR K 98 -13.29 41.43 -2.71
N LYS K 99 -14.25 42.00 -1.98
CA LYS K 99 -14.29 43.45 -1.83
C LYS K 99 -12.98 43.96 -1.22
N ASP K 100 -12.50 43.30 -0.15
CA ASP K 100 -11.27 43.76 0.47
C ASP K 100 -10.06 43.58 -0.46
N LEU K 101 -10.02 42.49 -1.21
CA LEU K 101 -8.94 42.29 -2.18
C LEU K 101 -8.90 43.41 -3.22
N ARG K 102 -10.07 43.80 -3.73
CA ARG K 102 -10.10 44.86 -4.73
C ARG K 102 -9.57 46.17 -4.17
N GLU K 103 -9.98 46.54 -2.94
CA GLU K 103 -9.51 47.79 -2.36
C GLU K 103 -8.00 47.76 -2.14
N ALA K 104 -7.48 46.61 -1.72
CA ALA K 104 -6.03 46.47 -1.53
C ALA K 104 -5.28 46.60 -2.86
N ILE K 105 -5.80 45.99 -3.93
CA ILE K 105 -5.15 46.10 -5.23
C ILE K 105 -5.11 47.55 -5.69
N VAL K 106 -6.22 48.27 -5.55
CA VAL K 106 -6.20 49.71 -5.87
C VAL K 106 -5.02 50.39 -5.19
N HIS K 107 -4.85 50.15 -3.88
CA HIS K 107 -3.80 50.86 -3.17
C HIS K 107 -2.40 50.40 -3.59
N CYS K 108 -2.20 49.09 -3.82
CA CYS K 108 -0.91 48.63 -4.34
C CYS K 108 -0.58 49.32 -5.66
N GLU K 109 -1.57 49.48 -6.53
CA GLU K 109 -1.32 50.12 -7.81
C GLU K 109 -0.87 51.57 -7.60
N GLN K 110 -1.55 52.29 -6.72
CA GLN K 110 -1.26 53.71 -6.50
C GLN K 110 0.17 53.91 -6.00
N VAL K 111 0.69 53.02 -5.16
CA VAL K 111 2.05 53.19 -4.64
C VAL K 111 3.05 52.34 -5.40
N HIS K 112 2.65 51.73 -6.52
CA HIS K 112 3.56 51.02 -7.41
C HIS K 112 4.10 49.73 -6.82
N ASP K 113 3.37 49.10 -5.90
CA ASP K 113 3.78 47.81 -5.35
C ASP K 113 3.16 46.72 -6.23
N TYR K 114 3.76 46.56 -7.41
CA TYR K 114 3.17 45.71 -8.44
C TYR K 114 3.25 44.22 -8.10
N VAL K 115 4.25 43.81 -7.33
CA VAL K 115 4.34 42.41 -6.95
C VAL K 115 3.27 42.06 -5.92
N SER K 116 3.01 42.95 -4.95
CA SER K 116 1.90 42.70 -4.04
C SER K 116 0.59 42.65 -4.80
N ARG K 117 0.43 43.52 -5.80
CA ARG K 117 -0.79 43.49 -6.59
C ARG K 117 -0.93 42.14 -7.27
N ASP K 118 0.16 41.62 -7.83
CA ASP K 118 0.09 40.37 -8.57
C ASP K 118 -0.31 39.22 -7.65
N LEU K 119 0.23 39.21 -6.44
CA LEU K 119 -0.15 38.21 -5.44
C LEU K 119 -1.63 38.28 -5.13
N LEU K 120 -2.15 39.48 -4.90
CA LEU K 120 -3.55 39.66 -4.53
C LEU K 120 -4.48 39.32 -5.71
N LYS K 121 -4.05 39.62 -6.93
CA LYS K 121 -4.83 39.22 -8.10
C LYS K 121 -4.94 37.70 -8.18
N ASP K 122 -3.82 36.99 -7.94
CA ASP K 122 -3.85 35.53 -7.92
C ASP K 122 -4.81 35.02 -6.84
N ILE K 123 -4.79 35.64 -5.67
CA ILE K 123 -5.71 35.22 -4.61
C ILE K 123 -7.15 35.53 -5.03
N LEU K 124 -7.36 36.70 -5.61
CA LEU K 124 -8.69 37.07 -6.08
C LEU K 124 -9.22 36.08 -7.11
N GLU K 125 -8.36 35.59 -8.02
CA GLU K 125 -8.78 34.57 -8.96
C GLU K 125 -9.27 33.31 -8.27
N SER K 126 -8.52 32.85 -7.26
CA SER K 126 -8.95 31.69 -6.47
CA SER K 126 -8.96 31.70 -6.49
C SER K 126 -10.30 31.95 -5.80
N GLU K 127 -10.46 33.13 -5.20
CA GLU K 127 -11.70 33.43 -4.49
C GLU K 127 -12.88 33.52 -5.46
N GLU K 128 -12.68 34.06 -6.66
CA GLU K 128 -13.79 34.07 -7.61
C GLU K 128 -14.14 32.66 -8.07
N GLU K 129 -13.17 31.77 -8.19
CA GLU K 129 -13.48 30.37 -8.44
C GLU K 129 -14.28 29.77 -7.28
N HIS K 130 -13.94 30.12 -6.04
CA HIS K 130 -14.75 29.65 -4.91
C HIS K 130 -16.18 30.18 -5.02
N ILE K 131 -16.33 31.45 -5.38
CA ILE K 131 -17.66 32.05 -5.51
C ILE K 131 -18.46 31.32 -6.58
N ASP K 132 -17.80 31.00 -7.69
CA ASP K 132 -18.44 30.23 -8.76
C ASP K 132 -18.93 28.89 -8.22
N TYR K 133 -18.07 28.18 -7.50
CA TYR K 133 -18.48 26.90 -6.93
C TYR K 133 -19.69 27.08 -6.01
N LEU K 134 -19.63 28.06 -5.12
CA LEU K 134 -20.69 28.19 -4.12
C LEU K 134 -22.01 28.57 -4.76
N GLU K 135 -21.98 29.52 -5.71
CA GLU K 135 -23.22 29.93 -6.40
C GLU K 135 -23.81 28.74 -7.14
N THR K 136 -22.95 27.93 -7.75
CA THR K 136 -23.43 26.77 -8.49
C THR K 136 -24.10 25.77 -7.57
N GLN K 137 -23.50 25.52 -6.40
CA GLN K 137 -24.12 24.58 -5.46
C GLN K 137 -25.48 25.06 -5.00
N LEU K 138 -25.57 26.34 -4.63
CA LEU K 138 -26.85 26.89 -4.22
C LEU K 138 -27.89 26.76 -5.32
N GLY K 139 -27.49 27.00 -6.58
CA GLY K 139 -28.43 26.80 -7.68
C GLY K 139 -28.79 25.34 -7.92
N LEU K 140 -27.83 24.43 -7.73
CA LEU K 140 -28.15 23.01 -7.88
C LEU K 140 -29.17 22.58 -6.84
N ILE K 141 -29.09 23.12 -5.63
CA ILE K 141 -30.06 22.71 -4.62
C ILE K 141 -31.46 23.04 -5.11
N GLN K 142 -31.62 24.20 -5.74
CA GLN K 142 -32.92 24.60 -6.28
C GLN K 142 -33.34 23.71 -7.44
N LYS K 143 -32.40 23.31 -8.29
CA LYS K 143 -32.74 22.56 -9.50
C LYS K 143 -33.03 21.09 -9.22
N VAL K 144 -32.24 20.45 -8.34
CA VAL K 144 -32.40 19.01 -8.16
C VAL K 144 -33.14 18.67 -6.86
N GLY K 145 -33.40 19.66 -6.01
CA GLY K 145 -34.02 19.44 -4.71
C GLY K 145 -32.96 19.14 -3.66
N LEU K 146 -33.23 19.50 -2.40
CA LEU K 146 -32.23 19.33 -1.36
C LEU K 146 -31.87 17.87 -1.14
N GLU K 147 -32.87 16.98 -1.15
CA GLU K 147 -32.60 15.57 -0.88
C GLU K 147 -31.66 14.98 -1.92
N ASN K 148 -31.93 15.23 -3.21
CA ASN K 148 -31.03 14.76 -4.27
C ASN K 148 -29.67 15.43 -4.15
N TYR K 149 -29.65 16.73 -3.83
CA TYR K 149 -28.36 17.40 -3.73
C TYR K 149 -27.49 16.74 -2.65
N LEU K 150 -28.08 16.49 -1.48
CA LEU K 150 -27.34 15.86 -0.39
C LEU K 150 -26.95 14.42 -0.76
N GLN K 151 -27.89 13.69 -1.38
CA GLN K 151 -27.57 12.33 -1.83
C GLN K 151 -26.31 12.33 -2.68
N SER K 152 -26.23 13.28 -3.61
CA SER K 152 -25.10 13.33 -4.52
C SER K 152 -23.80 13.72 -3.82
N HIS K 153 -23.86 14.13 -2.57
CA HIS K 153 -22.64 14.52 -1.87
C HIS K 153 -22.31 13.59 -0.71
N MET K 154 -22.90 12.40 -0.73
CA MET K 154 -22.64 11.42 0.30
C MET K 154 -21.29 10.75 0.11
N HIS K 155 -20.98 10.37 -1.12
CA HIS K 155 -19.79 9.59 -1.45
C HIS K 155 -18.80 10.43 -2.23
N GLU K 156 -17.52 10.22 -1.97
CA GLU K 156 -16.48 10.89 -2.77
C GLU K 156 -16.26 10.16 -4.10
N MET L 1 9.90 -55.60 -37.82
CA MET L 1 11.12 -56.46 -38.03
C MET L 1 10.86 -57.77 -37.26
N LYS L 2 11.09 -58.93 -37.88
CA LYS L 2 10.67 -60.17 -37.23
C LYS L 2 11.63 -60.52 -36.10
N GLY L 3 11.13 -60.52 -34.87
CA GLY L 3 11.95 -60.85 -33.73
C GLY L 3 12.08 -62.36 -33.47
N ASP L 4 13.07 -62.69 -32.66
CA ASP L 4 13.23 -64.04 -32.14
C ASP L 4 12.04 -64.40 -31.27
N LYS L 5 11.40 -65.54 -31.56
CA LYS L 5 10.19 -65.93 -30.85
C LYS L 5 10.41 -65.97 -29.34
N LYS L 6 11.53 -66.57 -28.91
CA LYS L 6 11.76 -66.70 -27.48
C LYS L 6 12.12 -65.35 -26.86
N VAL L 7 12.78 -64.44 -27.59
CA VAL L 7 12.97 -63.09 -27.08
C VAL L 7 11.62 -62.45 -26.77
N ILE L 8 10.68 -62.56 -27.69
CA ILE L 8 9.37 -61.97 -27.48
C ILE L 8 8.68 -62.60 -26.27
N GLN L 9 8.82 -63.91 -26.09
CA GLN L 9 8.25 -64.55 -24.92
C GLN L 9 8.88 -64.02 -23.63
N HIS L 10 10.21 -63.83 -23.62
CA HIS L 10 10.84 -63.22 -22.46
C HIS L 10 10.33 -61.81 -22.21
N LEU L 11 10.16 -61.03 -23.30
CA LEU L 11 9.67 -59.65 -23.14
C LEU L 11 8.26 -59.63 -22.60
N ASN L 12 7.42 -60.56 -23.02
CA ASN L 12 6.07 -60.62 -22.44
C ASN L 12 6.11 -61.08 -20.99
N LYS L 13 7.07 -61.91 -20.61
CA LYS L 13 7.19 -62.27 -19.20
C LYS L 13 7.60 -61.06 -18.35
N ILE L 14 8.58 -60.28 -18.84
CA ILE L 14 8.97 -59.06 -18.14
C ILE L 14 7.79 -58.11 -18.06
N LEU L 15 7.07 -57.92 -19.18
CA LEU L 15 5.87 -57.10 -19.18
C LEU L 15 4.86 -57.57 -18.15
N GLY L 16 4.64 -58.90 -18.06
CA GLY L 16 3.74 -59.42 -17.04
C GLY L 16 4.12 -58.99 -15.64
N ASN L 17 5.42 -58.99 -15.33
CA ASN L 17 5.90 -58.54 -14.03
C ASN L 17 5.64 -57.04 -13.84
N GLU L 18 5.82 -56.25 -14.90
CA GLU L 18 5.55 -54.82 -14.81
C GLU L 18 4.09 -54.56 -14.51
N LEU L 19 3.19 -55.32 -15.14
CA LEU L 19 1.77 -55.11 -14.93
C LEU L 19 1.37 -55.42 -13.49
N ILE L 20 1.95 -56.46 -12.91
CA ILE L 20 1.76 -56.71 -11.49
C ILE L 20 2.26 -55.52 -10.68
N ALA L 21 3.46 -55.05 -10.99
CA ALA L 21 4.07 -54.01 -10.17
C ALA L 21 3.27 -52.70 -10.25
N ILE L 22 2.80 -52.33 -11.45
CA ILE L 22 2.00 -51.11 -11.58
C ILE L 22 0.85 -51.14 -10.59
N ASN L 23 0.09 -52.24 -10.57
CA ASN L 23 -1.12 -52.29 -9.76
C ASN L 23 -0.78 -52.40 -8.29
N GLN L 24 0.21 -53.23 -7.97
CA GLN L 24 0.63 -53.41 -6.59
C GLN L 24 1.12 -52.10 -6.01
N TYR L 25 1.99 -51.39 -6.74
CA TYR L 25 2.50 -50.14 -6.22
C TYR L 25 1.41 -49.08 -6.18
N PHE L 26 0.52 -49.09 -7.16
CA PHE L 26 -0.53 -48.07 -7.15
C PHE L 26 -1.45 -48.26 -5.96
N LEU L 27 -1.81 -49.52 -5.67
CA LEU L 27 -2.66 -49.76 -4.51
C LEU L 27 -1.95 -49.42 -3.20
N HIS L 28 -0.68 -49.82 -3.08
CA HIS L 28 0.09 -49.48 -1.89
C HIS L 28 0.14 -47.97 -1.69
N SER L 29 0.37 -47.22 -2.78
CA SER L 29 0.36 -45.76 -2.71
C SER L 29 -0.93 -45.24 -2.13
N ARG L 30 -2.06 -45.72 -2.65
CA ARG L 30 -3.35 -45.18 -2.23
C ARG L 30 -3.71 -45.65 -0.82
N MET L 31 -3.27 -46.86 -0.43
CA MET L 31 -3.44 -47.29 0.95
C MET L 31 -2.66 -46.36 1.90
N TRP L 32 -1.39 -46.10 1.58
CA TRP L 32 -0.59 -45.21 2.41
C TRP L 32 -1.21 -43.81 2.48
N ASN L 33 -1.70 -43.28 1.35
CA ASN L 33 -2.39 -42.00 1.39
C ASN L 33 -3.62 -42.08 2.30
N ASP L 34 -4.43 -43.13 2.13
CA ASP L 34 -5.60 -43.30 2.98
C ASP L 34 -5.24 -43.26 4.46
N TRP L 35 -4.07 -43.80 4.85
CA TRP L 35 -3.67 -43.88 6.24
C TRP L 35 -2.95 -42.63 6.73
N GLY L 36 -2.76 -41.64 5.87
CA GLY L 36 -2.11 -40.43 6.27
C GLY L 36 -0.61 -40.46 6.16
N LEU L 37 -0.05 -41.47 5.49
CA LEU L 37 1.39 -41.59 5.30
C LEU L 37 1.75 -41.11 3.89
N LYS L 38 1.58 -39.81 3.69
CA LYS L 38 1.56 -39.26 2.34
C LYS L 38 2.92 -39.23 1.68
N ARG L 39 4.00 -39.20 2.46
CA ARG L 39 5.31 -39.28 1.85
C ARG L 39 5.56 -40.67 1.26
N LEU L 40 5.15 -41.72 1.98
CA LEU L 40 5.18 -43.05 1.39
C LEU L 40 4.26 -43.12 0.20
N GLY L 41 3.06 -42.55 0.32
CA GLY L 41 2.12 -42.65 -0.79
C GLY L 41 2.62 -41.97 -2.04
N ALA L 42 3.30 -40.83 -1.88
CA ALA L 42 3.84 -40.11 -3.04
C ALA L 42 4.99 -40.87 -3.66
N HIS L 43 5.89 -41.41 -2.84
CA HIS L 43 7.02 -42.12 -3.40
C HIS L 43 6.57 -43.37 -4.14
N GLU L 44 5.61 -44.09 -3.57
CA GLU L 44 5.11 -45.30 -4.18
C GLU L 44 4.35 -44.99 -5.47
N TYR L 45 3.64 -43.89 -5.51
CA TYR L 45 3.01 -43.46 -6.75
C TYR L 45 4.04 -43.28 -7.85
N HIS L 46 5.15 -42.62 -7.53
CA HIS L 46 6.18 -42.43 -8.55
C HIS L 46 6.85 -43.74 -8.96
N GLU L 47 6.96 -44.71 -8.05
CA GLU L 47 7.42 -46.03 -8.47
C GLU L 47 6.43 -46.69 -9.43
N SER L 48 5.13 -46.54 -9.17
CA SER L 48 4.12 -47.07 -10.09
C SER L 48 4.26 -46.45 -11.47
N ILE L 49 4.40 -45.12 -11.53
CA ILE L 49 4.58 -44.43 -12.81
C ILE L 49 5.82 -44.95 -13.52
N ASP L 50 6.92 -45.13 -12.79
CA ASP L 50 8.13 -45.67 -13.39
C ASP L 50 7.88 -47.02 -14.08
N GLU L 51 7.11 -47.90 -13.43
CA GLU L 51 6.79 -49.20 -14.02
C GLU L 51 5.87 -49.06 -15.22
N MET L 52 4.96 -48.11 -15.18
CA MET L 52 4.14 -47.82 -16.36
C MET L 52 5.01 -47.43 -17.55
N LYS L 53 6.05 -46.64 -17.30
CA LYS L 53 6.96 -46.23 -18.38
C LYS L 53 7.72 -47.42 -18.95
N HIS L 54 8.22 -48.30 -18.07
CA HIS L 54 8.89 -49.51 -18.55
C HIS L 54 7.94 -50.37 -19.37
N ALA L 55 6.71 -50.55 -18.88
CA ALA L 55 5.74 -51.35 -19.61
C ALA L 55 5.52 -50.77 -21.00
N ASP L 56 5.36 -49.45 -21.09
CA ASP L 56 5.23 -48.78 -22.39
C ASP L 56 6.38 -49.19 -23.32
N LYS L 57 7.60 -49.05 -22.83
CA LYS L 57 8.76 -49.38 -23.67
C LYS L 57 8.75 -50.84 -24.11
N LEU L 58 8.40 -51.76 -23.21
CA LEU L 58 8.33 -53.18 -23.59
C LEU L 58 7.26 -53.43 -24.64
N ILE L 59 6.08 -52.85 -24.44
CA ILE L 59 5.00 -52.97 -25.41
C ILE L 59 5.47 -52.49 -26.78
N GLU L 60 6.14 -51.32 -26.80
CA GLU L 60 6.63 -50.77 -28.08
C GLU L 60 7.63 -51.71 -28.73
N ARG L 61 8.55 -52.26 -27.95
CA ARG L 61 9.54 -53.18 -28.50
C ARG L 61 8.89 -54.43 -29.05
N ILE L 62 7.97 -55.03 -28.27
CA ILE L 62 7.31 -56.24 -28.73
C ILE L 62 6.61 -56.02 -30.06
N LEU L 63 5.89 -54.90 -30.20
CA LEU L 63 5.20 -54.61 -31.45
C LEU L 63 6.18 -54.41 -32.60
N PHE L 64 7.28 -53.70 -32.33
CA PHE L 64 8.30 -53.54 -33.38
C PHE L 64 8.82 -54.88 -33.85
N LEU L 65 8.99 -55.85 -32.93
CA LEU L 65 9.47 -57.18 -33.25
C LEU L 65 8.37 -58.09 -33.80
N GLU L 66 7.18 -57.53 -34.03
CA GLU L 66 6.04 -58.22 -34.64
C GLU L 66 5.47 -59.31 -33.72
N GLY L 67 5.53 -59.08 -32.41
CA GLY L 67 4.87 -59.94 -31.47
C GLY L 67 3.61 -59.28 -30.95
N LEU L 68 2.84 -60.04 -30.17
CA LEU L 68 1.64 -59.53 -29.54
C LEU L 68 1.93 -59.27 -28.07
N PRO L 69 1.91 -58.02 -27.61
CA PRO L 69 2.09 -57.75 -26.18
C PRO L 69 0.93 -58.31 -25.36
N ASN L 70 1.24 -59.01 -24.27
CA ASN L 70 0.24 -59.64 -23.42
C ASN L 70 -0.11 -58.69 -22.28
N LEU L 71 -1.23 -57.99 -22.41
CA LEU L 71 -1.77 -57.17 -21.33
C LEU L 71 -2.98 -57.81 -20.68
N GLN L 72 -3.25 -59.07 -20.99
CA GLN L 72 -4.45 -59.78 -20.52
C GLN L 72 -4.19 -60.56 -19.24
N ASP L 73 -3.03 -61.17 -19.14
CA ASP L 73 -2.73 -62.08 -18.04
C ASP L 73 -2.03 -61.31 -16.92
N LEU L 74 -2.68 -61.27 -15.77
CA LEU L 74 -2.19 -60.55 -14.61
C LEU L 74 -1.92 -61.56 -13.51
N GLY L 75 -0.66 -61.66 -13.10
CA GLY L 75 -0.27 -62.54 -12.02
C GLY L 75 -0.69 -62.02 -10.66
N LYS L 76 -0.27 -62.74 -9.63
CA LYS L 76 -0.69 -62.47 -8.26
C LYS L 76 -0.05 -61.18 -7.75
N LEU L 77 -0.89 -60.24 -7.33
CA LEU L 77 -0.42 -59.07 -6.59
C LEU L 77 -0.03 -59.45 -5.17
N LEU L 78 1.06 -58.86 -4.68
CA LEU L 78 1.52 -59.03 -3.30
C LEU L 78 1.16 -57.77 -2.53
N ILE L 79 0.04 -57.79 -1.81
CA ILE L 79 -0.43 -56.62 -1.10
C ILE L 79 -0.10 -56.78 0.39
N GLY L 80 0.56 -55.81 0.96
CA GLY L 80 0.81 -55.95 2.40
C GLY L 80 -0.43 -55.63 3.27
N GLU L 81 -0.35 -55.93 4.58
CA GLU L 81 -1.37 -55.46 5.52
C GLU L 81 -0.86 -54.38 6.47
N ASN L 82 0.41 -54.02 6.37
CA ASN L 82 0.96 -52.89 7.11
C ASN L 82 2.19 -52.43 6.35
N THR L 83 2.79 -51.34 6.81
CA THR L 83 3.84 -50.69 6.04
C THR L 83 5.01 -51.62 5.80
N GLN L 84 5.48 -52.30 6.84
CA GLN L 84 6.61 -53.22 6.70
C GLN L 84 6.33 -54.30 5.65
N GLU L 85 5.16 -54.94 5.75
CA GLU L 85 4.80 -55.98 4.79
C GLU L 85 4.69 -55.43 3.38
N MET L 86 4.13 -54.22 3.24
CA MET L 86 3.96 -53.70 1.89
C MET L 86 5.31 -53.46 1.24
N LEU L 87 6.24 -52.89 2.01
CA LEU L 87 7.61 -52.70 1.50
C LEU L 87 8.25 -54.02 1.12
N GLN L 88 8.12 -55.03 1.99
CA GLN L 88 8.69 -56.34 1.67
CA GLN L 88 8.67 -56.36 1.69
C GLN L 88 7.99 -56.99 0.49
N CYS L 89 6.68 -56.79 0.34
CA CYS L 89 5.99 -57.28 -0.84
C CYS L 89 6.56 -56.68 -2.12
N ASP L 90 6.81 -55.37 -2.10
CA ASP L 90 7.47 -54.75 -3.25
C ASP L 90 8.84 -55.35 -3.48
N LEU L 91 9.59 -55.59 -2.40
CA LEU L 91 10.95 -56.12 -2.54
C LEU L 91 10.92 -57.53 -3.13
N ASN L 92 10.04 -58.38 -2.64
CA ASN L 92 9.90 -59.74 -3.19
C ASN L 92 9.54 -59.71 -4.66
N LEU L 93 8.60 -58.85 -5.06
CA LEU L 93 8.29 -58.72 -6.46
C LEU L 93 9.51 -58.25 -7.25
N GLU L 94 10.25 -57.27 -6.73
CA GLU L 94 11.40 -56.75 -7.44
C GLU L 94 12.48 -57.83 -7.63
N LEU L 95 12.70 -58.67 -6.63
CA LEU L 95 13.70 -59.72 -6.75
C LEU L 95 13.31 -60.76 -7.80
N LYS L 96 12.04 -61.16 -7.86
CA LYS L 96 11.59 -61.98 -8.98
C LYS L 96 11.78 -61.26 -10.31
N ALA L 97 11.48 -59.95 -10.35
CA ALA L 97 11.57 -59.22 -11.62
C ALA L 97 13.01 -59.19 -12.14
N THR L 98 13.97 -58.96 -11.24
CA THR L 98 15.35 -58.86 -11.68
C THR L 98 15.91 -60.23 -12.08
N LYS L 99 15.48 -61.30 -11.41
CA LYS L 99 15.84 -62.63 -11.88
C LYS L 99 15.36 -62.84 -13.31
N ASP L 100 14.10 -62.49 -13.57
CA ASP L 100 13.54 -62.67 -14.91
C ASP L 100 14.27 -61.79 -15.92
N LEU L 101 14.64 -60.56 -15.55
CA LEU L 101 15.37 -59.69 -16.47
C LEU L 101 16.73 -60.29 -16.84
N ARG L 102 17.47 -60.80 -15.85
CA ARG L 102 18.76 -61.41 -16.13
C ARG L 102 18.61 -62.59 -17.09
N GLU L 103 17.62 -63.45 -16.86
CA GLU L 103 17.40 -64.56 -17.78
C GLU L 103 17.05 -64.08 -19.19
N ALA L 104 16.23 -63.05 -19.32
CA ALA L 104 15.90 -62.51 -20.63
C ALA L 104 17.14 -61.94 -21.33
N ILE L 105 18.01 -61.26 -20.58
CA ILE L 105 19.21 -60.67 -21.16
C ILE L 105 20.13 -61.76 -21.70
N VAL L 106 20.28 -62.85 -20.93
CA VAL L 106 21.08 -63.99 -21.40
C VAL L 106 20.61 -64.42 -22.79
N HIS L 107 19.30 -64.62 -22.94
CA HIS L 107 18.80 -65.10 -24.21
C HIS L 107 18.94 -64.04 -25.31
N CYS L 108 18.70 -62.76 -24.99
CA CYS L 108 18.94 -61.71 -25.99
C CYS L 108 20.38 -61.77 -26.48
N GLU L 109 21.33 -61.92 -25.55
CA GLU L 109 22.73 -61.97 -25.94
C GLU L 109 23.00 -63.15 -26.87
N GLN L 110 22.41 -64.31 -26.56
CA GLN L 110 22.67 -65.51 -27.34
C GLN L 110 22.18 -65.38 -28.77
N VAL L 111 21.06 -64.69 -28.99
CA VAL L 111 20.52 -64.58 -30.34
C VAL L 111 20.84 -63.21 -30.96
N HIS L 112 21.73 -62.44 -30.34
CA HIS L 112 22.30 -61.22 -30.91
C HIS L 112 21.29 -60.07 -30.99
N ASP L 113 20.26 -60.10 -30.14
CA ASP L 113 19.29 -59.00 -30.08
C ASP L 113 19.79 -57.98 -29.05
N TYR L 114 20.82 -57.26 -29.50
CA TYR L 114 21.52 -56.36 -28.60
C TYR L 114 20.69 -55.16 -28.18
N VAL L 115 19.73 -54.73 -29.02
CA VAL L 115 18.89 -53.59 -28.65
C VAL L 115 17.90 -54.00 -27.57
N SER L 116 17.26 -55.18 -27.72
CA SER L 116 16.41 -55.67 -26.63
C SER L 116 17.22 -55.81 -25.35
N ARG L 117 18.46 -56.32 -25.45
CA ARG L 117 19.30 -56.43 -24.27
C ARG L 117 19.48 -55.07 -23.61
N ASP L 118 19.79 -54.05 -24.42
CA ASP L 118 20.04 -52.71 -23.88
C ASP L 118 18.81 -52.17 -23.16
N LEU L 119 17.63 -52.39 -23.73
CA LEU L 119 16.41 -51.95 -23.06
C LEU L 119 16.21 -52.68 -21.74
N LEU L 120 16.47 -53.98 -21.71
CA LEU L 120 16.28 -54.73 -20.49
C LEU L 120 17.31 -54.34 -19.44
N LYS L 121 18.54 -54.02 -19.86
CA LYS L 121 19.56 -53.56 -18.91
C LYS L 121 19.14 -52.23 -18.28
N ASP L 122 18.61 -51.30 -19.09
CA ASP L 122 18.10 -50.04 -18.55
C ASP L 122 17.00 -50.29 -17.51
N ILE L 123 16.04 -51.16 -17.83
CA ILE L 123 15.00 -51.48 -16.87
C ILE L 123 15.60 -52.10 -15.62
N LEU L 124 16.57 -53.00 -15.79
CA LEU L 124 17.22 -53.66 -14.66
C LEU L 124 17.89 -52.65 -13.75
N GLU L 125 18.50 -51.60 -14.32
CA GLU L 125 19.13 -50.57 -13.52
C GLU L 125 18.09 -49.83 -12.67
N SER L 126 16.93 -49.55 -13.26
CA SER L 126 15.84 -48.92 -12.52
CA SER L 126 15.87 -48.91 -12.49
C SER L 126 15.36 -49.83 -11.39
N GLU L 127 15.17 -51.11 -11.68
CA GLU L 127 14.69 -52.04 -10.66
C GLU L 127 15.70 -52.19 -9.52
N GLU L 128 17.00 -52.19 -9.81
CA GLU L 128 17.99 -52.26 -8.74
C GLU L 128 17.97 -50.98 -7.90
N GLU L 129 17.71 -49.84 -8.52
CA GLU L 129 17.50 -48.63 -7.72
C GLU L 129 16.27 -48.77 -6.81
N HIS L 130 15.18 -49.35 -7.31
CA HIS L 130 14.03 -49.60 -6.45
C HIS L 130 14.39 -50.54 -5.29
N ILE L 131 15.13 -51.63 -5.58
CA ILE L 131 15.55 -52.53 -4.52
C ILE L 131 16.40 -51.79 -3.48
N ASP L 132 17.29 -50.92 -3.94
CA ASP L 132 18.09 -50.13 -3.00
C ASP L 132 17.20 -49.31 -2.07
N TYR L 133 16.26 -48.57 -2.65
CA TYR L 133 15.30 -47.81 -1.86
C TYR L 133 14.59 -48.69 -0.83
N LEU L 134 14.04 -49.83 -1.30
CA LEU L 134 13.25 -50.69 -0.40
C LEU L 134 14.11 -51.26 0.74
N GLU L 135 15.28 -51.77 0.41
CA GLU L 135 16.14 -52.32 1.45
C GLU L 135 16.51 -51.25 2.47
N THR L 136 16.72 -50.01 2.00
CA THR L 136 17.06 -48.92 2.91
C THR L 136 15.89 -48.59 3.82
N GLN L 137 14.67 -48.56 3.28
CA GLN L 137 13.50 -48.26 4.12
C GLN L 137 13.31 -49.33 5.18
N LEU L 138 13.49 -50.60 4.81
CA LEU L 138 13.32 -51.67 5.78
C LEU L 138 14.42 -51.61 6.84
N GLY L 139 15.64 -51.23 6.43
CA GLY L 139 16.68 -50.99 7.41
C GLY L 139 16.38 -49.82 8.35
N LEU L 140 15.80 -48.74 7.82
CA LEU L 140 15.46 -47.58 8.65
C LEU L 140 14.42 -47.94 9.70
N ILE L 141 13.44 -48.78 9.34
CA ILE L 141 12.46 -49.21 10.32
C ILE L 141 13.14 -49.82 11.53
N GLN L 142 14.16 -50.64 11.30
CA GLN L 142 14.93 -51.24 12.39
C GLN L 142 15.76 -50.19 13.14
N LYS L 143 16.34 -49.23 12.43
CA LYS L 143 17.22 -48.27 13.09
C LYS L 143 16.45 -47.20 13.87
N VAL L 144 15.35 -46.68 13.33
CA VAL L 144 14.67 -45.58 14.00
C VAL L 144 13.42 -46.02 14.74
N GLY L 145 13.01 -47.28 14.60
CA GLY L 145 11.78 -47.77 15.18
C GLY L 145 10.59 -47.51 14.26
N LEU L 146 9.59 -48.38 14.33
CA LEU L 146 8.48 -48.27 13.40
C LEU L 146 7.70 -46.97 13.61
N GLU L 147 7.51 -46.55 14.87
CA GLU L 147 6.74 -45.33 15.14
C GLU L 147 7.42 -44.10 14.57
N ASN L 148 8.73 -43.97 14.77
CA ASN L 148 9.45 -42.85 14.15
C ASN L 148 9.46 -42.97 12.63
N TYR L 149 9.63 -44.19 12.11
CA TYR L 149 9.67 -44.35 10.66
C TYR L 149 8.37 -43.87 10.04
N LEU L 150 7.25 -44.26 10.62
CA LEU L 150 5.95 -43.86 10.11
C LEU L 150 5.74 -42.37 10.27
N GLN L 151 6.10 -41.84 11.43
CA GLN L 151 6.02 -40.40 11.66
C GLN L 151 6.72 -39.62 10.54
N SER L 152 7.93 -40.06 10.16
CA SER L 152 8.72 -39.36 9.17
C SER L 152 8.13 -39.46 7.78
N HIS L 153 7.09 -40.26 7.59
CA HIS L 153 6.46 -40.40 6.29
C HIS L 153 5.02 -39.90 6.27
N MET L 154 4.64 -39.14 7.29
CA MET L 154 3.30 -38.56 7.32
C MET L 154 3.15 -37.44 6.30
N HIS L 155 4.11 -36.51 6.27
CA HIS L 155 4.02 -35.32 5.44
C HIS L 155 5.02 -35.40 4.29
N GLU L 156 4.67 -34.79 3.17
CA GLU L 156 5.57 -34.77 2.00
C GLU L 156 6.64 -33.70 2.10
K K M . -32.35 10.27 -6.61
CHA HEM N . -23.72 -14.63 -29.30
CHB HEM N . -27.61 -12.12 -30.79
CHC HEM N . -30.02 -16.28 -31.28
CHD HEM N . -26.19 -18.81 -29.74
C1A HEM N . -24.55 -13.60 -29.70
C2A HEM N . -24.16 -12.22 -29.79
C3A HEM N . -25.24 -11.50 -30.22
C4A HEM N . -26.33 -12.43 -30.38
CMA HEM N . -25.33 -9.98 -30.47
CAA HEM N . -22.75 -11.72 -29.46
CBA HEM N . -21.90 -11.81 -30.71
CGA HEM N . -20.46 -11.61 -30.35
O1A HEM N . -19.87 -10.63 -30.86
O2A HEM N . -19.89 -12.40 -29.55
C1B HEM N . -28.60 -13.03 -31.06
C2B HEM N . -29.94 -12.72 -31.54
C3B HEM N . -30.60 -13.89 -31.67
C4B HEM N . -29.71 -14.95 -31.28
CMB HEM N . -30.42 -11.28 -31.85
CAB HEM N . -32.04 -14.13 -32.13
CBB HEM N . -32.94 -13.18 -31.86
C1C HEM N . -29.22 -17.32 -30.92
C2C HEM N . -29.59 -18.74 -30.96
C3C HEM N . -28.52 -19.44 -30.53
C4C HEM N . -27.46 -18.50 -30.20
CMC HEM N . -30.97 -19.25 -31.44
CAC HEM N . -28.35 -20.96 -30.35
CBC HEM N . -29.41 -21.77 -30.56
C1D HEM N . -25.19 -17.90 -29.48
C2D HEM N . -23.86 -18.21 -28.96
C3D HEM N . -23.18 -17.07 -28.83
C4D HEM N . -24.04 -15.98 -29.26
CMD HEM N . -23.38 -19.63 -28.60
CAD HEM N . -21.73 -16.90 -28.31
CBD HEM N . -21.82 -16.26 -26.93
CGD HEM N . -20.52 -16.50 -26.20
O1D HEM N . -19.81 -15.51 -25.93
O2D HEM N . -20.19 -17.67 -25.88
NA HEM N . -25.87 -13.70 -30.08
NB HEM N . -28.51 -14.39 -30.89
NC HEM N . -27.92 -17.24 -30.45
ND HEM N . -25.26 -16.53 -29.65
FE HEM N . -26.91 -15.46 -30.28
C02 VXV O . -35.56 -28.11 -36.96
C04 VXV O . -34.60 -29.99 -37.50
C05 VXV O . -35.30 -29.60 -38.73
C06 VXV O . -35.44 -30.16 -40.00
C08 VXV O . -35.05 -32.16 -41.61
C19 VXV O . -36.22 -29.47 -40.95
C20 VXV O . -36.84 -28.24 -40.61
C21 VXV O . -36.70 -27.71 -39.30
C22 VXV O . -35.94 -28.38 -38.38
N03 VXV O . -34.78 -29.07 -36.48
N07 VXV O . -34.79 -31.40 -40.39
O01 VXV O . -35.86 -27.19 -36.23
O23 VXV O . -33.89 -30.99 -37.32
K K P . 10.13 -38.74 17.22
C02 VXV Q . -33.00 -15.41 13.56
C04 VXV Q . -34.38 -14.59 12.11
C05 VXV Q . -34.75 -13.91 13.34
C06 VXV Q . -35.70 -12.95 13.66
C08 VXV Q . -37.71 -11.48 12.80
C09 VXV Q . -38.23 -10.99 11.40
C10 VXV Q . -37.13 -10.41 10.49
C11 VXV Q . -37.45 -10.14 9.00
C12 VXV Q . -36.84 -10.95 8.10
C13 VXV Q . -37.08 -10.81 6.74
C15 VXV Q . -37.91 -9.85 6.20
C16 VXV Q . -38.48 -9.04 7.13
C18 VXV Q . -38.30 -9.15 8.52
C19 VXV Q . -35.80 -12.49 14.99
C20 VXV Q . -34.92 -13.01 15.98
C21 VXV Q . -33.95 -14.00 15.62
C22 VXV Q . -33.87 -14.44 14.31
N03 VXV Q . -33.34 -15.46 12.29
N07 VXV Q . -36.62 -12.42 12.63
O01 VXV Q . -32.09 -16.13 13.93
O17 VXV Q . -39.35 -8.02 6.68
O23 VXV Q . -34.87 -14.45 10.97
CL14 VXV Q . -36.21 -11.95 5.72
CHA HEM R . 22.05 -5.97 19.08
CHB HEM R . 24.64 -8.96 21.92
CHC HEM R . 23.78 -6.08 25.70
CHD HEM R . 21.23 -3.04 22.87
C1A HEM R . 22.85 -7.02 19.51
C2A HEM R . 23.42 -8.06 18.67
C3A HEM R . 24.13 -8.90 19.46
C4A HEM R . 24.03 -8.41 20.82
CMA HEM R . 24.92 -10.17 19.04
CAA HEM R . 23.23 -8.21 17.15
CBA HEM R . 24.13 -7.19 16.46
CGA HEM R . 24.22 -7.47 14.98
O1A HEM R . 24.83 -8.49 14.56
O2A HEM R . 23.69 -6.66 14.20
C1B HEM R . 24.63 -8.45 23.18
C2B HEM R . 25.31 -9.01 24.32
C3B HEM R . 25.08 -8.20 25.37
C4B HEM R . 24.26 -7.11 24.93
CMB HEM R . 26.16 -10.31 24.25
CAB HEM R . 25.56 -8.39 26.82
CBB HEM R . 25.88 -9.62 27.23
C1C HEM R . 23.01 -5.04 25.27
C2C HEM R . 22.53 -3.98 26.11
C3C HEM R . 21.81 -3.14 25.35
C4C HEM R . 21.84 -3.63 23.98
CMC HEM R . 22.81 -3.92 27.65
CAC HEM R . 21.08 -1.84 25.75
CBC HEM R . 21.39 -1.28 26.93
C1D HEM R . 21.20 -3.57 21.60
C2D HEM R . 20.47 -3.05 20.44
C3D HEM R . 20.72 -3.87 19.40
C4D HEM R . 21.59 -4.93 19.86
CMD HEM R . 19.60 -1.76 20.46
CAD HEM R . 20.21 -3.79 17.93
CBD HEM R . 18.78 -4.29 17.88
CGD HEM R . 18.26 -4.03 16.48
O1D HEM R . 19.04 -4.22 15.53
O2D HEM R . 17.09 -3.63 16.34
NA HEM R . 23.25 -7.26 20.81
NB HEM R . 24.00 -7.29 23.59
NC HEM R . 22.57 -4.80 23.98
ND HEM R . 21.84 -4.72 21.22
FE HEM R . 22.91 -6.04 22.42
C02 VXV S . 25.36 4.38 35.43
C04 VXV S . 25.05 6.54 35.37
C05 VXV S . 26.39 6.42 35.92
C06 VXV S . 27.34 7.34 36.32
C08 VXV S . 28.05 9.87 36.12
C09 VXV S . 27.43 11.30 35.76
C10 VXV S . 26.70 11.45 34.39
C19 VXV S . 28.57 6.88 36.84
C20 VXV S . 28.84 5.48 36.92
C21 VXV S . 27.84 4.54 36.48
C22 VXV S . 26.62 5.02 35.99
N03 VXV S . 24.49 5.32 35.09
N07 VXV S . 27.08 8.79 36.25
O01 VXV S . 25.05 3.21 35.27
O23 VXV S . 24.43 7.59 35.11
C02 VXV T . 26.89 -16.89 34.68
C04 VXV T . 27.12 -19.03 34.36
C05 VXV T . 26.20 -18.96 35.48
C06 VXV T . 25.55 -19.91 36.27
C08 VXV T . 24.96 -22.40 36.55
C09 VXV T . 25.31 -23.79 35.85
C10 VXV T . 24.40 -24.22 34.68
C11 VXV T . 25.05 -25.00 33.50
C12 VXV T . 25.87 -24.33 32.55
C13 VXV T . 26.42 -25.10 31.48
C15 VXV T . 26.17 -26.48 31.31
C16 VXV T . 25.35 -27.06 32.26
C18 VXV T . 24.79 -26.38 33.34
C19 VXV T . 24.71 -19.48 37.32
C20 VXV T . 24.52 -18.11 37.55
C21 VXV T . 25.21 -17.14 36.73
C22 VXV T . 26.04 -17.57 35.70
N03 VXV T . 27.50 -17.80 33.92
N07 VXV T . 25.75 -21.33 36.03
O01 VXV T . 27.08 -15.70 34.44
O17 VXV T . 25.05 -28.46 32.16
O23 VXV T . 27.55 -20.04 33.80
CL14 VXV T . 27.49 -24.24 30.25
K K U . 31.77 26.96 12.81
CHA HEM V . 24.52 31.46 -21.00
CHB HEM V . 28.53 33.82 -19.63
CHC HEM V . 26.70 37.94 -21.42
CHD HEM V . 22.69 35.58 -22.79
C1A HEM V . 25.78 31.73 -20.51
C2A HEM V . 26.73 30.76 -20.00
C3A HEM V . 27.85 31.39 -19.62
C4A HEM V . 27.64 32.80 -19.87
CMA HEM V . 29.11 30.75 -19.03
CAA HEM V . 26.47 29.24 -19.94
CBA HEM V . 26.85 28.64 -21.28
CGA HEM V . 26.89 27.15 -21.15
O1A HEM V . 27.82 26.62 -20.50
O2A HEM V . 25.96 26.49 -21.69
C1B HEM V . 28.38 35.13 -20.01
C2B HEM V . 29.37 36.18 -19.82
C3B HEM V . 28.86 37.32 -20.32
C4B HEM V . 27.55 37.03 -20.83
CMB HEM V . 30.75 35.97 -19.17
CAB HEM V . 29.53 38.71 -20.34
CBB HEM V . 30.60 38.94 -19.57
C1C HEM V . 25.46 37.66 -21.92
C2C HEM V . 24.58 38.64 -22.51
C3C HEM V . 23.45 37.99 -22.88
C4C HEM V . 23.60 36.58 -22.55
CMC HEM V . 24.91 40.13 -22.64
CAC HEM V . 22.21 38.59 -23.56
CBC HEM V . 22.15 39.88 -23.90
C1D HEM V . 22.79 34.26 -22.40
C2D HEM V . 21.78 33.23 -22.51
C3D HEM V . 22.31 32.10 -22.01
C4D HEM V . 23.66 32.38 -21.57
CMD HEM V . 20.36 33.40 -23.10
CAD HEM V . 21.63 30.72 -21.89
CBD HEM V . 21.00 30.62 -20.51
CGD HEM V . 20.07 29.45 -20.47
O1D HEM V . 20.44 28.43 -19.85
O2D HEM V . 18.97 29.53 -21.09
NA HEM V . 26.37 32.97 -20.42
NB HEM V . 27.29 35.70 -20.63
NC HEM V . 24.85 36.42 -21.97
ND HEM V . 23.92 33.70 -21.82
FE HEM V . 25.61 34.71 -21.21
C02 VXV W . 23.42 48.54 -30.38
C04 VXV W . 22.06 48.49 -32.07
C05 VXV W . 23.33 48.98 -32.65
C06 VXV W . 23.77 49.36 -33.93
C19 VXV W . 25.09 49.79 -34.10
C20 VXV W . 25.98 49.82 -33.01
C21 VXV W . 25.52 49.44 -31.72
C22 VXV W . 24.21 49.03 -31.54
N03 VXV W . 22.16 48.25 -30.72
N07 VXV W . 22.90 49.34 -35.11
O01 VXV W . 23.76 48.42 -29.21
O23 VXV W . 20.98 48.29 -32.68
CHA HEM X . -14.16 -15.45 8.25
CHB HEM X . -14.06 -16.16 13.05
CHC HEM X . -18.81 -17.18 12.98
CHD HEM X . -18.91 -16.45 8.19
C1A HEM X . -13.73 -15.52 9.55
C2A HEM X . -12.38 -15.22 10.02
C3A HEM X . -12.35 -15.42 11.34
C4A HEM X . -13.67 -15.85 11.76
CMA HEM X . -11.13 -15.19 12.25
CAA HEM X . -11.22 -14.75 9.14
CBA HEM X . -11.47 -13.26 8.92
CGA HEM X . -10.33 -12.64 8.15
O1A HEM X . -9.18 -12.73 8.64
O2A HEM X . -10.57 -12.04 7.08
C1B HEM X . -15.33 -16.49 13.46
C2B HEM X . -15.76 -16.77 14.82
C3B HEM X . -17.08 -17.05 14.78
C4B HEM X . -17.53 -16.96 13.39
CMB HEM X . -14.83 -16.72 16.05
CAB HEM X . -18.01 -17.43 15.94
CBB HEM X . -17.44 -17.96 17.03
C1C HEM X . -19.25 -17.09 11.69
C2C HEM X . -20.62 -17.30 11.24
C3C HEM X . -20.63 -17.10 9.92
C4C HEM X . -19.29 -16.75 9.48
CMC HEM X . -21.79 -17.70 12.17
CAC HEM X . -21.80 -17.21 8.92
CBC HEM X . -22.98 -17.65 9.37
C1D HEM X . -17.64 -16.15 7.77
C2D HEM X . -17.20 -15.97 6.39
C3D HEM X . -15.88 -15.70 6.42
C4D HEM X . -15.45 -15.70 7.80
CMD HEM X . -18.13 -16.10 5.17
CAD HEM X . -14.94 -15.42 5.23
CBD HEM X . -14.35 -16.74 4.77
CGD HEM X . -13.56 -16.50 3.49
O1D HEM X . -12.33 -16.31 3.60
O2D HEM X . -14.17 -16.50 2.40
NA HEM X . -14.48 -15.90 10.65
NB HEM X . -16.43 -16.61 12.61
NC HEM X . -18.48 -16.73 10.60
ND HEM X . -16.53 -16.00 8.60
FE HEM X . -16.52 -16.32 10.64
C02 VXV Y . -17.67 -23.87 25.62
C04 VXV Y . -15.91 -24.62 26.70
C05 VXV Y . -16.81 -25.75 26.70
C06 VXV Y . -16.71 -27.07 27.21
C08 VXV Y . -15.10 -28.83 28.34
C09 VXV Y . -13.61 -28.80 28.89
C10 VXV Y . -12.50 -28.42 27.88
C11 VXV Y . -11.01 -28.33 28.39
C19 VXV Y . -17.79 -27.95 27.07
C20 VXV Y . -18.95 -27.50 26.38
C21 VXV Y . -19.03 -26.17 25.85
C22 VXV Y . -17.97 -25.29 26.01
N03 VXV Y . -16.45 -23.51 26.06
N07 VXV Y . -15.50 -27.50 27.94
O01 VXV Y . -18.34 -23.03 25.01
O23 VXV Y . -14.77 -24.57 27.19
CHA HEM Z . -1.99 21.81 5.83
CHB HEM Z . -1.10 26.51 6.59
CHC HEM Z . -4.50 26.52 10.05
CHD HEM Z . -5.44 21.84 9.23
C1A HEM Z . -1.47 23.08 5.70
C2A HEM Z . -0.48 23.52 4.74
C3A HEM Z . -0.24 24.83 4.94
C4A HEM Z . -1.04 25.24 6.07
CMA HEM Z . 0.74 25.74 4.19
CAA HEM Z . 0.17 22.62 3.66
CBA HEM Z . -0.90 22.26 2.62
CGA HEM Z . -0.23 21.75 1.36
O1A HEM Z . 0.66 22.44 0.82
O2A HEM Z . -0.60 20.66 0.88
C1B HEM Z . -1.94 26.93 7.59
C2B HEM Z . -1.98 28.25 8.18
C3B HEM Z . -2.94 28.23 9.13
C4B HEM Z . -3.53 26.91 9.17
CMB HEM Z . -1.10 29.45 7.73
CAB HEM Z . -3.41 29.34 10.07
CBB HEM Z . -2.52 30.27 10.46
C1C HEM Z . -5.05 25.27 10.16
C2C HEM Z . -6.12 24.87 11.05
C3C HEM Z . -6.37 23.56 10.81
C4C HEM Z . -5.48 23.12 9.76
CMC HEM Z . -6.82 25.79 12.08
CAC HEM Z . -7.39 22.65 11.50
CBC HEM Z . -8.25 23.19 12.37
C1D HEM Z . -4.59 21.40 8.25
C2D HEM Z . -4.45 20.03 7.75
C3D HEM Z . -3.50 20.04 6.81
C4D HEM Z . -2.97 21.39 6.70
CMD HEM Z . -5.27 18.82 8.20
CAD HEM Z . -3.01 18.82 6.00
CBD HEM Z . -1.77 18.25 6.69
CGD HEM Z . -1.26 17.07 5.89
O1D HEM Z . -0.38 17.27 5.03
O2D HEM Z . -1.78 15.95 6.10
NA HEM Z . -1.79 24.17 6.48
NB HEM Z . -2.88 26.13 8.22
NC HEM Z . -4.71 24.19 9.39
ND HEM Z . -3.68 22.20 7.59
FE HEM Z . -3.26 24.15 7.97
C02 VXV AA . -17.34 27.81 16.39
C04 VXV AA . -19.10 26.53 16.37
C05 VXV AA . -19.63 27.83 16.04
C06 VXV AA . -20.90 28.30 15.76
C08 VXV AA . -23.46 27.66 15.65
C09 VXV AA . -24.25 26.32 15.43
C10 VXV AA . -23.56 25.39 14.45
C11 VXV AA . -24.04 23.96 14.30
C12 VXV AA . -23.16 22.92 14.50
C13 VXV AA . -23.60 21.62 14.35
C15 VXV AA . -24.89 21.29 13.96
C16 VXV AA . -25.69 22.35 13.75
C18 VXV AA . -25.33 23.66 13.91
C19 VXV AA . -21.07 29.67 15.50
C20 VXV AA . -19.95 30.56 15.50
C21 VXV AA . -18.64 30.05 15.80
C22 VXV AA . -18.49 28.69 16.06
N03 VXV AA . -17.75 26.55 16.57
N07 VXV AA . -22.03 27.38 15.75
O01 VXV AA . -16.15 28.07 16.51
O17 VXV AA . -27.04 22.14 13.35
O23 VXV AA . -19.72 25.45 16.47
CL14 VXV AA . -22.48 20.35 14.63
CHA HEM BA . -11.55 22.20 -31.82
CHB HEM BA . -13.16 23.32 -36.25
CHC HEM BA . -15.76 26.92 -34.26
CHD HEM BA . -14.11 25.82 -29.84
C1A HEM BA . -11.78 22.15 -33.18
C2A HEM BA . -11.28 21.16 -34.09
C3A HEM BA . -11.72 21.45 -35.32
C4A HEM BA . -12.51 22.66 -35.23
CMA HEM BA . -11.46 20.65 -36.63
CAA HEM BA . -10.41 19.95 -33.66
CBA HEM BA . -11.32 18.72 -33.61
CGA HEM BA . -10.46 17.49 -33.48
O1A HEM BA . -10.35 16.71 -34.46
O2A HEM BA . -9.87 17.32 -32.39
C1B HEM BA . -14.01 24.41 -36.11
C2B HEM BA . -14.73 25.12 -37.15
C3B HEM BA . -15.44 26.10 -36.59
C4B HEM BA . -15.20 26.06 -35.17
CMB HEM BA . -14.67 24.76 -38.64
CAB HEM BA . -16.33 27.14 -37.28
CBB HEM BA . -16.06 27.46 -38.54
C1C HEM BA . -15.56 26.93 -32.90
C2C HEM BA . -16.18 27.83 -31.96
C3C HEM BA . -15.71 27.55 -30.74
C4C HEM BA . -14.78 26.43 -30.87
CMC HEM BA . -17.16 28.94 -32.41
CAC HEM BA . -16.06 28.22 -29.42
CBC HEM BA . -17.13 29.02 -29.35
C1D HEM BA . -13.24 24.74 -29.97
C2D HEM BA . -12.44 24.13 -28.92
C3D HEM BA . -11.76 23.12 -29.50
C4D HEM BA . -12.07 23.08 -30.91
CMD HEM BA . -12.44 24.54 -27.44
CAD HEM BA . -10.77 22.16 -28.82
CBD HEM BA . -9.41 22.82 -28.83
CGD HEM BA . -8.53 22.05 -27.89
O1D HEM BA . -7.92 21.08 -28.37
O2D HEM BA . -8.49 22.39 -26.67
NA HEM BA . -12.53 23.05 -33.90
NB HEM BA . -14.32 25.03 -34.92
NC HEM BA . -14.73 26.07 -32.19
ND HEM BA . -12.98 24.08 -31.15
FE HEM BA . -13.67 24.55 -33.02
C02 VXV CA . -26.77 34.13 -28.22
C04 VXV CA . -27.52 34.08 -26.16
C05 VXV CA . -28.70 33.90 -26.97
C06 VXV CA . -30.03 33.71 -26.69
C08 VXV CA . -31.77 33.21 -24.74
C09 VXV CA . -31.71 33.13 -23.20
C10 VXV CA . -30.66 32.16 -22.60
C19 VXV CA . -30.95 33.57 -27.74
C20 VXV CA . -30.50 33.60 -29.08
C21 VXV CA . -29.11 33.79 -29.37
C22 VXV CA . -28.23 33.93 -28.33
N03 VXV CA . -26.43 34.19 -26.95
N07 VXV CA . -30.49 33.70 -25.29
O01 VXV CA . -25.89 34.21 -29.07
O23 VXV CA . -27.41 34.11 -24.91
C02 VXV DA . -16.70 33.52 -46.90
C04 VXV DA . -15.63 33.16 -48.79
C05 VXV DA . -15.58 34.60 -48.60
C06 VXV DA . -15.00 35.66 -49.32
C08 VXV DA . -13.19 36.21 -51.17
C09 VXV DA . -12.35 35.35 -52.23
C10 VXV DA . -11.58 34.08 -51.71
C11 VXV DA . -10.76 33.28 -52.76
C19 VXV DA . -15.16 36.96 -48.82
C20 VXV DA . -15.84 37.20 -47.61
C21 VXV DA . -16.41 36.11 -46.88
C22 VXV DA . -16.27 34.83 -47.38
N03 VXV DA . -16.32 32.54 -47.76
N07 VXV DA . -14.30 35.43 -50.60
O01 VXV DA . -17.33 33.21 -45.90
O23 VXV DA . -15.15 32.48 -49.72
C02 VXV EA . 1.25 38.34 15.76
C04 VXV EA . 3.22 39.31 15.48
C05 VXV EA . 3.10 39.18 16.92
C06 VXV EA . 3.91 39.54 17.99
C08 VXV EA . 6.21 40.46 18.74
C09 VXV EA . 7.55 40.83 18.04
C10 VXV EA . 8.14 39.69 17.26
C11 VXV EA . 9.06 40.01 16.11
C12 VXV EA . 8.63 39.80 14.82
C13 VXV EA . 9.52 40.07 13.78
C15 VXV EA . 10.81 40.55 13.97
C16 VXV EA . 11.16 40.72 15.24
C18 VXV EA . 10.35 40.47 16.33
C19 VXV EA . 3.49 39.27 19.29
C20 VXV EA . 2.23 38.66 19.52
C21 VXV EA . 1.40 38.32 18.41
C22 VXV EA . 1.82 38.57 17.12
N03 VXV EA . 2.09 38.79 14.82
N07 VXV EA . 5.19 40.16 17.76
O01 VXV EA . 0.18 37.85 15.42
O17 VXV EA . 12.47 41.18 15.49
O23 VXV EA . 4.18 39.77 14.86
CL14 VXV EA . 9.04 39.84 12.18
CHA HEM FA . 0.30 -42.06 -16.08
CHB HEM FA . -2.70 -44.38 -13.07
CHC HEM FA . -1.96 -48.53 -15.51
CHD HEM FA . 1.03 -46.15 -18.57
C1A HEM FA . -0.59 -42.31 -15.08
C2A HEM FA . -1.14 -41.33 -14.18
C3A HEM FA . -1.97 -41.95 -13.34
C4A HEM FA . -1.99 -43.37 -13.68
CMA HEM FA . -2.78 -41.29 -12.21
CAA HEM FA . -0.78 -39.83 -14.21
CBA HEM FA . -1.88 -39.06 -14.94
CGA HEM FA . -1.60 -37.59 -14.82
O1A HEM FA . -2.55 -36.82 -14.58
O2A HEM FA . -0.40 -37.19 -14.94
C1B HEM FA . -2.75 -45.70 -13.47
C2B HEM FA . -3.50 -46.75 -12.80
C3B HEM FA . -3.30 -47.90 -13.47
C4B HEM FA . -2.42 -47.62 -14.58
CMB HEM FA . -4.35 -46.48 -11.55
CAB HEM FA . -3.86 -49.31 -13.18
CBB HEM FA . -4.37 -49.62 -11.98
C1C HEM FA . -1.08 -48.25 -16.55
C2C HEM FA . -0.59 -49.21 -17.52
C3C HEM FA . 0.23 -48.55 -18.36
C4C HEM FA . 0.29 -47.15 -17.95
CMC HEM FA . -1.00 -50.70 -17.52
CAC HEM FA . 1.03 -49.06 -19.58
CBC HEM FA . 1.17 -50.37 -19.82
C1D HEM FA . 1.13 -44.84 -18.15
C2D HEM FA . 1.98 -43.80 -18.72
C3D HEM FA . 1.77 -42.67 -18.02
C4D HEM FA . 0.79 -42.96 -17.00
CMD HEM FA . 2.93 -43.97 -19.90
CAD HEM FA . 2.43 -41.29 -18.24
CBD HEM FA . 3.58 -41.14 -17.27
CGD HEM FA . 4.38 -39.89 -17.59
O1D HEM FA . 4.58 -39.06 -16.67
O2D HEM FA . 4.82 -39.73 -18.76
NA HEM FA . -1.14 -43.55 -14.76
NB HEM FA . -2.11 -46.27 -14.54
NC HEM FA . -0.52 -47.02 -16.84
ND HEM FA . 0.44 -44.29 -17.10
FE HEM FA . -0.84 -45.30 -15.81
C02 VXV GA . -3.51 -58.89 -25.37
C04 VXV GA . -3.10 -58.85 -27.53
C05 VXV GA . -4.44 -59.35 -27.45
C06 VXV GA . -5.41 -59.75 -28.41
C08 VXV GA . -5.98 -60.10 -30.92
C09 VXV GA . -5.27 -59.79 -32.30
C19 VXV GA . -6.65 -60.22 -27.98
C20 VXV GA . -6.96 -60.25 -26.59
C21 VXV GA . -5.98 -59.85 -25.62
C22 VXV GA . -4.73 -59.39 -26.06
N03 VXV GA . -2.57 -58.58 -26.29
N07 VXV GA . -5.10 -59.74 -29.83
O01 VXV GA . -3.28 -58.73 -24.18
O23 VXV GA . -2.42 -58.64 -28.54
#